data_3IHG
#
_entry.id   3IHG
#
_cell.length_a   183.035
_cell.length_b   183.035
_cell.length_c   99.639
_cell.angle_alpha   90.00
_cell.angle_beta   90.00
_cell.angle_gamma   120.00
#
_symmetry.space_group_name_H-M   'P 63'
#
loop_
_entity.id
_entity.type
_entity.pdbx_description
1 polymer RdmE
2 non-polymer 'FLAVIN-ADENINE DINUCLEOTIDE'
3 non-polymer 'methyl (1R,2R,4S)-2-ethyl-2,4,5,7-tetrahydroxy-6,11-dioxo-1,2,3,4,6,11-hexahydrotetracene-1-carboxylate'
4 non-polymer 'SULFATE ION'
5 water water
#
_entity_poly.entity_id   1
_entity_poly.type   'polypeptide(L)'
_entity_poly.pdbx_seq_one_letter_code
;MNDHEVDVLVVGAGLGGLSTAMFLARQGVRVLVVERRPGLSPYPRAAGQNPRTMELLRIGGVADEVVRADDIRGTQGDFV
IRLAESVRGEILRTVSESFDDMVAATEPCTPAGWAMLSQDKLEPILLAQARKHGGAIRFGTRLLSFRQHDDDAGAGVTAR
LAGPDGEYDLRAGYLVGADGNRSLVRESLGIGRYGHGTLTHMVGVIFDADLSGIMEPGTTGWYYLHHPEFKGTFGPTDRP
DRHTLFVEYDPDEGERPEDFTPQRCVELIGLALDAPEVKPELVDIQGWEMAARIAERWREGRVFLAGDAAKVTPPTGGMS
GNAAVADGFDLAWKLAAVLQGQAGAGLLDTYEDERKVAAELVVAEALAIYAQRMAPHMAEVWDKSVGYPETLLGFRYRSS
AVLATDDDPARVENPLTPSGRPGFRGPHVLVSRHGERLSTVDLFGDGWTLLAGELGADWVAAAEAVSAELGVPVRAYRVG
AGLTDPESAVSERYGIGKAGASLVRPDGIVAWRTDEAAADAAQTLEGVLRRVLDR
;
_entity_poly.pdbx_strand_id   A,B,C
#
# COMPACT_ATOMS: atom_id res chain seq x y z
N MET A 1 31.36 45.84 -40.28
CA MET A 1 30.97 45.40 -38.91
C MET A 1 32.12 45.11 -37.95
N ASN A 2 31.79 45.12 -36.66
CA ASN A 2 32.78 44.99 -35.61
C ASN A 2 33.12 43.53 -35.35
N ASP A 3 34.42 43.30 -35.14
CA ASP A 3 34.95 42.03 -34.71
C ASP A 3 34.30 41.81 -33.36
N HIS A 4 33.77 40.62 -33.06
CA HIS A 4 33.53 40.33 -31.63
C HIS A 4 34.76 40.68 -30.80
N GLU A 5 34.51 40.99 -29.55
CA GLU A 5 35.56 41.41 -28.65
C GLU A 5 36.18 40.22 -28.01
N VAL A 6 35.41 39.14 -27.94
CA VAL A 6 35.82 37.87 -27.41
C VAL A 6 35.03 36.80 -28.17
N ASP A 7 35.64 35.64 -28.42
CA ASP A 7 34.98 34.51 -29.12
C ASP A 7 33.95 33.85 -28.21
N VAL A 8 34.31 33.60 -26.95
CA VAL A 8 33.40 33.02 -25.97
C VAL A 8 33.42 33.82 -24.70
N LEU A 9 32.22 34.11 -24.20
CA LEU A 9 32.11 34.63 -22.85
C LEU A 9 31.53 33.56 -21.92
N VAL A 10 32.26 33.24 -20.83
CA VAL A 10 31.91 32.14 -19.95
C VAL A 10 31.50 32.83 -18.68
N VAL A 11 30.37 32.44 -18.12
CA VAL A 11 29.77 33.15 -16.98
C VAL A 11 29.77 32.27 -15.73
N GLY A 12 30.54 32.62 -14.70
CA GLY A 12 30.77 31.69 -13.60
C GLY A 12 32.15 31.02 -13.59
N ALA A 13 32.76 30.98 -12.40
CA ALA A 13 34.16 30.53 -12.28
C ALA A 13 34.15 29.40 -11.31
N GLY A 14 33.15 28.54 -11.44
CA GLY A 14 33.12 27.31 -10.69
C GLY A 14 33.79 26.31 -11.61
N LEU A 15 33.60 25.04 -11.34
CA LEU A 15 34.33 24.07 -12.14
C LEU A 15 33.81 24.03 -13.55
N GLY A 16 32.51 24.19 -13.75
CA GLY A 16 32.01 24.15 -15.12
C GLY A 16 32.54 25.25 -16.02
N GLY A 17 32.63 26.48 -15.50
CA GLY A 17 33.15 27.64 -16.23
C GLY A 17 34.65 27.59 -16.45
N LEU A 18 35.39 27.16 -15.44
CA LEU A 18 36.86 27.18 -15.53
C LEU A 18 37.37 26.03 -16.42
N SER A 19 36.66 24.93 -16.39
CA SER A 19 36.86 23.88 -17.35
C SER A 19 36.66 24.37 -18.78
N THR A 20 35.50 24.99 -19.06
CA THR A 20 35.17 25.43 -20.42
C THR A 20 36.22 26.39 -20.87
N ALA A 21 36.60 27.32 -20.00
CA ALA A 21 37.64 28.26 -20.36
C ALA A 21 39.04 27.64 -20.58
N MET A 22 39.49 26.78 -19.67
CA MET A 22 40.83 26.16 -19.81
C MET A 22 40.86 25.38 -21.14
N PHE A 23 39.84 24.58 -21.40
CA PHE A 23 39.90 23.84 -22.67
C PHE A 23 39.67 24.68 -23.93
N LEU A 24 39.01 25.84 -23.83
CA LEU A 24 38.88 26.74 -24.99
C LEU A 24 40.21 27.46 -25.26
N ALA A 25 40.82 27.97 -24.20
CA ALA A 25 42.02 28.70 -24.35
C ALA A 25 43.13 27.81 -24.90
N ARG A 26 43.21 26.56 -24.49
CA ARG A 26 44.22 25.65 -25.02
C ARG A 26 44.17 25.49 -26.55
N GLN A 27 42.99 25.79 -27.10
CA GLN A 27 42.70 25.62 -28.49
C GLN A 27 42.85 26.95 -29.26
N GLY A 28 43.27 27.98 -28.54
CA GLY A 28 43.57 29.25 -29.17
C GLY A 28 42.37 30.16 -29.28
N VAL A 29 41.31 29.83 -28.56
CA VAL A 29 40.08 30.59 -28.56
C VAL A 29 40.21 31.78 -27.58
N ARG A 30 39.80 32.98 -27.97
CA ARG A 30 39.70 34.14 -27.06
C ARG A 30 38.49 33.99 -26.14
N VAL A 31 38.72 33.73 -24.86
CA VAL A 31 37.65 33.43 -23.94
C VAL A 31 37.82 34.29 -22.67
N LEU A 32 36.71 34.84 -22.15
CA LEU A 32 36.76 35.71 -21.01
C LEU A 32 35.79 35.07 -20.00
N VAL A 33 36.28 34.77 -18.78
CA VAL A 33 35.38 34.35 -17.69
C VAL A 33 34.92 35.58 -16.88
N VAL A 34 33.64 35.66 -16.51
CA VAL A 34 33.36 36.69 -15.58
C VAL A 34 32.79 36.09 -14.37
N GLU A 35 33.02 36.69 -13.21
CA GLU A 35 32.64 36.03 -11.98
C GLU A 35 32.19 37.09 -11.09
N ARG A 36 30.98 36.95 -10.54
CA ARG A 36 30.47 38.02 -9.67
C ARG A 36 31.26 38.19 -8.40
N ARG A 37 31.84 37.11 -7.91
CA ARG A 37 32.62 37.16 -6.69
C ARG A 37 33.96 37.86 -6.87
N PRO A 38 34.48 38.46 -5.80
CA PRO A 38 35.78 39.13 -5.80
C PRO A 38 36.98 38.19 -5.88
N GLY A 39 36.74 36.89 -5.73
CA GLY A 39 37.77 35.91 -5.97
C GLY A 39 37.28 34.48 -5.85
N LEU A 40 38.11 33.51 -6.27
CA LEU A 40 37.72 32.09 -6.15
C LEU A 40 37.49 31.70 -4.69
N SER A 41 36.47 30.88 -4.42
CA SER A 41 36.12 30.45 -3.08
C SER A 41 37.18 29.50 -2.58
N PRO A 42 37.54 29.61 -1.30
CA PRO A 42 38.50 28.71 -0.63
C PRO A 42 37.76 27.44 -0.08
N TYR A 43 36.43 27.46 -0.11
CA TYR A 43 35.64 26.33 0.41
C TYR A 43 35.79 25.12 -0.50
N PRO A 44 35.95 23.92 0.11
CA PRO A 44 36.14 22.64 -0.51
C PRO A 44 35.06 22.22 -1.47
N ARG A 45 33.80 22.37 -1.09
CA ARG A 45 32.74 22.01 -2.04
C ARG A 45 33.04 20.61 -2.63
N ALA A 46 33.13 20.47 -3.96
CA ALA A 46 33.22 19.14 -4.63
C ALA A 46 34.64 18.60 -4.66
N ALA A 47 34.85 17.38 -4.19
CA ALA A 47 36.20 16.89 -4.07
C ALA A 47 36.31 15.61 -4.77
N GLY A 48 37.51 15.34 -5.24
CA GLY A 48 37.81 14.10 -5.89
C GLY A 48 37.62 14.23 -7.38
N GLN A 49 38.57 13.66 -8.12
CA GLN A 49 38.55 13.57 -9.56
C GLN A 49 38.52 12.11 -10.00
N ASN A 50 37.50 11.76 -10.74
CA ASN A 50 37.34 10.39 -11.14
C ASN A 50 38.19 10.08 -12.38
N PRO A 51 38.25 8.79 -12.75
CA PRO A 51 39.14 8.49 -13.85
C PRO A 51 38.74 9.09 -15.17
N ARG A 52 37.48 9.36 -15.40
CA ARG A 52 37.10 10.06 -16.63
C ARG A 52 37.55 11.50 -16.60
N THR A 53 37.38 12.16 -15.46
CA THR A 53 37.89 13.52 -15.29
C THR A 53 39.37 13.57 -15.50
N MET A 54 40.08 12.59 -14.94
CA MET A 54 41.52 12.49 -15.03
C MET A 54 42.00 12.31 -16.43
N GLU A 55 41.22 11.61 -17.25
CA GLU A 55 41.53 11.42 -18.70
C GLU A 55 41.51 12.77 -19.46
N LEU A 56 40.57 13.62 -19.09
CA LEU A 56 40.43 14.94 -19.70
C LEU A 56 41.44 15.90 -19.10
N LEU A 57 41.65 15.86 -17.77
CA LEU A 57 42.72 16.65 -17.19
C LEU A 57 44.11 16.27 -17.79
N ARG A 58 44.27 15.02 -18.18
CA ARG A 58 45.46 14.62 -18.85
C ARG A 58 45.56 15.30 -20.22
N ILE A 59 44.50 15.17 -21.03
CA ILE A 59 44.42 15.84 -22.35
C ILE A 59 44.79 17.30 -22.22
N GLY A 60 44.29 17.93 -21.15
CA GLY A 60 44.42 19.37 -20.91
C GLY A 60 45.75 19.81 -20.41
N GLY A 61 46.65 18.84 -20.16
CA GLY A 61 48.03 19.10 -19.70
C GLY A 61 48.18 19.54 -18.25
N VAL A 62 47.17 19.31 -17.42
CA VAL A 62 47.23 19.71 -15.99
C VAL A 62 47.32 18.48 -15.05
N ALA A 63 47.39 17.28 -15.62
CA ALA A 63 47.37 16.08 -14.84
C ALA A 63 48.55 15.98 -13.85
N ASP A 64 49.74 16.33 -14.30
CA ASP A 64 50.89 16.36 -13.38
C ASP A 64 50.83 17.38 -12.23
N GLU A 65 50.27 18.57 -12.47
CA GLU A 65 50.02 19.49 -11.33
C GLU A 65 48.95 19.00 -10.43
N VAL A 66 47.94 18.35 -10.99
CA VAL A 66 46.86 17.81 -10.18
C VAL A 66 47.37 16.73 -9.21
N VAL A 67 48.24 15.87 -9.72
CA VAL A 67 48.80 14.82 -8.92
C VAL A 67 49.76 15.34 -7.83
N ARG A 68 50.45 16.45 -8.10
CA ARG A 68 51.38 17.02 -7.11
C ARG A 68 50.72 17.83 -6.02
N ALA A 69 49.49 18.26 -6.26
CA ALA A 69 48.83 19.21 -5.38
C ALA A 69 48.31 18.48 -4.15
N ASP A 70 47.97 19.26 -3.12
CA ASP A 70 47.43 18.70 -1.88
C ASP A 70 46.05 18.10 -2.08
N ASP A 71 45.88 16.86 -1.57
CA ASP A 71 44.65 16.13 -1.77
C ASP A 71 43.96 15.99 -0.45
N ILE A 72 42.87 15.23 -0.41
CA ILE A 72 42.17 15.15 0.84
C ILE A 72 42.46 13.90 1.62
N ARG A 73 43.26 12.97 1.06
CA ARG A 73 43.62 11.73 1.76
C ARG A 73 44.40 12.00 3.01
N GLY A 74 44.40 11.04 3.93
CA GLY A 74 45.19 11.16 5.18
C GLY A 74 46.70 11.12 4.97
N THR A 75 47.45 11.27 6.06
CA THR A 75 48.93 11.24 6.00
C THR A 75 49.49 9.86 5.61
N GLN A 76 48.70 8.82 5.75
CA GLN A 76 49.11 7.53 5.25
C GLN A 76 48.65 7.32 3.82
N GLY A 77 48.25 8.42 3.18
CA GLY A 77 47.82 8.39 1.78
C GLY A 77 46.65 7.47 1.50
N ASP A 78 45.73 7.38 2.44
CA ASP A 78 44.62 6.49 2.23
C ASP A 78 43.28 7.16 2.52
N PHE A 79 42.21 6.49 2.13
CA PHE A 79 40.88 7.05 2.13
C PHE A 79 39.93 5.89 2.15
N VAL A 80 38.97 5.93 3.06
CA VAL A 80 38.03 4.84 3.25
C VAL A 80 36.64 5.40 3.05
N ILE A 81 35.69 4.58 2.56
CA ILE A 81 34.29 4.99 2.48
C ILE A 81 33.35 4.05 3.21
N ARG A 82 32.57 4.56 4.14
CA ARG A 82 31.84 3.67 5.03
C ARG A 82 30.47 4.19 5.42
N LEU A 83 29.53 3.25 5.68
CA LEU A 83 28.33 3.51 6.49
C LEU A 83 28.58 3.08 7.94
N ALA A 84 28.41 4.02 8.85
CA ALA A 84 28.55 3.75 10.26
C ALA A 84 27.54 4.58 11.05
N GLU A 85 27.40 4.27 12.35
CA GLU A 85 26.43 4.97 13.21
C GLU A 85 27.10 6.24 13.72
N SER A 86 28.41 6.18 13.85
CA SER A 86 29.17 7.29 14.29
C SER A 86 30.50 7.07 13.66
N VAL A 87 31.28 8.15 13.58
CA VAL A 87 32.53 8.12 12.83
C VAL A 87 33.43 7.12 13.52
N ARG A 88 33.79 7.39 14.78
CA ARG A 88 34.76 6.55 15.50
C ARG A 88 33.95 5.45 16.16
N GLY A 89 33.62 4.40 15.40
CA GLY A 89 32.60 3.52 15.85
C GLY A 89 32.48 2.32 14.97
N GLU A 90 31.34 1.67 15.03
CA GLU A 90 31.24 0.39 14.39
C GLU A 90 30.55 0.43 13.02
N ILE A 91 31.24 -0.16 12.06
CA ILE A 91 30.95 -0.06 10.63
C ILE A 91 29.71 -0.85 10.21
N LEU A 92 28.67 -0.16 9.76
CA LEU A 92 27.51 -0.85 9.16
C LEU A 92 27.79 -1.58 7.80
N ARG A 93 28.56 -0.93 6.92
CA ARG A 93 28.94 -1.51 5.63
C ARG A 93 30.13 -0.69 5.14
N THR A 94 31.10 -1.34 4.52
CA THR A 94 32.22 -0.66 3.91
C THR A 94 32.06 -0.58 2.40
N VAL A 95 31.96 0.63 1.86
CA VAL A 95 31.84 0.85 0.41
C VAL A 95 33.20 0.65 -0.26
N SER A 96 34.18 1.44 0.18
CA SER A 96 35.58 1.27 -0.22
C SER A 96 36.52 1.07 0.96
N GLU A 97 37.25 -0.04 0.92
CA GLU A 97 38.14 -0.45 2.00
C GLU A 97 39.40 0.40 2.09
N SER A 98 39.91 0.82 0.96
CA SER A 98 41.08 1.71 0.88
C SER A 98 41.08 2.55 -0.43
N PHE A 99 42.10 3.37 -0.61
CA PHE A 99 42.26 4.19 -1.82
C PHE A 99 42.83 3.35 -2.95
N ASP A 100 43.84 2.54 -2.64
CA ASP A 100 44.52 1.72 -3.65
C ASP A 100 43.51 0.84 -4.34
N ASP A 101 42.48 0.43 -3.58
CA ASP A 101 41.38 -0.44 -4.00
C ASP A 101 40.30 0.29 -4.76
N MET A 102 40.16 1.59 -4.49
CA MET A 102 39.21 2.43 -5.21
C MET A 102 39.70 2.55 -6.64
N VAL A 103 40.99 2.85 -6.80
CA VAL A 103 41.65 2.93 -8.11
C VAL A 103 41.62 1.57 -8.78
N ALA A 104 41.88 0.51 -8.02
CA ALA A 104 41.96 -0.86 -8.57
C ALA A 104 40.70 -1.26 -9.29
N ALA A 105 39.57 -0.74 -8.79
CA ALA A 105 38.24 -1.12 -9.25
C ALA A 105 38.04 -0.86 -10.75
N THR A 106 38.68 0.18 -11.30
CA THR A 106 38.52 0.58 -12.70
C THR A 106 39.79 0.61 -13.53
N GLU A 107 40.92 0.35 -12.88
CA GLU A 107 42.23 0.23 -13.52
C GLU A 107 42.26 -0.59 -14.81
N PRO A 108 41.51 -1.69 -14.89
CA PRO A 108 41.60 -2.33 -16.21
C PRO A 108 40.87 -1.65 -17.34
N CYS A 109 40.10 -0.59 -17.08
CA CYS A 109 39.48 0.09 -18.21
C CYS A 109 39.97 1.50 -18.37
N THR A 110 41.03 1.85 -17.65
CA THR A 110 41.66 3.17 -17.80
C THR A 110 43.03 3.30 -17.14
N PRO A 111 43.92 4.06 -17.77
CA PRO A 111 45.25 4.33 -17.25
C PRO A 111 45.24 5.49 -16.26
N ALA A 112 44.23 6.34 -16.35
CA ALA A 112 44.02 7.44 -15.38
C ALA A 112 43.55 6.81 -14.02
N GLY A 113 43.63 7.55 -12.95
CA GLY A 113 43.13 6.95 -11.74
C GLY A 113 42.29 7.99 -11.14
N TRP A 114 42.42 8.12 -9.85
CA TRP A 114 41.73 9.13 -9.09
C TRP A 114 42.74 10.23 -8.66
N ALA A 115 42.22 11.41 -8.50
CA ALA A 115 42.87 12.44 -7.72
C ALA A 115 41.89 12.81 -6.63
N MET A 116 42.38 13.50 -5.62
CA MET A 116 41.53 13.79 -4.49
C MET A 116 41.57 15.27 -4.00
N LEU A 117 41.72 16.21 -4.92
CA LEU A 117 41.71 17.62 -4.51
C LEU A 117 40.30 18.10 -4.21
N SER A 118 40.19 19.03 -3.28
CA SER A 118 38.96 19.77 -3.10
C SER A 118 38.85 20.80 -4.22
N GLN A 119 37.62 21.31 -4.39
CA GLN A 119 37.36 22.30 -5.41
C GLN A 119 38.31 23.51 -5.37
N ASP A 120 38.70 23.94 -4.19
CA ASP A 120 39.49 25.16 -4.06
C ASP A 120 40.94 24.94 -4.44
N LYS A 121 41.37 23.68 -4.47
CA LYS A 121 42.66 23.36 -5.05
C LYS A 121 42.58 23.16 -6.60
N LEU A 122 41.52 22.56 -7.09
CA LEU A 122 41.47 22.28 -8.49
C LEU A 122 41.21 23.50 -9.34
N GLU A 123 40.34 24.39 -8.88
CA GLU A 123 39.99 25.60 -9.65
C GLU A 123 41.23 26.42 -9.96
N PRO A 124 42.05 26.77 -8.94
CA PRO A 124 43.32 27.49 -9.26
C PRO A 124 44.20 26.83 -10.31
N ILE A 125 44.21 25.51 -10.41
CA ILE A 125 44.98 24.90 -11.47
C ILE A 125 44.35 25.06 -12.84
N LEU A 126 43.03 24.93 -12.95
CA LEU A 126 42.33 25.27 -14.19
C LEU A 126 42.57 26.73 -14.56
N LEU A 127 42.37 27.61 -13.62
CA LEU A 127 42.39 29.01 -14.00
C LEU A 127 43.75 29.38 -14.51
N ALA A 128 44.80 28.93 -13.82
CA ALA A 128 46.20 29.15 -14.24
C ALA A 128 46.52 28.67 -15.64
N GLN A 129 45.95 27.54 -16.06
CA GLN A 129 46.27 26.91 -17.34
C GLN A 129 45.49 27.59 -18.48
N ALA A 130 44.29 28.08 -18.15
CA ALA A 130 43.54 28.90 -19.04
C ALA A 130 44.37 30.13 -19.33
N ARG A 131 44.94 30.72 -18.27
CA ARG A 131 45.60 32.01 -18.44
C ARG A 131 46.88 31.84 -19.22
N LYS A 132 47.56 30.71 -19.00
CA LYS A 132 48.83 30.44 -19.68
C LYS A 132 48.55 30.28 -21.15
N HIS A 133 47.39 29.71 -21.51
CA HIS A 133 46.98 29.65 -22.91
C HIS A 133 46.21 30.84 -23.50
N GLY A 134 46.15 31.94 -22.73
CA GLY A 134 45.64 33.21 -23.24
C GLY A 134 44.25 33.62 -22.79
N GLY A 135 43.60 32.77 -22.00
CA GLY A 135 42.35 33.10 -21.37
C GLY A 135 42.48 34.17 -20.30
N ALA A 136 41.36 34.72 -19.86
CA ALA A 136 41.35 35.89 -19.03
C ALA A 136 40.15 35.78 -18.17
N ILE A 137 40.16 36.50 -17.05
CA ILE A 137 39.08 36.43 -16.11
C ILE A 137 38.83 37.74 -15.46
N ARG A 138 37.57 38.05 -15.17
CA ARG A 138 37.32 39.31 -14.51
C ARG A 138 36.48 39.04 -13.28
N PHE A 139 37.04 39.28 -12.11
CA PHE A 139 36.28 39.14 -10.90
C PHE A 139 35.37 40.34 -10.60
N GLY A 140 34.47 40.16 -9.64
CA GLY A 140 33.60 41.27 -9.19
C GLY A 140 32.71 41.79 -10.31
N THR A 141 32.51 40.94 -11.32
CA THR A 141 31.80 41.26 -12.53
C THR A 141 30.55 40.39 -12.72
N ARG A 142 29.42 41.04 -12.86
CA ARG A 142 28.18 40.29 -12.86
C ARG A 142 27.44 40.54 -14.15
N LEU A 143 26.94 39.47 -14.76
CA LEU A 143 26.11 39.54 -15.95
C LEU A 143 24.71 40.07 -15.58
N LEU A 144 24.28 41.18 -16.19
CA LEU A 144 22.93 41.68 -15.97
C LEU A 144 21.92 41.10 -16.96
N SER A 145 22.27 41.06 -18.26
CA SER A 145 21.42 40.53 -19.35
C SER A 145 22.15 40.41 -20.69
N PHE A 146 21.50 39.83 -21.67
CA PHE A 146 22.12 39.69 -22.97
C PHE A 146 21.09 39.70 -24.06
N ARG A 147 21.52 40.07 -25.27
CA ARG A 147 20.69 40.04 -26.47
CA ARG A 147 20.68 40.01 -26.46
C ARG A 147 21.36 39.12 -27.50
N GLN A 148 20.59 38.45 -28.34
CA GLN A 148 21.23 37.68 -29.39
C GLN A 148 21.10 38.29 -30.75
N HIS A 149 22.04 37.98 -31.66
CA HIS A 149 22.07 38.54 -33.02
C HIS A 149 22.17 37.43 -34.09
N ASP A 150 21.15 37.35 -34.98
CA ASP A 150 21.08 36.34 -36.05
C ASP A 150 22.29 36.51 -36.92
N ASP A 151 22.63 35.46 -37.66
CA ASP A 151 23.84 35.44 -38.51
C ASP A 151 23.95 36.68 -39.49
N ASP A 152 22.88 37.08 -40.15
CA ASP A 152 22.92 38.30 -40.99
C ASP A 152 23.50 39.52 -40.32
N ALA A 153 22.97 39.81 -39.13
CA ALA A 153 23.35 40.96 -38.31
C ALA A 153 24.58 40.72 -37.39
N GLY A 154 25.19 39.53 -37.50
CA GLY A 154 26.31 39.13 -36.63
C GLY A 154 27.06 37.98 -37.30
N ALA A 155 27.03 36.77 -36.71
CA ALA A 155 26.20 36.45 -35.55
C ALA A 155 26.92 36.73 -34.22
N GLY A 156 26.16 36.75 -33.12
CA GLY A 156 26.77 36.90 -31.82
C GLY A 156 25.81 37.13 -30.66
N VAL A 157 26.37 37.53 -29.53
CA VAL A 157 25.62 37.78 -28.31
C VAL A 157 26.18 39.06 -27.67
N THR A 158 25.32 40.00 -27.32
CA THR A 158 25.79 41.17 -26.62
C THR A 158 25.35 41.00 -25.19
N ALA A 159 26.31 41.14 -24.28
CA ALA A 159 26.07 40.89 -22.89
C ALA A 159 26.36 42.15 -22.15
N ARG A 160 25.56 42.35 -21.13
CA ARG A 160 25.68 43.52 -20.31
C ARG A 160 26.23 43.05 -18.97
N LEU A 161 27.25 43.72 -18.47
CA LEU A 161 27.92 43.30 -17.24
C LEU A 161 27.94 44.40 -16.24
N ALA A 162 28.05 44.04 -14.96
CA ALA A 162 28.18 45.02 -13.90
C ALA A 162 29.49 44.77 -13.24
N GLY A 163 30.48 45.57 -13.56
CA GLY A 163 31.78 45.49 -12.93
C GLY A 163 31.90 46.56 -11.86
N PRO A 164 33.15 46.85 -11.44
CA PRO A 164 33.45 47.82 -10.39
C PRO A 164 33.32 49.25 -10.86
N ASP A 165 33.59 49.51 -12.14
CA ASP A 165 33.45 50.86 -12.63
C ASP A 165 32.04 51.06 -13.17
N GLY A 166 31.12 50.17 -12.78
CA GLY A 166 29.73 50.18 -13.29
C GLY A 166 29.49 49.34 -14.54
N GLU A 167 28.41 49.63 -15.29
CA GLU A 167 27.94 48.81 -16.38
C GLU A 167 28.62 48.99 -17.75
N TYR A 168 28.69 47.90 -18.53
CA TYR A 168 29.21 47.94 -19.91
C TYR A 168 28.78 46.74 -20.73
N ASP A 169 28.85 46.91 -22.03
CA ASP A 169 28.51 45.89 -23.00
C ASP A 169 29.76 45.17 -23.53
N LEU A 170 29.58 43.90 -23.79
CA LEU A 170 30.60 43.05 -24.35
C LEU A 170 29.99 42.14 -25.44
N ARG A 171 30.61 42.12 -26.62
CA ARG A 171 30.16 41.25 -27.73
C ARG A 171 30.96 39.96 -27.75
N ALA A 172 30.26 38.86 -27.62
CA ALA A 172 30.88 37.60 -27.81
C ALA A 172 30.24 36.86 -28.97
N GLY A 173 31.00 35.96 -29.58
CA GLY A 173 30.43 35.01 -30.54
C GLY A 173 29.55 33.98 -29.87
N TYR A 174 29.79 33.68 -28.59
CA TYR A 174 29.00 32.70 -27.82
C TYR A 174 28.94 33.11 -26.39
N LEU A 175 27.89 32.69 -25.71
CA LEU A 175 27.76 32.89 -24.27
C LEU A 175 27.50 31.57 -23.57
N VAL A 176 28.29 31.28 -22.56
CA VAL A 176 28.18 30.02 -21.88
C VAL A 176 27.76 30.36 -20.48
N GLY A 177 26.69 29.72 -20.05
CA GLY A 177 26.14 30.03 -18.75
C GLY A 177 26.59 28.91 -17.85
N ALA A 178 27.65 29.21 -17.08
CA ALA A 178 28.18 28.29 -16.11
C ALA A 178 27.94 28.93 -14.76
N ASP A 179 26.85 29.64 -14.68
CA ASP A 179 26.52 30.48 -13.52
C ASP A 179 25.65 29.80 -12.44
N GLY A 180 25.72 28.49 -12.33
CA GLY A 180 25.16 27.80 -11.17
C GLY A 180 23.73 27.34 -11.29
N ASN A 181 23.22 26.73 -10.21
CA ASN A 181 21.90 26.14 -10.19
C ASN A 181 20.76 27.18 -10.38
N ARG A 182 20.88 28.32 -9.71
CA ARG A 182 19.93 29.42 -9.89
C ARG A 182 20.35 30.28 -11.08
N SER A 183 20.50 29.69 -12.24
CA SER A 183 21.25 30.31 -13.31
C SER A 183 20.52 31.48 -13.93
N LEU A 184 21.08 32.68 -13.76
CA LEU A 184 20.56 33.83 -14.45
C LEU A 184 20.37 33.48 -15.92
N VAL A 185 21.34 32.78 -16.49
CA VAL A 185 21.25 32.49 -17.93
C VAL A 185 20.05 31.61 -18.31
N ARG A 186 19.88 30.48 -17.62
CA ARG A 186 18.84 29.50 -17.94
C ARG A 186 17.47 30.10 -17.71
N GLU A 187 17.35 30.81 -16.59
CA GLU A 187 16.10 31.43 -16.18
C GLU A 187 15.74 32.55 -17.15
N SER A 188 16.75 33.28 -17.61
CA SER A 188 16.46 34.35 -18.57
C SER A 188 15.90 33.91 -19.91
N LEU A 189 16.26 32.68 -20.32
CA LEU A 189 15.87 32.14 -21.61
C LEU A 189 14.53 31.45 -21.45
N GLY A 190 14.07 31.37 -20.20
CA GLY A 190 12.80 30.74 -19.83
C GLY A 190 12.77 29.24 -20.08
N ILE A 191 13.86 28.57 -19.71
CA ILE A 191 14.01 27.14 -19.94
C ILE A 191 13.63 26.37 -18.66
N GLY A 192 12.71 25.45 -18.76
CA GLY A 192 12.34 24.69 -17.58
C GLY A 192 13.31 23.54 -17.30
N ARG A 193 13.26 23.00 -16.10
CA ARG A 193 13.97 21.78 -15.80
C ARG A 193 12.98 20.68 -15.50
N TYR A 194 13.43 19.45 -15.62
CA TYR A 194 12.65 18.26 -15.29
C TYR A 194 13.45 17.35 -14.36
N GLY A 195 12.79 16.36 -13.78
CA GLY A 195 13.45 15.37 -12.94
C GLY A 195 12.75 15.22 -11.61
N HIS A 196 13.29 14.40 -10.72
CA HIS A 196 12.71 14.16 -9.40
C HIS A 196 12.46 15.43 -8.60
N GLY A 197 13.29 16.45 -8.76
CA GLY A 197 13.11 17.71 -8.02
C GLY A 197 13.74 17.64 -6.65
N THR A 198 13.26 18.44 -5.70
CA THR A 198 13.78 18.36 -4.35
C THR A 198 13.90 16.93 -3.87
N LEU A 199 15.08 16.62 -3.32
CA LEU A 199 15.34 15.34 -2.69
C LEU A 199 15.33 15.46 -1.17
N THR A 200 16.21 16.26 -0.59
CA THR A 200 16.32 16.36 0.85
C THR A 200 16.97 17.67 1.20
N HIS A 201 16.94 18.04 2.45
CA HIS A 201 17.68 19.23 2.88
C HIS A 201 18.64 18.85 3.99
N MET A 202 19.76 19.55 4.05
CA MET A 202 20.87 19.18 4.87
C MET A 202 21.57 20.45 5.22
N VAL A 203 22.22 20.46 6.39
CA VAL A 203 23.09 21.58 6.77
C VAL A 203 24.53 21.10 6.83
N GLY A 204 25.39 21.82 6.10
CA GLY A 204 26.81 21.60 6.08
C GLY A 204 27.49 22.48 7.11
N VAL A 205 28.48 21.90 7.77
CA VAL A 205 29.28 22.61 8.76
C VAL A 205 30.71 22.28 8.45
N ILE A 206 31.51 23.28 8.12
CA ILE A 206 32.94 23.10 7.97
C ILE A 206 33.44 23.54 9.31
N PHE A 207 34.30 22.73 9.92
CA PHE A 207 34.77 23.04 11.26
C PHE A 207 36.20 22.59 11.47
N ASP A 208 36.86 23.18 12.47
CA ASP A 208 38.25 22.86 12.81
C ASP A 208 38.28 22.13 14.15
N ALA A 209 39.08 21.07 14.23
CA ALA A 209 39.28 20.32 15.45
C ALA A 209 40.35 19.28 15.27
N ASP A 210 41.21 19.16 16.27
CA ASP A 210 42.27 18.19 16.19
C ASP A 210 41.74 16.85 16.65
N LEU A 211 41.57 15.95 15.72
CA LEU A 211 40.95 14.66 15.98
C LEU A 211 42.04 13.61 16.24
N SER A 212 43.27 14.07 16.27
CA SER A 212 44.40 13.22 16.52
C SER A 212 44.08 12.30 17.70
N GLY A 213 43.29 12.79 18.64
CA GLY A 213 43.01 12.03 19.85
C GLY A 213 41.93 10.98 19.74
N ILE A 214 40.92 11.25 18.91
CA ILE A 214 39.74 10.35 18.85
C ILE A 214 39.50 9.59 17.58
N MET A 215 40.46 9.63 16.67
CA MET A 215 40.33 8.90 15.43
C MET A 215 41.58 8.05 15.26
N GLU A 216 41.41 6.75 15.09
CA GLU A 216 42.57 5.86 14.96
C GLU A 216 43.35 6.13 13.68
N PRO A 217 44.68 6.02 13.74
CA PRO A 217 45.48 6.27 12.55
C PRO A 217 44.93 5.58 11.30
N GLY A 218 45.15 6.23 10.14
CA GLY A 218 44.70 5.75 8.80
C GLY A 218 43.21 5.67 8.61
N THR A 219 42.43 6.45 9.36
CA THR A 219 40.97 6.29 9.33
C THR A 219 40.19 7.42 8.55
N THR A 220 40.94 8.20 7.79
CA THR A 220 40.42 9.27 6.97
C THR A 220 39.55 8.72 5.86
N GLY A 221 38.36 9.30 5.70
CA GLY A 221 37.49 9.01 4.59
C GLY A 221 36.13 9.60 4.72
N TRP A 222 35.25 9.23 3.81
CA TRP A 222 33.89 9.71 3.75
C TRP A 222 32.95 8.78 4.48
N TYR A 223 32.10 9.35 5.33
CA TYR A 223 31.28 8.57 6.22
C TYR A 223 29.82 8.91 6.05
N TYR A 224 29.01 7.89 5.77
CA TYR A 224 27.60 8.03 5.84
C TYR A 224 27.06 7.65 7.22
N LEU A 225 26.51 8.63 7.92
CA LEU A 225 26.16 8.50 9.31
C LEU A 225 24.69 8.16 9.53
N HIS A 226 24.45 6.96 10.05
CA HIS A 226 23.11 6.56 10.45
C HIS A 226 23.07 6.46 11.97
N HIS A 227 22.86 7.63 12.55
CA HIS A 227 22.91 7.80 13.98
C HIS A 227 21.49 7.72 14.57
N PRO A 228 21.35 7.25 15.84
CA PRO A 228 20.00 7.30 16.43
C PRO A 228 19.39 8.69 16.29
N GLU A 229 20.17 9.74 16.58
CA GLU A 229 19.67 11.12 16.57
C GLU A 229 19.54 11.80 15.19
N PHE A 230 20.40 11.48 14.22
CA PHE A 230 20.40 12.23 12.97
C PHE A 230 20.91 11.48 11.74
N LYS A 231 20.62 12.03 10.58
CA LYS A 231 21.17 11.43 9.37
C LYS A 231 22.18 12.38 8.77
N GLY A 232 23.38 11.85 8.44
CA GLY A 232 24.37 12.69 7.78
C GLY A 232 25.58 12.06 7.09
N THR A 233 26.58 12.89 6.89
CA THR A 233 27.79 12.46 6.26
C THR A 233 28.90 13.27 6.88
N PHE A 234 30.13 12.78 6.76
CA PHE A 234 31.24 13.40 7.42
C PHE A 234 32.50 13.16 6.61
N GLY A 235 33.29 14.22 6.44
CA GLY A 235 34.40 14.22 5.51
C GLY A 235 35.63 14.95 5.95
N PRO A 236 36.79 14.55 5.40
CA PRO A 236 38.06 15.20 5.53
C PRO A 236 38.18 16.41 4.57
N THR A 237 39.19 17.24 4.77
CA THR A 237 39.69 18.17 3.76
C THR A 237 41.20 17.96 3.61
N ASP A 238 41.88 18.86 2.92
CA ASP A 238 43.32 18.73 2.71
C ASP A 238 44.14 19.27 3.90
N ARG A 239 43.47 19.77 4.91
CA ARG A 239 44.15 20.12 6.10
C ARG A 239 43.83 19.10 7.17
N PRO A 240 44.84 18.54 7.78
CA PRO A 240 44.51 17.55 8.79
C PRO A 240 43.61 18.02 9.95
N ASP A 241 43.40 19.32 10.10
CA ASP A 241 42.69 19.85 11.27
C ASP A 241 41.34 20.41 10.87
N ARG A 242 40.96 20.21 9.59
CA ARG A 242 39.68 20.74 9.07
C ARG A 242 38.78 19.66 8.47
N HIS A 243 37.51 19.66 8.86
CA HIS A 243 36.56 18.64 8.50
C HIS A 243 35.21 19.22 8.07
N THR A 244 34.39 18.42 7.38
CA THR A 244 33.02 18.79 7.05
C THR A 244 31.97 17.82 7.62
N LEU A 245 30.83 18.37 8.04
CA LEU A 245 29.76 17.55 8.53
C LEU A 245 28.44 17.98 7.93
N PHE A 246 27.61 17.02 7.51
CA PHE A 246 26.33 17.36 6.95
C PHE A 246 25.30 16.63 7.76
N VAL A 247 24.14 17.28 7.98
CA VAL A 247 23.10 16.74 8.81
C VAL A 247 21.80 17.01 8.15
N GLU A 248 21.04 15.93 7.95
CA GLU A 248 19.74 15.97 7.28
C GLU A 248 18.73 16.63 8.19
N TYR A 249 17.76 17.31 7.59
CA TYR A 249 16.66 17.87 8.37
C TYR A 249 15.37 18.01 7.56
N ASP A 250 14.23 17.87 8.25
CA ASP A 250 12.93 17.88 7.61
C ASP A 250 12.30 19.26 7.71
N PRO A 251 12.09 19.94 6.59
CA PRO A 251 11.31 21.17 6.74
C PRO A 251 9.81 20.91 6.99
N ASP A 252 9.29 19.76 6.54
CA ASP A 252 7.83 19.50 6.64
C ASP A 252 7.48 19.16 8.04
N GLU A 253 8.49 18.72 8.80
CA GLU A 253 8.38 18.51 10.24
C GLU A 253 8.65 19.81 11.02
N GLY A 254 9.01 20.88 10.33
CA GLY A 254 9.12 22.20 10.98
C GLY A 254 10.55 22.66 11.25
N GLU A 255 11.51 21.83 10.81
CA GLU A 255 12.93 22.13 11.07
C GLU A 255 13.45 23.11 10.05
N ARG A 256 14.39 23.96 10.48
CA ARG A 256 14.90 25.02 9.61
C ARG A 256 16.42 25.21 9.75
N PRO A 257 17.08 25.82 8.76
CA PRO A 257 18.52 26.04 8.94
C PRO A 257 18.83 26.91 10.18
N GLU A 258 17.98 27.92 10.42
CA GLU A 258 18.07 28.78 11.59
C GLU A 258 18.31 28.00 12.93
N ASP A 259 17.84 26.72 13.01
CA ASP A 259 17.94 25.87 14.25
C ASP A 259 19.29 25.32 14.49
N PHE A 260 20.09 25.29 13.44
CA PHE A 260 21.47 24.82 13.56
C PHE A 260 22.31 25.97 14.02
N THR A 261 22.10 26.35 15.27
CA THR A 261 22.95 27.29 15.97
C THR A 261 24.35 26.72 16.18
N PRO A 262 25.33 27.59 16.45
CA PRO A 262 26.69 27.12 16.75
C PRO A 262 26.67 26.01 17.75
N GLN A 263 25.65 26.09 18.61
CA GLN A 263 25.39 25.17 19.69
C GLN A 263 25.03 23.78 19.23
N ARG A 264 23.90 23.72 18.53
CA ARG A 264 23.42 22.51 17.96
C ARG A 264 24.60 21.88 17.19
N CYS A 265 25.30 22.71 16.44
CA CYS A 265 26.36 22.22 15.55
C CYS A 265 27.47 21.52 16.32
N VAL A 266 28.02 22.20 17.31
CA VAL A 266 29.09 21.60 18.12
C VAL A 266 28.54 20.30 18.77
N GLU A 267 27.27 20.36 19.19
CA GLU A 267 26.56 19.22 19.77
C GLU A 267 26.52 18.03 18.80
N LEU A 268 26.00 18.25 17.58
CA LEU A 268 25.92 17.21 16.52
C LEU A 268 27.32 16.69 16.10
N ILE A 269 28.32 17.59 16.08
CA ILE A 269 29.73 17.23 15.88
C ILE A 269 30.21 16.29 17.03
N GLY A 270 29.80 16.61 18.26
CA GLY A 270 30.05 15.75 19.40
C GLY A 270 29.45 14.37 19.21
N LEU A 271 28.18 14.35 18.79
CA LEU A 271 27.47 13.11 18.48
C LEU A 271 28.07 12.34 17.33
N ALA A 272 28.39 13.02 16.24
CA ALA A 272 28.94 12.35 15.05
C ALA A 272 30.25 11.69 15.33
N LEU A 273 31.04 12.29 16.21
CA LEU A 273 32.35 11.73 16.55
C LEU A 273 32.33 10.84 17.80
N ASP A 274 31.25 10.83 18.55
CA ASP A 274 31.20 10.10 19.82
C ASP A 274 32.42 10.42 20.69
N ALA A 275 32.73 11.72 20.70
CA ALA A 275 33.75 12.28 21.57
C ALA A 275 33.25 13.64 22.01
N PRO A 276 33.02 13.81 23.32
CA PRO A 276 32.75 15.18 23.79
C PRO A 276 33.93 15.97 24.35
N GLU A 277 35.18 15.46 24.29
CA GLU A 277 36.38 16.32 24.53
C GLU A 277 36.47 17.42 23.45
N VAL A 278 35.61 17.33 22.43
CA VAL A 278 35.74 18.21 21.28
C VAL A 278 35.24 19.61 21.56
N LYS A 279 36.09 20.58 21.26
CA LYS A 279 35.68 21.97 21.10
C LYS A 279 36.08 22.34 19.66
N PRO A 280 35.11 22.27 18.76
CA PRO A 280 35.39 22.64 17.38
C PRO A 280 35.35 24.14 17.23
N GLU A 281 35.90 24.62 16.12
CA GLU A 281 35.75 26.01 15.78
C GLU A 281 35.04 25.94 14.46
N LEU A 282 33.87 26.57 14.42
CA LEU A 282 32.94 26.45 13.30
C LEU A 282 33.33 27.46 12.27
N VAL A 283 33.64 26.99 11.07
CA VAL A 283 33.98 27.86 9.96
C VAL A 283 32.74 28.38 9.20
N ASP A 284 31.79 27.51 8.89
CA ASP A 284 30.64 27.87 8.09
C ASP A 284 29.49 26.91 8.35
N ILE A 285 28.28 27.46 8.44
CA ILE A 285 27.06 26.68 8.61
C ILE A 285 26.10 27.02 7.47
N GLN A 286 25.97 26.15 6.47
N GLN A 286 25.94 26.10 6.53
CA GLN A 286 25.15 26.48 5.31
CA GLN A 286 25.18 26.38 5.32
C GLN A 286 24.12 25.38 4.94
C GLN A 286 24.11 25.33 4.99
N GLY A 287 22.86 25.81 4.90
CA GLY A 287 21.75 25.00 4.52
C GLY A 287 21.84 24.83 3.03
N TRP A 288 21.50 23.64 2.59
CA TRP A 288 21.58 23.24 1.21
C TRP A 288 20.30 22.41 0.97
N GLU A 289 19.61 22.70 -0.12
CA GLU A 289 18.57 21.83 -0.59
C GLU A 289 19.15 21.00 -1.70
N MET A 290 19.11 19.69 -1.52
CA MET A 290 19.55 18.83 -2.59
C MET A 290 18.43 18.40 -3.51
N ALA A 291 18.76 18.28 -4.79
CA ALA A 291 17.77 18.06 -5.79
C ALA A 291 18.30 17.33 -6.99
N ALA A 292 17.40 16.99 -7.90
CA ALA A 292 17.78 16.50 -9.20
C ALA A 292 17.00 17.27 -10.27
N ARG A 293 17.67 18.19 -10.96
CA ARG A 293 17.03 19.02 -12.00
C ARG A 293 17.81 19.12 -13.29
N ILE A 294 17.18 18.78 -14.41
CA ILE A 294 17.91 18.92 -15.70
C ILE A 294 17.31 19.93 -16.67
N ALA A 295 18.10 20.83 -17.21
CA ALA A 295 17.58 21.81 -18.14
C ALA A 295 16.96 21.07 -19.33
N GLU A 296 15.77 21.50 -19.74
CA GLU A 296 15.03 20.98 -20.90
CA GLU A 296 15.09 20.90 -20.88
C GLU A 296 15.87 21.14 -22.18
N ARG A 297 16.69 22.21 -22.18
CA ARG A 297 17.54 22.60 -23.31
C ARG A 297 18.88 23.07 -22.83
N TRP A 298 19.92 22.77 -23.57
CA TRP A 298 21.23 23.14 -23.16
C TRP A 298 21.80 24.24 -24.03
N ARG A 299 20.96 24.74 -24.94
CA ARG A 299 21.38 25.70 -25.91
C ARG A 299 20.18 26.39 -26.55
N GLU A 300 20.27 27.72 -26.65
CA GLU A 300 19.39 28.55 -27.47
C GLU A 300 20.24 29.49 -28.29
N GLY A 301 20.30 29.22 -29.59
CA GLY A 301 21.12 30.00 -30.48
C GLY A 301 22.59 29.86 -30.17
N ARG A 302 23.15 30.91 -29.56
CA ARG A 302 24.57 30.99 -29.27
C ARG A 302 24.84 31.04 -27.82
N VAL A 303 23.77 30.76 -27.05
CA VAL A 303 23.84 30.66 -25.61
C VAL A 303 23.76 29.21 -25.15
N PHE A 304 24.69 28.84 -24.26
CA PHE A 304 24.78 27.45 -23.73
C PHE A 304 24.77 27.34 -22.22
N LEU A 305 24.17 26.28 -21.73
CA LEU A 305 24.17 25.97 -20.33
C LEU A 305 25.24 24.90 -20.21
N ALA A 306 25.96 24.99 -19.10
CA ALA A 306 27.00 24.06 -18.73
C ALA A 306 26.99 23.94 -17.25
N GLY A 307 27.31 22.76 -16.72
CA GLY A 307 27.54 22.56 -15.27
C GLY A 307 26.27 22.41 -14.44
N ASP A 308 26.23 23.03 -13.28
CA ASP A 308 25.00 23.05 -12.44
C ASP A 308 23.80 23.75 -13.09
N ALA A 309 24.07 24.71 -13.97
CA ALA A 309 23.02 25.49 -14.62
C ALA A 309 22.21 24.53 -15.47
N ALA A 310 22.89 23.52 -16.06
CA ALA A 310 22.27 22.58 -16.96
C ALA A 310 21.73 21.39 -16.20
N LYS A 311 22.33 21.14 -15.05
CA LYS A 311 21.88 20.02 -14.27
C LYS A 311 22.43 19.99 -12.86
N VAL A 312 21.51 19.80 -11.93
CA VAL A 312 21.81 19.68 -10.54
C VAL A 312 21.57 18.23 -10.17
N THR A 313 22.55 17.63 -9.51
CA THR A 313 22.48 16.24 -9.11
C THR A 313 22.65 16.23 -7.62
N PRO A 314 22.07 15.23 -6.94
CA PRO A 314 22.44 15.09 -5.54
C PRO A 314 23.93 14.92 -5.50
N PRO A 315 24.56 15.40 -4.43
CA PRO A 315 26.01 15.28 -4.26
C PRO A 315 26.46 13.83 -4.07
N THR A 316 25.51 12.93 -3.83
CA THR A 316 25.87 11.54 -3.51
C THR A 316 26.64 10.80 -4.61
N GLY A 317 27.81 10.29 -4.27
CA GLY A 317 28.69 9.61 -5.27
C GLY A 317 29.76 10.54 -5.83
N GLY A 318 29.81 11.79 -5.36
CA GLY A 318 30.85 12.74 -5.73
C GLY A 318 31.01 13.05 -7.20
N MET A 319 29.89 13.16 -7.90
CA MET A 319 29.90 13.42 -9.30
C MET A 319 29.63 14.88 -9.72
N SER A 320 29.28 15.74 -8.76
CA SER A 320 28.87 17.11 -9.08
C SER A 320 29.95 17.83 -9.87
N GLY A 321 31.14 17.99 -9.30
CA GLY A 321 32.23 18.69 -9.97
C GLY A 321 32.71 17.99 -11.21
N ASN A 322 32.88 16.66 -11.11
CA ASN A 322 33.28 15.83 -12.25
C ASN A 322 32.38 16.01 -13.53
N ALA A 323 31.08 16.20 -13.35
CA ALA A 323 30.15 16.39 -14.51
C ALA A 323 30.33 17.78 -15.14
N ALA A 324 30.56 18.80 -14.31
CA ALA A 324 30.85 20.15 -14.82
C ALA A 324 32.14 20.18 -15.67
N VAL A 325 33.20 19.53 -15.13
CA VAL A 325 34.47 19.51 -15.80
C VAL A 325 34.21 18.89 -17.14
N ALA A 326 33.43 17.83 -17.18
CA ALA A 326 33.19 17.13 -18.43
C ALA A 326 32.27 17.91 -19.41
N ASP A 327 31.25 18.60 -18.90
CA ASP A 327 30.42 19.47 -19.77
C ASP A 327 31.31 20.46 -20.44
N GLY A 328 32.23 21.01 -19.66
CA GLY A 328 33.15 22.01 -20.17
C GLY A 328 34.05 21.47 -21.25
N PHE A 329 34.53 20.24 -21.08
CA PHE A 329 35.41 19.62 -22.06
C PHE A 329 34.69 19.45 -23.38
N ASP A 330 33.47 18.97 -23.32
CA ASP A 330 32.65 18.73 -24.49
C ASP A 330 32.40 20.06 -25.23
N LEU A 331 31.93 21.06 -24.50
CA LEU A 331 31.63 22.34 -25.06
C LEU A 331 32.85 22.96 -25.75
N ALA A 332 33.94 23.02 -25.01
CA ALA A 332 35.19 23.50 -25.55
C ALA A 332 35.56 22.93 -26.94
N TRP A 333 35.73 21.61 -27.07
CA TRP A 333 36.36 21.10 -28.27
C TRP A 333 35.44 21.22 -29.47
N LYS A 334 34.13 21.14 -29.21
CA LYS A 334 33.13 21.40 -30.24
C LYS A 334 33.09 22.91 -30.59
N LEU A 335 33.03 23.80 -29.60
CA LEU A 335 33.12 25.23 -29.96
C LEU A 335 34.41 25.60 -30.72
N ALA A 336 35.52 24.97 -30.35
CA ALA A 336 36.82 25.29 -30.95
C ALA A 336 36.79 24.93 -32.41
N ALA A 337 36.27 23.73 -32.69
CA ALA A 337 36.27 23.22 -34.07
C ALA A 337 35.37 24.09 -34.98
N VAL A 338 34.25 24.56 -34.44
CA VAL A 338 33.34 25.42 -35.17
C VAL A 338 33.96 26.79 -35.35
N LEU A 339 34.62 27.28 -34.33
CA LEU A 339 35.17 28.61 -34.42
C LEU A 339 36.32 28.68 -35.39
N GLN A 340 37.03 27.57 -35.56
CA GLN A 340 38.19 27.56 -36.44
C GLN A 340 37.84 27.25 -37.85
N GLY A 341 36.59 26.88 -38.09
CA GLY A 341 36.19 26.51 -39.44
C GLY A 341 36.38 25.03 -39.69
N GLN A 342 36.58 24.22 -38.63
CA GLN A 342 36.81 22.75 -38.84
C GLN A 342 35.50 22.02 -38.96
N ALA A 343 34.45 22.62 -38.41
CA ALA A 343 33.13 21.98 -38.39
C ALA A 343 32.09 23.04 -38.66
N GLY A 344 30.93 22.60 -39.14
CA GLY A 344 29.79 23.48 -39.23
C GLY A 344 29.01 23.49 -37.94
N ALA A 345 28.02 24.37 -37.85
CA ALA A 345 27.28 24.62 -36.63
C ALA A 345 26.52 23.39 -36.17
N GLY A 346 26.18 22.52 -37.09
CA GLY A 346 25.47 21.30 -36.69
C GLY A 346 26.16 20.53 -35.55
N LEU A 347 27.49 20.58 -35.47
CA LEU A 347 28.20 19.91 -34.42
C LEU A 347 27.77 20.43 -33.04
N LEU A 348 27.53 21.73 -32.92
CA LEU A 348 27.07 22.25 -31.66
C LEU A 348 25.76 21.62 -31.13
N ASP A 349 24.99 20.95 -31.99
CA ASP A 349 23.77 20.37 -31.48
C ASP A 349 24.13 19.10 -30.72
N THR A 350 25.23 18.43 -31.10
CA THR A 350 25.63 17.25 -30.39
C THR A 350 25.87 17.52 -28.90
N TYR A 351 26.24 18.74 -28.54
CA TYR A 351 26.45 19.06 -27.15
C TYR A 351 25.28 18.62 -26.28
N GLU A 352 24.09 19.12 -26.59
CA GLU A 352 22.90 18.78 -25.85
C GLU A 352 22.66 17.29 -25.95
N ASP A 353 22.54 16.75 -27.17
CA ASP A 353 22.20 15.33 -27.35
C ASP A 353 23.03 14.43 -26.47
N GLU A 354 24.32 14.72 -26.38
CA GLU A 354 25.30 13.94 -25.64
C GLU A 354 25.31 14.27 -24.15
N ARG A 355 25.47 15.53 -23.82
CA ARG A 355 25.69 15.85 -22.40
C ARG A 355 24.34 15.85 -21.65
N LYS A 356 23.24 15.98 -22.37
CA LYS A 356 21.98 15.87 -21.69
C LYS A 356 21.69 14.42 -21.29
N VAL A 357 22.07 13.46 -22.12
CA VAL A 357 21.91 12.09 -21.72
C VAL A 357 22.89 11.83 -20.56
N ALA A 358 24.17 12.24 -20.70
CA ALA A 358 25.11 12.12 -19.55
C ALA A 358 24.58 12.67 -18.24
N ALA A 359 23.88 13.79 -18.28
CA ALA A 359 23.32 14.38 -17.08
C ALA A 359 22.33 13.40 -16.40
N GLU A 360 21.47 12.81 -17.22
CA GLU A 360 20.52 11.81 -16.77
C GLU A 360 21.22 10.57 -16.19
N LEU A 361 22.28 10.12 -16.84
CA LEU A 361 23.06 9.03 -16.26
C LEU A 361 23.62 9.41 -14.90
N VAL A 362 24.18 10.62 -14.79
CA VAL A 362 24.78 11.05 -13.50
C VAL A 362 23.77 11.17 -12.33
N VAL A 363 22.66 11.83 -12.60
CA VAL A 363 21.55 11.96 -11.67
C VAL A 363 20.96 10.61 -11.20
N ALA A 364 20.79 9.70 -12.13
CA ALA A 364 20.22 8.40 -11.82
C ALA A 364 21.19 7.66 -10.88
N GLU A 365 22.47 7.76 -11.15
CA GLU A 365 23.42 7.07 -10.34
C GLU A 365 23.45 7.73 -8.97
N ALA A 366 23.33 9.06 -8.95
CA ALA A 366 23.34 9.77 -7.66
C ALA A 366 22.12 9.43 -6.77
N LEU A 367 20.92 9.40 -7.36
CA LEU A 367 19.73 9.00 -6.63
C LEU A 367 19.90 7.58 -6.08
N ALA A 368 20.31 6.65 -6.93
CA ALA A 368 20.53 5.26 -6.52
C ALA A 368 21.50 5.11 -5.35
N ILE A 369 22.57 5.89 -5.37
CA ILE A 369 23.52 5.91 -4.28
C ILE A 369 22.90 6.54 -3.04
N TYR A 370 22.15 7.62 -3.19
CA TYR A 370 21.43 8.20 -2.04
C TYR A 370 20.61 7.12 -1.36
N ALA A 371 19.98 6.26 -2.15
CA ALA A 371 19.09 5.23 -1.62
C ALA A 371 19.88 4.16 -0.88
N GLN A 372 20.92 3.65 -1.55
CA GLN A 372 21.73 2.57 -1.03
C GLN A 372 22.52 2.96 0.21
N ARG A 373 22.86 4.25 0.33
CA ARG A 373 23.78 4.75 1.38
C ARG A 373 23.18 5.70 2.44
N MET A 374 22.05 6.33 2.11
CA MET A 374 21.42 7.28 3.01
C MET A 374 19.95 6.97 3.29
N ALA A 375 19.25 6.41 2.31
CA ALA A 375 17.80 6.16 2.44
C ALA A 375 17.41 4.83 1.82
N PRO A 376 17.80 3.70 2.45
CA PRO A 376 17.48 2.34 1.90
C PRO A 376 15.99 2.16 1.62
N HIS A 377 15.18 2.86 2.38
CA HIS A 377 13.73 2.83 2.19
C HIS A 377 13.20 3.50 0.93
N MET A 378 14.07 4.14 0.16
CA MET A 378 13.63 4.84 -1.05
C MET A 378 13.99 4.10 -2.33
N ALA A 379 14.78 3.03 -2.21
CA ALA A 379 15.32 2.33 -3.37
C ALA A 379 14.35 2.05 -4.53
N GLU A 380 13.05 2.03 -4.26
CA GLU A 380 12.05 1.78 -5.29
C GLU A 380 11.58 3.03 -6.02
N VAL A 381 11.64 4.18 -5.34
CA VAL A 381 11.15 5.41 -5.91
C VAL A 381 11.90 5.58 -7.24
N TRP A 382 13.14 5.12 -7.31
CA TRP A 382 13.96 5.33 -8.50
C TRP A 382 14.56 4.03 -8.99
N ASP A 383 14.82 3.95 -10.29
CA ASP A 383 15.52 2.80 -10.87
C ASP A 383 16.79 2.49 -10.10
N LYS A 384 17.13 1.22 -10.08
CA LYS A 384 18.31 0.77 -9.42
C LYS A 384 19.59 1.22 -10.15
N SER A 385 20.69 1.33 -9.42
CA SER A 385 21.95 1.67 -10.06
C SER A 385 22.32 0.76 -11.24
N VAL A 386 22.82 1.41 -12.29
CA VAL A 386 23.25 0.75 -13.50
C VAL A 386 24.74 0.39 -13.35
N GLY A 387 25.34 0.92 -12.29
CA GLY A 387 26.71 0.63 -11.92
C GLY A 387 27.53 1.89 -11.96
N TYR A 388 28.37 2.12 -10.97
CA TYR A 388 29.21 3.32 -10.94
C TYR A 388 30.18 3.39 -12.10
N PRO A 389 30.95 2.33 -12.36
CA PRO A 389 31.85 2.48 -13.49
C PRO A 389 31.15 2.51 -14.85
N GLU A 390 29.98 1.88 -14.97
CA GLU A 390 29.29 1.91 -16.25
C GLU A 390 28.78 3.33 -16.51
N THR A 391 28.38 4.00 -15.47
CA THR A 391 28.00 5.42 -15.54
C THR A 391 29.13 6.42 -15.82
N LEU A 392 30.31 6.22 -15.21
CA LEU A 392 31.38 7.15 -15.43
C LEU A 392 32.24 6.78 -16.63
N LEU A 393 32.41 5.49 -16.93
CA LEU A 393 33.41 5.07 -17.88
C LEU A 393 32.85 4.24 -19.02
N GLY A 394 31.76 3.50 -18.75
CA GLY A 394 31.03 2.73 -19.78
C GLY A 394 29.84 3.43 -20.51
N PHE A 395 29.64 4.72 -20.29
CA PHE A 395 28.57 5.49 -20.93
C PHE A 395 28.63 5.57 -22.42
N ARG A 396 27.48 5.59 -23.03
CA ARG A 396 27.48 5.74 -24.47
C ARG A 396 26.80 7.03 -24.91
N TYR A 397 27.34 7.72 -25.93
CA TYR A 397 26.74 8.90 -26.63
C TYR A 397 26.02 8.51 -27.91
N ARG A 398 24.88 9.13 -28.20
CA ARG A 398 24.31 9.13 -29.55
C ARG A 398 24.06 10.55 -29.97
N SER A 399 24.50 10.86 -31.20
CA SER A 399 24.25 12.14 -31.85
C SER A 399 24.73 12.06 -33.29
N SER A 400 24.67 13.19 -34.00
CA SER A 400 25.16 13.25 -35.36
C SER A 400 26.66 13.03 -35.43
N ALA A 401 27.31 13.01 -34.29
CA ALA A 401 28.75 12.85 -34.27
C ALA A 401 29.12 11.44 -33.83
N VAL A 402 28.14 10.54 -33.83
CA VAL A 402 28.37 9.13 -33.54
C VAL A 402 27.67 8.34 -34.64
N LEU A 403 28.46 7.62 -35.45
CA LEU A 403 27.98 6.80 -36.54
C LEU A 403 27.88 5.36 -36.06
N ALA A 404 26.78 5.05 -35.42
CA ALA A 404 26.53 3.72 -34.92
C ALA A 404 25.67 2.98 -35.93
N THR A 405 25.93 1.67 -36.07
CA THR A 405 25.19 0.82 -36.97
C THR A 405 23.99 0.19 -36.26
N ASP A 406 24.22 -0.29 -35.04
CA ASP A 406 23.22 -1.00 -34.27
C ASP A 406 22.21 -0.04 -33.77
N ASP A 407 21.14 -0.54 -33.18
CA ASP A 407 20.37 0.35 -32.31
C ASP A 407 20.01 -0.45 -31.03
N ASP A 408 20.95 -0.53 -30.12
CA ASP A 408 20.75 -1.11 -28.82
C ASP A 408 20.41 0.10 -27.95
N PRO A 409 19.31 0.05 -27.20
CA PRO A 409 18.92 1.25 -26.49
C PRO A 409 19.78 1.53 -25.25
N ALA A 410 20.63 0.56 -24.88
CA ALA A 410 21.43 0.67 -23.64
C ALA A 410 22.29 1.93 -23.66
N ARG A 411 22.37 2.59 -22.51
CA ARG A 411 23.07 3.86 -22.39
C ARG A 411 24.45 3.70 -21.72
N VAL A 412 24.73 2.48 -21.27
CA VAL A 412 26.02 2.08 -20.67
C VAL A 412 26.33 0.63 -21.06
N GLU A 413 27.60 0.25 -20.95
CA GLU A 413 28.04 -1.14 -21.11
C GLU A 413 29.04 -1.38 -19.99
N ASN A 414 29.36 -2.63 -19.69
CA ASN A 414 30.39 -2.83 -18.72
C ASN A 414 31.70 -2.26 -19.31
N PRO A 415 32.30 -1.30 -18.61
CA PRO A 415 33.53 -0.71 -19.15
C PRO A 415 34.70 -1.68 -19.08
N LEU A 416 34.56 -2.72 -18.26
CA LEU A 416 35.58 -3.75 -18.14
C LEU A 416 35.58 -4.77 -19.29
N THR A 417 34.43 -4.96 -19.94
CA THR A 417 34.34 -5.81 -21.12
C THR A 417 33.77 -4.93 -22.24
N PRO A 418 34.60 -4.05 -22.84
CA PRO A 418 34.03 -3.06 -23.74
C PRO A 418 33.64 -3.68 -25.08
N SER A 419 32.77 -3.05 -25.84
CA SER A 419 32.49 -3.49 -27.24
C SER A 419 33.36 -2.83 -28.35
N GLY A 420 33.97 -1.70 -28.06
CA GLY A 420 34.44 -0.84 -29.13
C GLY A 420 33.38 -0.21 -30.03
N ARG A 421 32.08 -0.30 -29.70
CA ARG A 421 31.07 0.32 -30.57
C ARG A 421 31.23 1.83 -30.55
N PRO A 422 30.86 2.50 -31.65
CA PRO A 422 30.71 3.93 -31.69
C PRO A 422 29.92 4.42 -30.52
N GLY A 423 30.32 5.56 -29.94
CA GLY A 423 29.65 6.18 -28.81
C GLY A 423 30.28 5.88 -27.46
N PHE A 424 31.04 4.81 -27.35
CA PHE A 424 31.74 4.53 -26.10
C PHE A 424 33.21 4.98 -26.14
N ARG A 425 33.82 5.11 -24.96
CA ARG A 425 35.24 5.36 -24.97
C ARG A 425 35.97 4.30 -25.78
N GLY A 426 36.88 4.73 -26.64
CA GLY A 426 37.85 3.75 -27.19
C GLY A 426 38.47 2.99 -26.01
N PRO A 427 38.43 1.65 -26.01
CA PRO A 427 38.96 0.88 -24.91
C PRO A 427 40.42 1.14 -24.51
N HIS A 428 40.68 0.93 -23.24
CA HIS A 428 42.00 0.94 -22.70
C HIS A 428 42.65 -0.37 -23.11
N VAL A 429 43.76 -0.23 -23.81
CA VAL A 429 44.62 -1.35 -24.13
C VAL A 429 46.06 -0.92 -24.02
N LEU A 430 46.88 -1.74 -23.37
CA LEU A 430 48.33 -1.47 -23.27
C LEU A 430 49.03 -1.82 -24.55
N VAL A 431 49.85 -0.92 -25.07
CA VAL A 431 50.51 -1.06 -26.36
C VAL A 431 51.78 -0.29 -26.12
N SER A 432 52.65 -0.16 -27.12
CA SER A 432 53.87 0.64 -26.99
C SER A 432 54.25 1.23 -28.32
N ARG A 433 54.81 2.43 -28.27
CA ARG A 433 55.36 3.05 -29.46
C ARG A 433 56.87 2.88 -29.40
N HIS A 434 57.36 1.85 -30.10
CA HIS A 434 58.78 1.76 -30.33
C HIS A 434 59.51 1.64 -28.99
N GLY A 435 58.78 1.40 -27.92
CA GLY A 435 59.43 1.19 -26.62
C GLY A 435 58.68 1.91 -25.51
N GLU A 436 57.92 2.93 -25.90
CA GLU A 436 57.18 3.66 -24.93
C GLU A 436 55.86 2.99 -24.74
N ARG A 437 55.63 2.55 -23.52
CA ARG A 437 54.52 1.70 -23.20
C ARG A 437 53.47 2.69 -22.75
N LEU A 438 52.29 2.60 -23.34
CA LEU A 438 51.20 3.54 -23.07
C LEU A 438 49.84 2.88 -23.22
N SER A 439 48.80 3.47 -22.65
CA SER A 439 47.40 3.08 -23.00
C SER A 439 46.94 3.73 -24.28
N THR A 440 46.28 2.94 -25.12
CA THR A 440 45.51 3.45 -26.28
C THR A 440 44.75 4.74 -25.90
N VAL A 441 44.40 4.87 -24.62
CA VAL A 441 43.65 6.01 -24.16
C VAL A 441 44.52 7.25 -24.11
N ASP A 442 45.78 7.08 -23.77
CA ASP A 442 46.77 8.18 -23.83
C ASP A 442 47.10 8.69 -25.23
N LEU A 443 46.71 7.92 -26.25
CA LEU A 443 46.84 8.32 -27.64
C LEU A 443 45.84 9.38 -28.10
N PHE A 444 44.79 9.62 -27.34
CA PHE A 444 43.68 10.48 -27.77
C PHE A 444 43.77 11.94 -27.27
N GLY A 445 43.04 12.84 -27.92
CA GLY A 445 42.92 14.19 -27.40
C GLY A 445 43.61 15.36 -28.11
N ASP A 446 44.63 15.07 -28.91
CA ASP A 446 45.19 16.18 -29.68
C ASP A 446 44.14 16.70 -30.70
N GLY A 447 43.92 15.97 -31.78
CA GLY A 447 42.69 16.12 -32.56
C GLY A 447 42.03 14.75 -32.63
N TRP A 448 41.98 14.22 -33.84
CA TRP A 448 41.33 12.95 -34.07
C TRP A 448 42.38 11.87 -34.21
N THR A 449 42.10 10.70 -33.65
CA THR A 449 43.01 9.62 -33.71
C THR A 449 42.31 8.53 -34.45
N LEU A 450 43.04 7.91 -35.38
CA LEU A 450 42.57 6.72 -36.07
C LEU A 450 43.44 5.44 -35.84
N LEU A 451 42.81 4.35 -35.44
CA LEU A 451 43.53 3.13 -35.24
C LEU A 451 43.21 2.16 -36.36
N ALA A 452 44.23 1.66 -37.05
CA ALA A 452 44.05 0.77 -38.18
C ALA A 452 44.53 -0.56 -37.85
N GLY A 453 43.89 -1.55 -38.48
CA GLY A 453 44.29 -2.96 -38.33
C GLY A 453 45.62 -3.21 -39.00
N GLU A 454 46.28 -4.28 -38.59
CA GLU A 454 47.51 -4.79 -39.21
C GLU A 454 47.70 -4.52 -40.68
N LEU A 455 46.67 -4.77 -41.47
CA LEU A 455 46.75 -4.71 -42.90
C LEU A 455 46.30 -3.35 -43.43
N GLY A 456 45.87 -2.49 -42.54
CA GLY A 456 45.20 -1.26 -42.94
C GLY A 456 46.14 -0.10 -43.19
N ALA A 457 47.17 -0.31 -44.00
CA ALA A 457 48.08 0.78 -44.31
C ALA A 457 47.37 1.83 -45.18
N ASP A 458 46.36 1.39 -45.92
CA ASP A 458 45.60 2.31 -46.71
C ASP A 458 44.90 3.35 -45.82
N TRP A 459 44.42 2.90 -44.63
CA TRP A 459 43.77 3.79 -43.68
C TRP A 459 44.74 4.85 -43.15
N VAL A 460 45.99 4.45 -43.05
CA VAL A 460 46.99 5.35 -42.51
C VAL A 460 47.26 6.43 -43.50
N ALA A 461 47.47 6.05 -44.75
CA ALA A 461 47.62 7.05 -45.82
C ALA A 461 46.40 8.00 -45.87
N ALA A 462 45.20 7.46 -45.69
CA ALA A 462 43.96 8.27 -45.70
C ALA A 462 43.93 9.32 -44.60
N ALA A 463 44.52 8.97 -43.46
CA ALA A 463 44.45 9.82 -42.29
C ALA A 463 45.12 11.11 -42.61
N GLU A 464 46.20 11.05 -43.38
CA GLU A 464 46.91 12.24 -43.83
C GLU A 464 46.22 12.98 -44.96
N ALA A 465 45.60 12.25 -45.89
CA ALA A 465 44.93 12.87 -47.02
C ALA A 465 43.74 13.69 -46.56
N VAL A 466 42.99 13.12 -45.62
CA VAL A 466 41.82 13.72 -45.05
C VAL A 466 42.17 14.88 -44.12
N SER A 467 43.22 14.77 -43.28
CA SER A 467 43.67 15.92 -42.44
C SER A 467 43.91 17.09 -43.31
N ALA A 468 44.76 16.89 -44.32
CA ALA A 468 45.07 17.91 -45.29
C ALA A 468 43.82 18.45 -45.96
N GLU A 469 42.89 17.59 -46.32
CA GLU A 469 41.67 18.02 -47.00
C GLU A 469 40.80 18.95 -46.14
N LEU A 470 40.48 18.48 -44.95
CA LEU A 470 39.59 19.18 -44.04
C LEU A 470 40.25 20.17 -43.08
N GLY A 471 41.56 20.14 -42.96
CA GLY A 471 42.26 20.95 -41.95
C GLY A 471 42.07 20.48 -40.50
N VAL A 472 41.95 19.18 -40.29
CA VAL A 472 41.73 18.63 -38.97
C VAL A 472 42.90 17.69 -38.64
N PRO A 473 43.47 17.75 -37.42
CA PRO A 473 44.45 16.71 -37.16
C PRO A 473 43.89 15.28 -37.02
N VAL A 474 44.41 14.39 -37.87
CA VAL A 474 44.22 12.96 -37.77
C VAL A 474 45.53 12.19 -37.59
N ARG A 475 45.75 11.75 -36.39
CA ARG A 475 46.88 10.93 -36.11
C ARG A 475 46.52 9.47 -36.33
N ALA A 476 47.23 8.77 -37.18
CA ALA A 476 46.91 7.42 -37.47
C ALA A 476 47.99 6.49 -36.95
N TYR A 477 47.55 5.40 -36.34
CA TYR A 477 48.41 4.38 -35.77
C TYR A 477 47.97 3.06 -36.33
N ARG A 478 48.95 2.27 -36.76
CA ARG A 478 48.68 0.93 -37.25
C ARG A 478 49.33 -0.13 -36.37
N VAL A 479 48.53 -1.15 -36.07
CA VAL A 479 48.94 -2.30 -35.29
C VAL A 479 49.99 -3.06 -36.00
N GLY A 480 50.95 -3.58 -35.22
CA GLY A 480 52.04 -4.41 -35.76
C GLY A 480 52.99 -3.57 -36.60
N ALA A 481 52.67 -2.31 -36.75
CA ALA A 481 53.52 -1.40 -37.46
C ALA A 481 54.12 -0.45 -36.41
N GLY A 482 53.67 0.81 -36.40
CA GLY A 482 54.21 1.82 -35.49
C GLY A 482 53.61 1.77 -34.10
N LEU A 483 52.72 0.81 -33.91
CA LEU A 483 52.12 0.57 -32.61
C LEU A 483 52.19 -0.90 -32.29
N THR A 484 53.00 -1.26 -31.29
CA THR A 484 53.21 -2.66 -30.93
C THR A 484 52.08 -3.23 -30.08
N ASP A 485 51.50 -4.33 -30.54
CA ASP A 485 50.56 -5.09 -29.74
C ASP A 485 51.15 -6.45 -29.38
N PRO A 486 51.62 -6.59 -28.12
CA PRO A 486 52.27 -7.82 -27.61
C PRO A 486 51.26 -8.93 -27.42
N GLU A 487 50.12 -8.59 -26.81
CA GLU A 487 49.00 -9.53 -26.61
C GLU A 487 48.06 -9.68 -27.84
N SER A 488 48.28 -8.87 -28.89
CA SER A 488 47.40 -8.80 -30.08
C SER A 488 45.93 -8.55 -29.68
N ALA A 489 45.65 -7.42 -28.99
CA ALA A 489 44.30 -7.15 -28.45
C ALA A 489 43.56 -5.86 -28.91
N VAL A 490 44.18 -5.05 -29.75
CA VAL A 490 43.62 -3.79 -30.16
C VAL A 490 42.50 -4.03 -31.20
N SER A 491 42.79 -4.89 -32.17
CA SER A 491 41.86 -5.28 -33.19
C SER A 491 40.63 -5.80 -32.57
N GLU A 492 40.85 -6.69 -31.60
CA GLU A 492 39.78 -7.39 -30.91
C GLU A 492 38.97 -6.45 -30.03
N ARG A 493 39.59 -5.56 -29.27
CA ARG A 493 38.81 -4.72 -28.39
C ARG A 493 38.01 -3.59 -29.16
N TYR A 494 38.66 -3.04 -30.16
CA TYR A 494 38.09 -1.98 -30.97
C TYR A 494 37.19 -2.47 -32.05
N GLY A 495 37.23 -3.80 -32.27
CA GLY A 495 36.45 -4.50 -33.29
C GLY A 495 36.79 -4.17 -34.72
N ILE A 496 38.07 -3.97 -35.02
CA ILE A 496 38.55 -3.58 -36.34
C ILE A 496 39.18 -4.72 -37.19
N GLY A 497 39.24 -5.94 -36.64
CA GLY A 497 39.85 -7.08 -37.33
C GLY A 497 41.26 -6.75 -37.80
N LYS A 498 41.65 -7.32 -38.93
CA LYS A 498 42.94 -7.10 -39.53
C LYS A 498 42.91 -5.91 -40.46
N ALA A 499 41.81 -5.72 -41.16
CA ALA A 499 41.76 -4.69 -42.26
C ALA A 499 40.97 -3.40 -41.95
N GLY A 500 40.13 -3.43 -40.91
CA GLY A 500 39.42 -2.23 -40.46
C GLY A 500 40.15 -1.11 -39.70
N ALA A 501 39.35 -0.22 -39.11
CA ALA A 501 39.83 1.03 -38.52
C ALA A 501 38.77 1.58 -37.60
N SER A 502 39.20 2.42 -36.67
CA SER A 502 38.37 2.96 -35.61
C SER A 502 38.75 4.43 -35.51
N LEU A 503 37.78 5.33 -35.65
CA LEU A 503 38.03 6.77 -35.55
C LEU A 503 37.57 7.34 -34.23
N VAL A 504 38.50 7.99 -33.55
CA VAL A 504 38.29 8.40 -32.18
C VAL A 504 38.35 9.90 -32.12
N ARG A 505 37.41 10.47 -31.39
CA ARG A 505 37.21 11.91 -31.32
C ARG A 505 38.21 12.56 -30.41
N PRO A 506 38.15 13.88 -30.28
CA PRO A 506 38.99 14.65 -29.34
C PRO A 506 38.72 14.39 -27.86
N ASP A 507 37.62 13.75 -27.51
CA ASP A 507 37.29 13.45 -26.12
C ASP A 507 37.45 11.98 -25.81
N GLY A 508 37.87 11.22 -26.84
CA GLY A 508 38.31 9.88 -26.69
C GLY A 508 37.21 8.87 -26.93
N ILE A 509 36.16 9.34 -27.56
CA ILE A 509 34.96 8.57 -27.82
C ILE A 509 35.12 8.08 -29.23
N VAL A 510 34.74 6.85 -29.49
CA VAL A 510 34.79 6.29 -30.84
C VAL A 510 33.62 6.83 -31.64
N ALA A 511 33.90 7.51 -32.75
CA ALA A 511 32.91 8.12 -33.68
C ALA A 511 32.38 7.18 -34.77
N TRP A 512 33.17 6.17 -35.13
CA TRP A 512 32.95 5.32 -36.29
C TRP A 512 33.95 4.12 -36.31
N ARG A 513 33.60 3.03 -36.96
CA ARG A 513 34.52 1.92 -37.17
C ARG A 513 34.08 0.96 -38.29
N THR A 514 35.04 0.16 -38.76
CA THR A 514 34.73 -0.97 -39.64
C THR A 514 35.66 -2.08 -39.26
N ASP A 515 35.24 -3.31 -39.59
CA ASP A 515 36.06 -4.47 -39.35
C ASP A 515 36.57 -5.09 -40.62
N GLU A 516 36.49 -4.36 -41.72
CA GLU A 516 36.99 -4.87 -42.99
C GLU A 516 37.54 -3.72 -43.77
N ALA A 517 37.95 -3.94 -45.01
CA ALA A 517 38.58 -2.89 -45.82
C ALA A 517 37.57 -2.17 -46.71
N ALA A 518 37.74 -0.86 -46.89
CA ALA A 518 36.88 -0.08 -47.78
C ALA A 518 37.39 -0.23 -49.20
N ALA A 519 36.54 0.04 -50.18
CA ALA A 519 37.00 0.06 -51.57
C ALA A 519 37.98 1.23 -51.76
N ASP A 520 37.74 2.35 -51.10
CA ASP A 520 38.63 3.50 -51.23
C ASP A 520 38.60 4.09 -49.86
N ALA A 521 39.71 3.98 -49.14
CA ALA A 521 39.75 4.26 -47.71
C ALA A 521 39.66 5.75 -47.50
N ALA A 522 40.34 6.51 -48.35
CA ALA A 522 40.30 7.99 -48.33
C ALA A 522 38.89 8.61 -48.60
N GLN A 523 38.17 8.09 -49.62
CA GLN A 523 36.76 8.47 -49.90
C GLN A 523 35.83 8.20 -48.69
N THR A 524 35.92 7.02 -48.12
CA THR A 524 35.12 6.61 -46.98
C THR A 524 35.41 7.44 -45.74
N LEU A 525 36.67 7.72 -45.53
CA LEU A 525 37.11 8.43 -44.34
C LEU A 525 36.77 9.87 -44.41
N GLU A 526 36.88 10.43 -45.60
CA GLU A 526 36.46 11.80 -45.81
C GLU A 526 34.96 11.86 -45.56
N GLY A 527 34.21 10.83 -45.95
CA GLY A 527 32.76 10.91 -45.90
C GLY A 527 32.28 10.85 -44.48
N VAL A 528 33.04 10.08 -43.69
CA VAL A 528 32.78 9.84 -42.28
C VAL A 528 33.08 11.11 -41.54
N LEU A 529 34.22 11.70 -41.82
CA LEU A 529 34.59 12.95 -41.16
C LEU A 529 33.68 14.13 -41.57
N ARG A 530 33.34 14.23 -42.84
CA ARG A 530 32.45 15.32 -43.29
C ARG A 530 31.14 15.30 -42.52
N ARG A 531 30.69 14.10 -42.25
CA ARG A 531 29.44 13.91 -41.61
C ARG A 531 29.46 14.26 -40.14
N VAL A 532 30.46 13.80 -39.39
CA VAL A 532 30.42 14.04 -37.95
C VAL A 532 30.79 15.48 -37.62
N LEU A 533 31.51 16.13 -38.51
CA LEU A 533 31.93 17.53 -38.31
C LEU A 533 30.94 18.53 -38.98
N ASP A 534 29.86 18.02 -39.54
CA ASP A 534 28.93 18.83 -40.29
C ASP A 534 29.53 19.67 -41.42
N ARG A 535 30.31 19.04 -42.28
CA ARG A 535 30.78 19.65 -43.50
C ARG A 535 30.26 18.79 -44.65
N MET B 1 7.75 -63.58 13.19
CA MET B 1 8.15 -62.21 13.61
C MET B 1 7.01 -61.16 13.72
N ASN B 2 7.21 -60.21 14.66
CA ASN B 2 6.18 -59.24 15.07
C ASN B 2 5.85 -58.19 14.00
N ASP B 3 4.56 -57.93 13.84
CA ASP B 3 4.07 -56.80 13.05
C ASP B 3 4.61 -55.56 13.73
N HIS B 4 5.12 -54.58 12.98
CA HIS B 4 5.31 -53.25 13.61
C HIS B 4 4.01 -52.86 14.27
N GLU B 5 4.15 -52.06 15.33
CA GLU B 5 2.98 -51.65 16.12
C GLU B 5 2.40 -50.41 15.52
N VAL B 6 3.25 -49.67 14.82
CA VAL B 6 2.84 -48.47 14.08
C VAL B 6 3.71 -48.38 12.82
N ASP B 7 3.18 -47.81 11.73
CA ASP B 7 3.89 -47.81 10.44
C ASP B 7 4.88 -46.64 10.50
N VAL B 8 4.41 -45.51 11.04
CA VAL B 8 5.23 -44.33 11.17
C VAL B 8 5.13 -43.78 12.56
N LEU B 9 6.28 -43.49 13.14
CA LEU B 9 6.33 -42.72 14.39
C LEU B 9 6.86 -41.31 14.14
N VAL B 10 6.06 -40.32 14.48
CA VAL B 10 6.35 -38.92 14.25
C VAL B 10 6.60 -38.28 15.65
N VAL B 11 7.75 -37.62 15.78
CA VAL B 11 8.27 -37.10 17.03
C VAL B 11 8.20 -35.58 17.04
N GLY B 12 7.34 -35.01 17.89
CA GLY B 12 7.03 -33.58 17.77
C GLY B 12 5.65 -33.31 17.22
N ALA B 13 4.98 -32.27 17.78
CA ALA B 13 3.61 -31.92 17.38
C ALA B 13 3.62 -30.47 16.97
N GLY B 14 4.73 -30.04 16.41
CA GLY B 14 4.73 -28.76 15.75
C GLY B 14 4.09 -28.91 14.37
N LEU B 15 4.30 -27.93 13.51
CA LEU B 15 3.59 -27.97 12.25
C LEU B 15 4.29 -28.98 11.38
N GLY B 16 5.57 -29.28 11.63
CA GLY B 16 6.14 -30.35 10.79
C GLY B 16 5.59 -31.75 11.10
N GLY B 17 5.53 -32.11 12.36
CA GLY B 17 4.94 -33.36 12.79
C GLY B 17 3.49 -33.55 12.42
N LEU B 18 2.68 -32.52 12.67
CA LEU B 18 1.24 -32.63 12.52
C LEU B 18 0.81 -32.74 11.05
N SER B 19 1.49 -31.98 10.21
CA SER B 19 1.40 -32.17 8.75
C SER B 19 1.71 -33.60 8.33
N THR B 20 2.94 -34.09 8.62
CA THR B 20 3.33 -35.48 8.27
C THR B 20 2.21 -36.43 8.67
N ALA B 21 1.84 -36.46 9.95
CA ALA B 21 0.65 -37.22 10.42
C ALA B 21 -0.69 -37.04 9.67
N MET B 22 -1.16 -35.80 9.54
CA MET B 22 -2.42 -35.55 8.87
C MET B 22 -2.35 -36.20 7.52
N PHE B 23 -1.32 -35.88 6.72
CA PHE B 23 -1.24 -36.45 5.38
C PHE B 23 -0.91 -37.98 5.36
N LEU B 24 -0.23 -38.51 6.38
CA LEU B 24 0.00 -39.97 6.38
C LEU B 24 -1.31 -40.70 6.71
N ALA B 25 -2.09 -40.10 7.60
CA ALA B 25 -3.29 -40.73 8.07
C ALA B 25 -4.31 -40.77 6.97
N ARG B 26 -4.39 -39.71 6.16
CA ARG B 26 -5.37 -39.59 5.08
C ARG B 26 -5.18 -40.68 4.03
N GLN B 27 -4.01 -41.30 4.07
CA GLN B 27 -3.64 -42.29 3.09
C GLN B 27 -3.79 -43.73 3.67
N GLY B 28 -4.28 -43.83 4.91
CA GLY B 28 -4.50 -45.15 5.53
C GLY B 28 -3.26 -45.74 6.25
N VAL B 29 -2.30 -44.85 6.56
CA VAL B 29 -1.09 -45.22 7.24
C VAL B 29 -1.34 -45.13 8.76
N ARG B 30 -0.93 -46.17 9.50
CA ARG B 30 -0.98 -46.17 10.95
C ARG B 30 0.17 -45.30 11.48
N VAL B 31 -0.18 -44.13 12.00
CA VAL B 31 0.81 -43.15 12.40
C VAL B 31 0.52 -42.68 13.84
N LEU B 32 1.57 -42.35 14.58
CA LEU B 32 1.42 -41.97 15.96
C LEU B 32 2.29 -40.74 16.12
N VAL B 33 1.69 -39.67 16.64
CA VAL B 33 2.50 -38.51 16.97
C VAL B 33 2.80 -38.45 18.43
N VAL B 34 4.08 -38.26 18.77
CA VAL B 34 4.41 -38.12 20.19
C VAL B 34 4.92 -36.76 20.53
N GLU B 35 4.55 -36.26 21.69
CA GLU B 35 4.85 -34.90 21.94
C GLU B 35 5.17 -34.83 23.37
N ARG B 36 6.31 -34.25 23.69
CA ARG B 36 6.79 -34.28 25.07
C ARG B 36 5.99 -33.44 26.00
N ARG B 37 5.40 -32.39 25.43
CA ARG B 37 4.52 -31.44 26.10
C ARG B 37 3.19 -32.07 26.45
N PRO B 38 2.54 -31.58 27.52
CA PRO B 38 1.21 -32.06 27.94
C PRO B 38 0.07 -31.61 26.99
N GLY B 39 0.34 -30.69 26.07
CA GLY B 39 -0.71 -30.16 25.18
C GLY B 39 -0.16 -29.31 24.07
N LEU B 40 -0.93 -29.11 23.01
CA LEU B 40 -0.48 -28.19 21.94
C LEU B 40 -0.30 -26.77 22.50
N SER B 41 0.68 -26.03 21.99
CA SER B 41 0.99 -24.71 22.50
C SER B 41 -0.08 -23.69 22.05
N PRO B 42 -0.55 -22.81 22.97
CA PRO B 42 -1.56 -21.76 22.57
C PRO B 42 -0.85 -20.56 21.90
N TYR B 43 0.49 -20.60 21.85
CA TYR B 43 1.26 -19.45 21.35
C TYR B 43 1.22 -19.40 19.85
N PRO B 44 0.99 -18.17 19.30
CA PRO B 44 0.90 -17.91 17.86
C PRO B 44 2.09 -18.40 17.01
N ARG B 45 3.32 -18.22 17.46
CA ARG B 45 4.47 -18.65 16.68
C ARG B 45 4.29 -18.29 15.19
N ALA B 46 4.34 -19.26 14.27
CA ALA B 46 4.30 -18.97 12.85
C ALA B 46 2.90 -18.71 12.31
N ALA B 47 2.71 -17.54 11.73
CA ALA B 47 1.43 -17.19 11.20
C ALA B 47 1.38 -17.03 9.70
N GLY B 48 0.22 -17.29 9.14
CA GLY B 48 0.00 -17.06 7.71
C GLY B 48 0.25 -18.33 6.97
N GLN B 49 -0.62 -18.63 6.01
CA GLN B 49 -0.51 -19.79 5.11
C GLN B 49 -0.40 -19.32 3.64
N ASN B 50 0.73 -19.60 3.01
CA ASN B 50 0.97 -19.06 1.69
C ASN B 50 0.32 -19.92 0.64
N PRO B 51 0.28 -19.45 -0.62
CA PRO B 51 -0.55 -20.15 -1.58
C PRO B 51 -0.11 -21.57 -1.86
N ARG B 52 1.18 -21.87 -1.71
CA ARG B 52 1.63 -23.25 -1.88
C ARG B 52 0.99 -24.03 -0.77
N THR B 53 1.11 -23.54 0.46
CA THR B 53 0.55 -24.24 1.63
C THR B 53 -0.93 -24.44 1.48
N MET B 54 -1.65 -23.42 1.07
CA MET B 54 -3.08 -23.55 0.76
C MET B 54 -3.39 -24.65 -0.25
N GLU B 55 -2.52 -24.81 -1.26
CA GLU B 55 -2.71 -25.88 -2.25
C GLU B 55 -2.67 -27.29 -1.62
N LEU B 56 -1.80 -27.44 -0.62
CA LEU B 56 -1.62 -28.73 0.04
C LEU B 56 -2.77 -28.86 1.08
N LEU B 57 -3.04 -27.83 1.85
CA LEU B 57 -4.22 -27.92 2.73
C LEU B 57 -5.50 -28.27 1.94
N ARG B 58 -5.65 -27.74 0.73
CA ARG B 58 -6.76 -28.11 -0.10
C ARG B 58 -6.75 -29.60 -0.42
N ILE B 59 -5.60 -30.12 -0.88
CA ILE B 59 -5.45 -31.59 -1.11
C ILE B 59 -5.82 -32.34 0.15
N GLY B 60 -5.32 -31.88 1.28
CA GLY B 60 -5.58 -32.48 2.58
C GLY B 60 -6.99 -32.42 3.11
N GLY B 61 -7.87 -31.62 2.46
CA GLY B 61 -9.29 -31.56 2.80
C GLY B 61 -9.58 -30.70 4.01
N VAL B 62 -8.64 -29.85 4.39
CA VAL B 62 -8.87 -28.95 5.51
C VAL B 62 -9.02 -27.50 5.09
N ALA B 63 -8.96 -27.25 3.79
CA ALA B 63 -8.92 -25.88 3.29
C ALA B 63 -10.12 -25.06 3.76
N ASP B 64 -11.31 -25.68 3.73
CA ASP B 64 -12.55 -24.98 4.14
C ASP B 64 -12.68 -24.66 5.64
N GLU B 65 -12.18 -25.53 6.51
CA GLU B 65 -12.04 -25.14 7.93
C GLU B 65 -10.96 -24.08 8.11
N VAL B 66 -9.87 -24.18 7.38
CA VAL B 66 -8.85 -23.17 7.51
C VAL B 66 -9.40 -21.80 7.16
N VAL B 67 -10.23 -21.74 6.14
CA VAL B 67 -10.79 -20.48 5.71
C VAL B 67 -11.83 -19.92 6.66
N ARG B 68 -12.55 -20.80 7.35
CA ARG B 68 -13.55 -20.36 8.36
C ARG B 68 -12.95 -19.89 9.70
N ALA B 69 -11.75 -20.36 10.01
CA ALA B 69 -11.20 -20.14 11.37
C ALA B 69 -10.70 -18.72 11.54
N ASP B 70 -10.50 -18.35 12.81
CA ASP B 70 -10.07 -17.00 13.15
C ASP B 70 -8.63 -16.76 12.71
N ASP B 71 -8.45 -15.70 11.93
CA ASP B 71 -7.16 -15.36 11.34
C ASP B 71 -6.60 -14.18 12.11
N ILE B 72 -5.54 -13.56 11.61
CA ILE B 72 -4.96 -12.50 12.35
C ILE B 72 -5.28 -11.16 11.73
N ARG B 73 -5.98 -11.15 10.60
CA ARG B 73 -6.36 -9.88 10.01
C ARG B 73 -7.18 -9.04 10.99
N GLY B 74 -7.33 -7.76 10.67
CA GLY B 74 -8.14 -6.86 11.49
C GLY B 74 -9.62 -7.10 11.27
N THR B 75 -10.44 -6.30 11.95
CA THR B 75 -11.90 -6.38 11.79
C THR B 75 -12.39 -5.91 10.42
N GLN B 76 -11.59 -5.13 9.72
CA GLN B 76 -11.94 -4.82 8.33
C GLN B 76 -11.38 -5.86 7.34
N GLY B 77 -10.86 -6.95 7.89
CA GLY B 77 -10.32 -8.07 7.10
C GLY B 77 -9.11 -7.74 6.25
N ASP B 78 -8.27 -6.84 6.76
CA ASP B 78 -7.17 -6.37 5.97
C ASP B 78 -5.89 -6.44 6.80
N PHE B 79 -4.76 -6.39 6.08
CA PHE B 79 -3.45 -6.62 6.66
C PHE B 79 -2.45 -5.84 5.86
N VAL B 80 -1.60 -5.08 6.52
CA VAL B 80 -0.63 -4.25 5.84
C VAL B 80 0.72 -4.65 6.31
N ILE B 81 1.72 -4.56 5.43
CA ILE B 81 3.15 -4.84 5.81
C ILE B 81 4.05 -3.68 5.49
N ARG B 82 4.80 -3.23 6.48
CA ARG B 82 5.49 -1.94 6.40
C ARG B 82 6.80 -1.85 7.14
N LEU B 83 7.72 -1.07 6.57
CA LEU B 83 8.84 -0.53 7.33
C LEU B 83 8.49 0.89 7.81
N ALA B 84 8.73 1.12 9.10
CA ALA B 84 8.43 2.39 9.77
C ALA B 84 9.31 2.54 10.99
N GLU B 85 9.36 3.78 11.49
CA GLU B 85 10.16 4.10 12.68
C GLU B 85 9.42 3.73 13.93
N SER B 86 8.10 3.85 13.88
CA SER B 86 7.29 3.40 14.97
C SER B 86 6.03 2.91 14.34
N VAL B 87 5.24 2.19 15.12
CA VAL B 87 4.03 1.62 14.56
C VAL B 87 3.09 2.75 14.09
N ARG B 88 2.56 3.52 15.02
CA ARG B 88 1.61 4.58 14.69
C ARG B 88 2.44 5.77 14.30
N GLY B 89 2.93 5.77 13.07
CA GLY B 89 3.90 6.75 12.66
C GLY B 89 4.07 6.79 11.16
N GLU B 90 5.23 7.28 10.74
CA GLU B 90 5.39 7.51 9.32
C GLU B 90 6.20 6.40 8.65
N ILE B 91 5.63 5.96 7.53
CA ILE B 91 6.01 4.78 6.80
C ILE B 91 7.27 4.95 5.96
N LEU B 92 8.35 4.28 6.36
CA LEU B 92 9.59 4.23 5.55
C LEU B 92 9.46 3.61 4.13
N ARG B 93 8.80 2.45 4.05
CA ARG B 93 8.51 1.76 2.77
C ARG B 93 7.35 0.80 3.05
N THR B 94 6.41 0.71 2.10
CA THR B 94 5.29 -0.20 2.22
C THR B 94 5.60 -1.43 1.40
N VAL B 95 5.73 -2.59 2.07
CA VAL B 95 5.91 -3.88 1.38
C VAL B 95 4.56 -4.26 0.77
N SER B 96 3.56 -4.52 1.61
CA SER B 96 2.21 -4.79 1.12
C SER B 96 1.19 -3.78 1.58
N GLU B 97 0.50 -3.19 0.60
CA GLU B 97 -0.47 -2.13 0.82
C GLU B 97 -1.73 -2.65 1.44
N SER B 98 -2.10 -3.89 1.11
CA SER B 98 -3.31 -4.53 1.65
C SER B 98 -3.25 -6.06 1.48
N PHE B 99 -4.18 -6.75 2.12
CA PHE B 99 -4.38 -8.19 1.96
C PHE B 99 -4.86 -8.61 0.55
N ASP B 100 -5.92 -7.94 0.06
CA ASP B 100 -6.47 -8.19 -1.28
C ASP B 100 -5.37 -8.13 -2.32
N ASP B 101 -4.37 -7.29 -2.05
CA ASP B 101 -3.25 -7.03 -2.96
C ASP B 101 -2.17 -8.02 -2.76
N MET B 102 -2.08 -8.57 -1.57
CA MET B 102 -1.11 -9.61 -1.27
C MET B 102 -1.50 -10.85 -2.01
N VAL B 103 -2.79 -11.19 -1.98
CA VAL B 103 -3.30 -12.34 -2.74
C VAL B 103 -3.13 -12.06 -4.23
N ALA B 104 -3.45 -10.83 -4.65
CA ALA B 104 -3.51 -10.47 -6.08
C ALA B 104 -2.15 -10.69 -6.74
N ALA B 105 -1.11 -10.52 -5.92
CA ALA B 105 0.24 -10.65 -6.38
C ALA B 105 0.56 -12.03 -7.03
N THR B 106 -0.08 -13.11 -6.55
CA THR B 106 0.13 -14.48 -7.11
C THR B 106 -1.10 -15.20 -7.71
N GLU B 107 -2.25 -14.56 -7.58
CA GLU B 107 -3.49 -15.06 -8.16
C GLU B 107 -3.50 -15.58 -9.61
N PRO B 108 -2.68 -15.02 -10.52
CA PRO B 108 -2.60 -15.70 -11.84
C PRO B 108 -1.73 -16.95 -11.88
N CYS B 109 -0.98 -17.28 -10.83
CA CYS B 109 -0.30 -18.60 -10.86
C CYS B 109 -0.85 -19.61 -9.86
N THR B 110 -1.99 -19.29 -9.25
CA THR B 110 -2.60 -20.25 -8.34
C THR B 110 -4.01 -19.87 -7.88
N PRO B 111 -4.88 -20.88 -7.72
CA PRO B 111 -6.28 -20.65 -7.33
C PRO B 111 -6.35 -20.52 -5.80
N ALA B 112 -5.35 -21.06 -5.11
CA ALA B 112 -5.29 -20.94 -3.66
C ALA B 112 -4.85 -19.51 -3.34
N GLY B 113 -5.13 -19.04 -2.15
CA GLY B 113 -4.65 -17.70 -1.85
C GLY B 113 -3.88 -17.80 -0.57
N TRP B 114 -4.07 -16.79 0.27
CA TRP B 114 -3.51 -16.82 1.60
C TRP B 114 -4.56 -17.21 2.64
N ALA B 115 -4.09 -17.78 3.72
CA ALA B 115 -4.83 -17.82 4.94
C ALA B 115 -3.93 -17.15 5.97
N MET B 116 -4.54 -16.74 7.07
CA MET B 116 -3.80 -15.98 8.05
C MET B 116 -3.95 -16.45 9.50
N LEU B 117 -4.12 -17.77 9.71
CA LEU B 117 -4.18 -18.25 11.08
C LEU B 117 -2.79 -18.24 11.71
N SER B 118 -2.77 -18.03 13.00
CA SER B 118 -1.58 -18.27 13.80
C SER B 118 -1.45 -19.79 14.01
N GLN B 119 -0.24 -20.22 14.35
CA GLN B 119 0.09 -21.65 14.56
C GLN B 119 -0.87 -22.38 15.46
N ASP B 120 -1.28 -21.75 16.55
CA ASP B 120 -2.20 -22.40 17.51
C ASP B 120 -3.64 -22.57 17.02
N LYS B 121 -3.99 -21.99 15.88
CA LYS B 121 -5.28 -22.29 15.28
C LYS B 121 -5.11 -23.33 14.15
N LEU B 122 -3.95 -23.33 13.52
CA LEU B 122 -3.71 -24.27 12.44
C LEU B 122 -3.48 -25.69 13.01
N GLU B 123 -2.68 -25.81 14.06
CA GLU B 123 -2.29 -27.15 14.56
C GLU B 123 -3.52 -27.98 15.01
N PRO B 124 -4.52 -27.33 15.65
CA PRO B 124 -5.74 -28.08 16.02
C PRO B 124 -6.44 -28.63 14.79
N ILE B 125 -6.53 -27.83 13.74
CA ILE B 125 -7.09 -28.37 12.52
C ILE B 125 -6.31 -29.61 11.95
N LEU B 126 -5.00 -29.52 11.79
CA LEU B 126 -4.20 -30.69 11.36
C LEU B 126 -4.40 -31.88 12.29
N LEU B 127 -4.23 -31.66 13.60
CA LEU B 127 -4.45 -32.77 14.50
C LEU B 127 -5.82 -33.41 14.35
N ALA B 128 -6.88 -32.59 14.33
CA ALA B 128 -8.26 -33.12 14.16
C ALA B 128 -8.50 -33.92 12.88
N GLN B 129 -7.92 -33.50 11.75
CA GLN B 129 -8.05 -34.21 10.52
C GLN B 129 -7.26 -35.53 10.50
N ALA B 130 -6.09 -35.53 11.16
CA ALA B 130 -5.28 -36.72 11.29
C ALA B 130 -6.09 -37.73 12.07
N ARG B 131 -6.73 -37.28 13.15
CA ARG B 131 -7.43 -38.20 14.05
C ARG B 131 -8.61 -38.82 13.36
N LYS B 132 -9.40 -38.00 12.67
CA LYS B 132 -10.53 -38.41 11.83
C LYS B 132 -10.16 -39.47 10.82
N HIS B 133 -8.94 -39.40 10.29
CA HIS B 133 -8.43 -40.45 9.39
C HIS B 133 -7.64 -41.55 10.03
N GLY B 134 -7.69 -41.62 11.36
CA GLY B 134 -7.16 -42.77 12.09
C GLY B 134 -5.81 -42.60 12.75
N GLY B 135 -5.30 -41.37 12.72
CA GLY B 135 -4.04 -40.97 13.33
C GLY B 135 -4.22 -40.74 14.80
N ALA B 136 -3.12 -40.83 15.53
CA ALA B 136 -3.22 -40.86 16.96
C ALA B 136 -2.16 -39.93 17.52
N ILE B 137 -2.36 -39.43 18.72
CA ILE B 137 -1.32 -38.63 19.37
C ILE B 137 -1.10 -39.02 20.83
N ARG B 138 0.14 -38.95 21.32
CA ARG B 138 0.31 -39.12 22.78
C ARG B 138 1.08 -37.97 23.36
N PHE B 139 0.39 -37.15 24.13
CA PHE B 139 1.04 -36.05 24.81
C PHE B 139 1.84 -36.52 26.03
N GLY B 140 2.73 -35.67 26.53
CA GLY B 140 3.49 -35.91 27.76
C GLY B 140 4.45 -37.06 27.55
N THR B 141 4.80 -37.28 26.30
CA THR B 141 5.55 -38.43 25.88
C THR B 141 6.83 -38.02 25.17
N ARG B 142 7.95 -38.59 25.61
CA ARG B 142 9.24 -38.09 25.15
C ARG B 142 10.10 -39.22 24.66
N LEU B 143 10.69 -39.05 23.48
CA LEU B 143 11.60 -40.03 22.90
C LEU B 143 12.93 -39.99 23.61
N LEU B 144 13.44 -41.14 24.02
CA LEU B 144 14.72 -41.17 24.74
C LEU B 144 15.87 -41.63 23.84
N SER B 145 15.67 -42.71 23.09
CA SER B 145 16.57 -43.12 22.02
C SER B 145 15.88 -44.14 21.10
N PHE B 146 16.59 -44.57 20.05
CA PHE B 146 16.07 -45.51 19.06
C PHE B 146 17.24 -46.29 18.45
N ARG B 147 16.96 -47.51 18.00
CA ARG B 147 17.92 -48.33 17.28
C ARG B 147 17.22 -48.71 15.98
N GLN B 148 18.01 -49.06 14.98
CA GLN B 148 17.43 -49.44 13.70
C GLN B 148 17.70 -50.90 13.40
N HIS B 149 16.92 -51.44 12.46
CA HIS B 149 16.94 -52.87 12.14
C HIS B 149 16.93 -53.06 10.63
N ASP B 150 18.03 -53.64 10.11
CA ASP B 150 18.18 -53.95 8.66
C ASP B 150 17.07 -54.86 8.17
N ASP B 151 16.81 -54.81 6.86
CA ASP B 151 15.76 -55.61 6.19
CA ASP B 151 15.74 -55.59 6.21
C ASP B 151 15.61 -57.05 6.70
N ASP B 152 16.72 -57.79 6.74
CA ASP B 152 16.64 -59.21 7.14
C ASP B 152 16.06 -59.39 8.53
N ALA B 153 16.42 -58.51 9.45
CA ALA B 153 15.97 -58.54 10.84
C ALA B 153 14.68 -57.70 11.13
N GLY B 154 14.18 -57.01 10.11
CA GLY B 154 12.94 -56.18 10.22
C GLY B 154 12.24 -56.10 8.84
N ALA B 155 12.27 -54.92 8.20
CA ALA B 155 13.02 -53.76 8.66
C ALA B 155 12.20 -52.95 9.63
N GLY B 156 12.85 -52.04 10.37
CA GLY B 156 12.17 -51.19 11.33
C GLY B 156 13.03 -50.28 12.18
N VAL B 157 12.41 -49.68 13.17
CA VAL B 157 13.08 -48.80 14.11
C VAL B 157 12.42 -49.11 15.43
N THR B 158 13.20 -49.32 16.48
CA THR B 158 12.59 -49.48 17.79
C THR B 158 12.94 -48.23 18.55
N ALA B 159 11.91 -47.59 19.08
CA ALA B 159 12.07 -46.35 19.79
C ALA B 159 11.72 -46.55 21.28
N ARG B 160 12.47 -45.84 22.13
CA ARG B 160 12.24 -45.84 23.54
C ARG B 160 11.61 -44.50 23.93
N LEU B 161 10.50 -44.57 24.69
CA LEU B 161 9.73 -43.36 25.01
C LEU B 161 9.55 -43.21 26.49
N ALA B 162 9.42 -41.97 26.94
CA ALA B 162 9.15 -41.67 28.33
C ALA B 162 7.75 -41.09 28.43
N GLY B 163 6.80 -41.93 28.80
CA GLY B 163 5.46 -41.47 29.07
C GLY B 163 5.25 -41.24 30.56
N PRO B 164 3.99 -41.05 30.95
CA PRO B 164 3.59 -40.80 32.32
C PRO B 164 3.68 -42.05 33.17
N ASP B 165 3.49 -43.22 32.57
CA ASP B 165 3.63 -44.41 33.38
C ASP B 165 5.08 -44.90 33.33
N GLY B 166 5.99 -44.00 32.94
CA GLY B 166 7.43 -44.31 32.70
C GLY B 166 7.76 -44.85 31.30
N GLU B 167 8.86 -45.59 31.19
CA GLU B 167 9.45 -46.00 29.92
C GLU B 167 8.87 -47.22 29.19
N TYR B 168 8.87 -47.18 27.86
CA TYR B 168 8.50 -48.32 27.05
C TYR B 168 9.08 -48.26 25.66
N ASP B 169 9.05 -49.39 24.99
CA ASP B 169 9.57 -49.51 23.63
C ASP B 169 8.41 -49.61 22.65
N LEU B 170 8.63 -49.03 21.47
CA LEU B 170 7.67 -49.00 20.35
C LEU B 170 8.39 -49.28 19.02
N ARG B 171 7.87 -50.25 18.25
CA ARG B 171 8.36 -50.58 16.91
C ARG B 171 7.61 -49.82 15.84
N ALA B 172 8.36 -49.04 15.05
CA ALA B 172 7.77 -48.41 13.91
C ALA B 172 8.46 -48.91 12.68
N GLY B 173 7.76 -48.79 11.54
CA GLY B 173 8.37 -48.98 10.22
C GLY B 173 9.31 -47.82 9.90
N TYR B 174 8.95 -46.64 10.38
CA TYR B 174 9.74 -45.45 10.10
C TYR B 174 9.65 -44.51 11.27
N LEU B 175 10.65 -43.63 11.41
CA LEU B 175 10.64 -42.67 12.51
C LEU B 175 10.96 -41.34 11.88
N VAL B 176 10.07 -40.38 12.10
CA VAL B 176 10.25 -39.05 11.56
C VAL B 176 10.61 -38.12 12.68
N GLY B 177 11.66 -37.35 12.48
CA GLY B 177 12.11 -36.50 13.58
C GLY B 177 11.55 -35.14 13.24
N ALA B 178 10.41 -34.79 13.84
CA ALA B 178 9.83 -33.49 13.68
C ALA B 178 10.00 -32.74 15.03
N ASP B 179 11.08 -33.03 15.71
CA ASP B 179 11.31 -32.60 17.08
C ASP B 179 12.12 -31.30 17.17
N GLY B 180 11.99 -30.42 16.16
CA GLY B 180 12.51 -29.06 16.28
C GLY B 180 14.01 -28.89 16.06
N ASN B 181 14.43 -27.63 16.22
CA ASN B 181 15.75 -27.13 15.90
C ASN B 181 16.88 -27.83 16.67
N ARG B 182 16.65 -28.08 17.97
CA ARG B 182 17.61 -28.78 18.81
C ARG B 182 17.22 -30.25 18.82
N SER B 183 17.21 -30.88 17.63
CA SER B 183 16.54 -32.13 17.40
C SER B 183 17.28 -33.30 18.02
N LEU B 184 16.68 -33.91 19.04
CA LEU B 184 17.23 -35.13 19.62
C LEU B 184 17.51 -36.08 18.47
N VAL B 185 16.58 -36.20 17.53
CA VAL B 185 16.81 -37.15 16.43
C VAL B 185 18.08 -36.84 15.62
N ARG B 186 18.13 -35.67 14.99
CA ARG B 186 19.29 -35.26 14.17
C ARG B 186 20.62 -35.42 14.93
N GLU B 187 20.61 -34.93 16.16
CA GLU B 187 21.81 -34.85 16.93
C GLU B 187 22.22 -36.24 17.37
N SER B 188 21.25 -37.15 17.54
CA SER B 188 21.55 -38.54 17.87
C SER B 188 22.21 -39.29 16.74
N LEU B 189 21.91 -38.89 15.52
CA LEU B 189 22.42 -39.57 14.32
C LEU B 189 23.78 -38.99 13.92
N GLY B 190 24.24 -37.97 14.67
CA GLY B 190 25.49 -37.24 14.41
C GLY B 190 25.56 -36.51 13.05
N ILE B 191 24.43 -35.95 12.62
CA ILE B 191 24.32 -35.27 11.35
C ILE B 191 24.60 -33.82 11.59
N GLY B 192 25.53 -33.25 10.86
CA GLY B 192 25.79 -31.83 11.06
C GLY B 192 24.93 -30.95 10.18
N ARG B 193 24.89 -29.66 10.52
CA ARG B 193 24.22 -28.68 9.67
C ARG B 193 25.24 -27.78 8.94
N TYR B 194 24.76 -27.01 7.99
CA TYR B 194 25.59 -26.09 7.22
C TYR B 194 24.75 -24.84 6.97
N GLY B 195 25.40 -23.76 6.54
CA GLY B 195 24.73 -22.52 6.20
C GLY B 195 25.38 -21.35 6.92
N HIS B 196 24.76 -20.17 6.84
CA HIS B 196 25.25 -18.95 7.50
C HIS B 196 25.41 -19.05 9.01
N GLY B 197 24.62 -19.91 9.65
CA GLY B 197 24.64 -20.02 11.13
C GLY B 197 23.91 -18.90 11.80
N THR B 198 24.33 -18.57 13.02
CA THR B 198 23.71 -17.48 13.73
C THR B 198 23.54 -16.23 12.85
N LEU B 199 22.34 -15.64 12.90
CA LEU B 199 22.05 -14.39 12.22
C LEU B 199 21.90 -13.17 13.17
N THR B 200 21.09 -13.31 14.20
CA THR B 200 20.85 -12.21 15.10
C THR B 200 20.10 -12.73 16.28
N HIS B 201 20.05 -11.98 17.36
CA HIS B 201 19.27 -12.39 18.51
C HIS B 201 18.21 -11.36 18.77
N MET B 202 17.07 -11.79 19.28
CA MET B 202 15.92 -10.95 19.41
C MET B 202 15.12 -11.44 20.62
N VAL B 203 14.28 -10.60 21.18
CA VAL B 203 13.43 -11.00 22.31
C VAL B 203 12.02 -10.71 21.92
N GLY B 204 11.16 -11.71 22.07
CA GLY B 204 9.78 -11.61 21.67
C GLY B 204 8.98 -11.40 22.91
N VAL B 205 7.97 -10.56 22.80
CA VAL B 205 7.11 -10.21 23.90
C VAL B 205 5.73 -10.25 23.33
N ILE B 206 4.94 -11.19 23.84
CA ILE B 206 3.52 -11.27 23.59
C ILE B 206 2.91 -10.50 24.75
N PHE B 207 2.05 -9.55 24.43
CA PHE B 207 1.46 -8.68 25.43
C PHE B 207 0.01 -8.36 25.09
N ASP B 208 -0.73 -7.87 26.08
CA ASP B 208 -2.11 -7.45 25.86
C ASP B 208 -2.22 -5.98 26.07
N ALA B 209 -3.05 -5.37 25.25
CA ALA B 209 -3.35 -3.97 25.38
C ALA B 209 -4.41 -3.56 24.38
N ASP B 210 -5.34 -2.75 24.84
CA ASP B 210 -6.27 -2.15 23.93
C ASP B 210 -5.66 -0.94 23.20
N LEU B 211 -5.36 -1.15 21.93
CA LEU B 211 -4.77 -0.13 21.07
C LEU B 211 -5.82 0.68 20.31
N SER B 212 -7.08 0.36 20.57
CA SER B 212 -8.21 0.99 19.90
C SER B 212 -7.99 2.47 19.89
N GLY B 213 -7.31 2.97 20.93
CA GLY B 213 -7.08 4.40 21.06
C GLY B 213 -6.00 4.90 20.12
N ILE B 214 -4.89 4.18 20.03
CA ILE B 214 -3.68 4.71 19.37
C ILE B 214 -3.28 4.12 18.02
N MET B 215 -4.17 3.35 17.42
CA MET B 215 -3.91 2.84 16.10
C MET B 215 -5.11 3.21 15.25
N GLU B 216 -4.89 3.86 14.12
CA GLU B 216 -5.98 4.24 13.22
C GLU B 216 -6.77 3.01 12.76
N PRO B 217 -8.08 3.17 12.45
CA PRO B 217 -8.79 2.02 11.87
C PRO B 217 -8.03 1.42 10.65
N GLY B 218 -8.31 0.14 10.36
CA GLY B 218 -7.73 -0.60 9.22
C GLY B 218 -6.21 -0.64 9.19
N THR B 219 -5.57 -0.65 10.35
CA THR B 219 -4.13 -0.47 10.36
C THR B 219 -3.34 -1.69 10.95
N THR B 220 -4.02 -2.80 11.00
CA THR B 220 -3.43 -4.07 11.44
C THR B 220 -2.45 -4.58 10.43
N GLY B 221 -1.31 -5.06 10.91
CA GLY B 221 -0.39 -5.72 10.03
C GLY B 221 0.96 -5.89 10.69
N TRP B 222 1.95 -6.27 9.89
CA TRP B 222 3.28 -6.58 10.34
C TRP B 222 4.19 -5.40 10.04
N TYR B 223 4.95 -4.99 11.08
CA TYR B 223 5.76 -3.82 11.06
C TYR B 223 7.22 -4.16 11.30
N TYR B 224 8.10 -3.74 10.38
CA TYR B 224 9.53 -3.70 10.63
C TYR B 224 9.95 -2.33 11.20
N LEU B 225 10.42 -2.37 12.45
CA LEU B 225 10.68 -1.19 13.20
C LEU B 225 12.12 -0.76 13.11
N HIS B 226 12.33 0.42 12.52
CA HIS B 226 13.67 1.05 12.50
C HIS B 226 13.61 2.32 13.32
N HIS B 227 13.83 2.10 14.61
CA HIS B 227 13.60 3.11 15.65
C HIS B 227 14.93 3.66 16.09
N PRO B 228 14.98 4.98 16.42
CA PRO B 228 16.25 5.50 16.89
C PRO B 228 16.84 4.56 17.92
N GLU B 229 16.03 4.18 18.91
CA GLU B 229 16.51 3.37 20.02
C GLU B 229 16.71 1.86 19.79
N PHE B 230 15.93 1.23 18.91
CA PHE B 230 15.99 -0.25 18.76
C PHE B 230 15.63 -0.79 17.39
N LYS B 231 15.95 -2.08 17.16
CA LYS B 231 15.57 -2.71 15.93
C LYS B 231 14.64 -3.82 16.23
N GLY B 232 13.52 -3.91 15.49
CA GLY B 232 12.52 -4.99 15.68
C GLY B 232 11.31 -5.04 14.74
N THR B 233 10.25 -5.70 15.21
CA THR B 233 9.09 -6.04 14.41
C THR B 233 7.94 -6.14 15.37
N PHE B 234 6.73 -6.00 14.84
CA PHE B 234 5.57 -5.89 15.64
C PHE B 234 4.38 -6.40 14.85
N GLY B 235 3.60 -7.25 15.50
CA GLY B 235 2.44 -7.86 14.86
C GLY B 235 1.09 -7.98 15.60
N PRO B 236 0.08 -8.41 14.85
CA PRO B 236 -1.24 -8.79 15.36
C PRO B 236 -1.30 -10.25 15.76
N THR B 237 -2.36 -10.56 16.48
CA THR B 237 -2.82 -11.93 16.65
C THR B 237 -4.32 -11.95 16.31
N ASP B 238 -4.96 -13.07 16.55
CA ASP B 238 -6.37 -13.26 16.24
C ASP B 238 -7.31 -12.71 17.30
N ARG B 239 -6.75 -12.26 18.42
CA ARG B 239 -7.53 -11.50 19.40
C ARG B 239 -7.16 -10.04 19.16
N PRO B 240 -8.18 -9.16 19.01
CA PRO B 240 -7.88 -7.77 18.77
C PRO B 240 -7.05 -7.10 19.88
N ASP B 241 -6.90 -7.73 21.04
CA ASP B 241 -6.30 -7.07 22.22
C ASP B 241 -4.93 -7.67 22.51
N ARG B 242 -4.48 -8.58 21.64
CA ARG B 242 -3.20 -9.27 21.85
C ARG B 242 -2.22 -9.14 20.67
N HIS B 243 -0.98 -8.74 20.96
CA HIS B 243 0.00 -8.35 19.96
C HIS B 243 1.36 -8.95 20.28
N THR B 244 2.24 -9.03 19.26
CA THR B 244 3.64 -9.39 19.49
C THR B 244 4.64 -8.26 19.20
N LEU B 245 5.82 -8.33 19.83
CA LEU B 245 6.85 -7.36 19.61
C LEU B 245 8.18 -8.03 19.77
N PHE B 246 9.05 -7.84 18.77
CA PHE B 246 10.38 -8.44 18.81
C PHE B 246 11.40 -7.31 18.80
N VAL B 247 12.46 -7.44 19.59
CA VAL B 247 13.46 -6.37 19.70
C VAL B 247 14.81 -7.00 19.58
N GLU B 248 15.57 -6.54 18.59
CA GLU B 248 16.94 -7.01 18.37
C GLU B 248 17.85 -6.60 19.50
N TYR B 249 18.91 -7.38 19.70
CA TYR B 249 19.90 -7.09 20.73
C TYR B 249 21.21 -7.78 20.43
N ASP B 250 22.28 -7.11 20.84
CA ASP B 250 23.64 -7.59 20.55
C ASP B 250 24.22 -8.31 21.77
N PRO B 251 24.56 -9.61 21.65
CA PRO B 251 25.31 -10.21 22.77
C PRO B 251 26.78 -9.79 22.80
N ASP B 252 27.36 -9.46 21.64
CA ASP B 252 28.81 -9.14 21.61
C ASP B 252 29.06 -7.78 22.22
N GLU B 253 28.01 -6.95 22.21
CA GLU B 253 27.97 -5.67 22.95
C GLU B 253 27.56 -5.85 24.43
N GLY B 254 27.35 -7.08 24.89
CA GLY B 254 27.13 -7.36 26.32
C GLY B 254 25.68 -7.51 26.75
N GLU B 255 24.75 -7.40 25.79
CA GLU B 255 23.31 -7.38 26.07
C GLU B 255 22.81 -8.81 26.20
N ARG B 256 21.81 -9.02 27.05
CA ARG B 256 21.30 -10.37 27.33
C ARG B 256 19.77 -10.40 27.43
N PRO B 257 19.15 -11.58 27.29
CA PRO B 257 17.70 -11.64 27.48
C PRO B 257 17.26 -11.20 28.90
N GLU B 258 18.07 -11.55 29.90
CA GLU B 258 17.84 -11.12 31.29
C GLU B 258 17.63 -9.58 31.47
N ASP B 259 18.14 -8.76 30.55
CA ASP B 259 17.94 -7.28 30.59
C ASP B 259 16.58 -6.81 30.21
N PHE B 260 15.85 -7.67 29.53
CA PHE B 260 14.50 -7.36 29.10
C PHE B 260 13.61 -7.77 30.24
N THR B 261 13.64 -6.96 31.29
CA THR B 261 12.74 -7.03 32.41
C THR B 261 11.36 -6.55 31.94
N PRO B 262 10.30 -6.87 32.69
CA PRO B 262 8.97 -6.40 32.40
C PRO B 262 8.97 -4.91 32.11
N GLN B 263 9.95 -4.26 32.72
CA GLN B 263 10.10 -2.81 32.72
C GLN B 263 10.51 -2.34 31.35
N ARG B 264 11.72 -2.76 31.00
CA ARG B 264 12.28 -2.51 29.70
C ARG B 264 11.18 -2.81 28.65
N CYS B 265 10.49 -3.94 28.85
CA CYS B 265 9.53 -4.45 27.88
C CYS B 265 8.41 -3.48 27.71
N VAL B 266 7.79 -3.06 28.81
CA VAL B 266 6.70 -2.10 28.71
C VAL B 266 7.23 -0.79 28.10
N GLU B 267 8.48 -0.48 28.43
CA GLU B 267 9.15 0.72 27.94
C GLU B 267 9.29 0.68 26.41
N LEU B 268 9.96 -0.37 25.91
CA LEU B 268 10.11 -0.62 24.49
C LEU B 268 8.77 -0.65 23.74
N ILE B 269 7.72 -1.19 24.39
CA ILE B 269 6.35 -1.23 23.85
C ILE B 269 5.82 0.18 23.69
N GLY B 270 6.14 1.03 24.67
CA GLY B 270 5.76 2.47 24.66
C GLY B 270 6.43 3.17 23.51
N LEU B 271 7.72 2.85 23.32
CA LEU B 271 8.50 3.36 22.21
C LEU B 271 8.02 2.87 20.85
N ALA B 272 7.80 1.57 20.71
CA ALA B 272 7.36 1.03 19.39
C ALA B 272 6.02 1.62 18.98
N LEU B 273 5.19 1.92 19.97
CA LEU B 273 3.85 2.43 19.70
C LEU B 273 3.80 3.93 19.66
N ASP B 274 4.77 4.61 20.28
CA ASP B 274 4.75 6.08 20.39
C ASP B 274 3.46 6.55 21.05
N ALA B 275 3.13 5.85 22.12
CA ALA B 275 2.00 6.15 22.96
C ALA B 275 2.38 5.65 24.33
N PRO B 276 2.53 6.58 25.30
CA PRO B 276 2.71 6.18 26.70
C PRO B 276 1.43 6.15 27.60
N GLU B 277 0.22 6.29 27.03
CA GLU B 277 -1.03 5.89 27.74
C GLU B 277 -1.09 4.37 27.94
N VAL B 278 -0.12 3.64 27.38
CA VAL B 278 -0.15 2.17 27.36
C VAL B 278 0.30 1.49 28.64
N LYS B 279 -0.61 0.73 29.22
CA LYS B 279 -0.22 -0.19 30.26
C LYS B 279 -0.50 -1.53 29.61
N PRO B 280 0.56 -2.21 29.17
CA PRO B 280 0.41 -3.56 28.63
C PRO B 280 0.38 -4.61 29.74
N GLU B 281 -0.13 -5.80 29.42
CA GLU B 281 0.04 -6.92 30.32
C GLU B 281 0.86 -7.95 29.56
N LEU B 282 2.05 -8.19 30.10
CA LEU B 282 3.02 -9.04 29.42
C LEU B 282 2.68 -10.50 29.59
N VAL B 283 2.54 -11.20 28.48
CA VAL B 283 2.19 -12.61 28.51
C VAL B 283 3.44 -13.45 28.64
N ASP B 284 4.42 -13.19 27.77
CA ASP B 284 5.67 -13.99 27.66
C ASP B 284 6.80 -13.12 27.14
N ILE B 285 7.99 -13.30 27.73
CA ILE B 285 9.20 -12.65 27.28
C ILE B 285 10.26 -13.70 26.98
N GLN B 286 10.55 -13.91 25.71
CA GLN B 286 11.43 -14.98 25.30
C GLN B 286 12.53 -14.48 24.35
N GLY B 287 13.75 -14.91 24.65
CA GLY B 287 14.85 -14.70 23.78
C GLY B 287 14.82 -15.79 22.73
N TRP B 288 15.27 -15.41 21.53
CA TRP B 288 15.34 -16.27 20.39
C TRP B 288 16.63 -15.91 19.67
N GLU B 289 17.39 -16.93 19.32
CA GLU B 289 18.49 -16.75 18.44
C GLU B 289 18.07 -17.20 17.08
N MET B 290 18.12 -16.29 16.13
CA MET B 290 17.77 -16.62 14.79
C MET B 290 18.97 -17.05 14.03
N ALA B 291 18.78 -18.03 13.13
CA ALA B 291 19.87 -18.63 12.43
C ALA B 291 19.42 -19.15 11.09
N ALA B 292 20.41 -19.63 10.33
CA ALA B 292 20.13 -20.39 9.13
C ALA B 292 20.96 -21.67 9.20
N ARG B 293 20.31 -22.83 9.34
CA ARG B 293 21.04 -24.12 9.42
C ARG B 293 20.28 -25.23 8.69
N ILE B 294 21.00 -25.99 7.86
CA ILE B 294 20.39 -27.11 7.14
C ILE B 294 21.09 -28.47 7.42
N ALA B 295 20.31 -29.46 7.83
CA ALA B 295 20.89 -30.80 8.00
C ALA B 295 21.52 -31.22 6.68
N GLU B 296 22.71 -31.83 6.75
CA GLU B 296 23.43 -32.32 5.59
C GLU B 296 22.86 -33.60 5.12
N ARG B 297 21.96 -34.20 5.89
CA ARG B 297 21.19 -35.37 5.49
C ARG B 297 19.82 -35.28 6.08
N TRP B 298 18.82 -35.75 5.35
CA TRP B 298 17.45 -35.68 5.82
C TRP B 298 16.90 -37.06 6.10
N ARG B 299 17.79 -38.03 6.17
CA ARG B 299 17.42 -39.41 6.22
C ARG B 299 18.65 -40.29 6.41
N GLU B 300 18.56 -41.17 7.41
CA GLU B 300 19.48 -42.27 7.67
C GLU B 300 18.60 -43.53 7.87
N GLY B 301 18.66 -44.44 6.88
CA GLY B 301 17.92 -45.70 6.87
C GLY B 301 16.44 -45.41 6.83
N ARG B 302 15.81 -45.48 8.01
CA ARG B 302 14.38 -45.36 8.11
C ARG B 302 13.99 -44.20 9.03
N VAL B 303 14.99 -43.43 9.40
CA VAL B 303 14.80 -42.23 10.19
C VAL B 303 14.90 -41.01 9.30
N PHE B 304 14.00 -40.04 9.52
CA PHE B 304 13.89 -38.82 8.70
C PHE B 304 13.87 -37.57 9.58
N LEU B 305 14.40 -36.48 9.06
CA LEU B 305 14.23 -35.22 9.71
C LEU B 305 13.27 -34.56 8.81
N ALA B 306 12.54 -33.65 9.41
CA ALA B 306 11.51 -32.93 8.76
C ALA B 306 11.46 -31.68 9.56
N GLY B 307 11.09 -30.56 8.92
CA GLY B 307 10.75 -29.30 9.62
C GLY B 307 11.99 -28.56 10.09
N ASP B 308 11.90 -27.89 11.23
CA ASP B 308 13.04 -27.23 11.87
C ASP B 308 14.22 -28.18 12.14
N ALA B 309 13.95 -29.43 12.44
CA ALA B 309 15.00 -30.41 12.69
C ALA B 309 15.91 -30.53 11.48
N ALA B 310 15.34 -30.37 10.26
CA ALA B 310 16.09 -30.46 9.00
C ALA B 310 16.58 -29.11 8.51
N LYS B 311 15.93 -28.06 8.96
CA LYS B 311 16.34 -26.75 8.54
C LYS B 311 15.67 -25.65 9.31
N VAL B 312 16.48 -24.74 9.79
CA VAL B 312 16.05 -23.56 10.49
C VAL B 312 16.36 -22.42 9.56
N THR B 313 15.37 -21.56 9.38
CA THR B 313 15.49 -20.39 8.57
C THR B 313 15.24 -19.21 9.44
N PRO B 314 15.70 -18.03 9.00
CA PRO B 314 15.24 -16.89 9.75
C PRO B 314 13.74 -16.80 9.56
N PRO B 315 13.05 -16.27 10.57
CA PRO B 315 11.60 -16.12 10.43
C PRO B 315 11.23 -15.14 9.34
N THR B 316 12.18 -14.36 8.86
CA THR B 316 11.78 -13.26 7.95
C THR B 316 11.10 -13.79 6.72
N GLY B 317 9.90 -13.28 6.44
CA GLY B 317 9.18 -13.60 5.20
C GLY B 317 8.14 -14.67 5.48
N GLY B 318 7.95 -14.98 6.75
CA GLY B 318 6.89 -15.90 7.18
C GLY B 318 6.88 -17.25 6.48
N MET B 319 8.00 -17.96 6.50
CA MET B 319 8.11 -19.21 5.77
C MET B 319 8.42 -20.39 6.71
N SER B 320 8.64 -20.09 7.98
CA SER B 320 9.05 -21.12 8.92
C SER B 320 8.02 -22.22 8.99
N GLY B 321 6.75 -21.88 9.19
CA GLY B 321 5.70 -22.88 9.32
C GLY B 321 5.32 -23.50 7.98
N ASN B 322 5.32 -22.65 6.96
CA ASN B 322 4.96 -23.07 5.61
C ASN B 322 5.94 -24.18 5.07
N ALA B 323 7.21 -24.08 5.40
CA ALA B 323 8.20 -25.14 5.01
C ALA B 323 8.01 -26.49 5.71
N ALA B 324 7.74 -26.43 7.01
CA ALA B 324 7.47 -27.65 7.78
C ALA B 324 6.26 -28.39 7.21
N VAL B 325 5.18 -27.63 6.89
CA VAL B 325 3.94 -28.19 6.40
C VAL B 325 4.27 -28.92 5.14
N ALA B 326 5.05 -28.24 4.30
CA ALA B 326 5.39 -28.79 3.01
C ALA B 326 6.31 -30.01 3.10
N ASP B 327 7.30 -29.99 4.01
CA ASP B 327 8.17 -31.18 4.23
C ASP B 327 7.29 -32.34 4.59
N GLY B 328 6.28 -32.05 5.41
CA GLY B 328 5.40 -33.10 5.87
C GLY B 328 4.63 -33.68 4.72
N PHE B 329 4.17 -32.81 3.83
CA PHE B 329 3.40 -33.25 2.70
C PHE B 329 4.22 -34.20 1.83
N ASP B 330 5.52 -33.91 1.74
CA ASP B 330 6.36 -34.58 0.78
C ASP B 330 6.62 -35.95 1.33
N LEU B 331 7.14 -35.95 2.56
CA LEU B 331 7.37 -37.16 3.28
C LEU B 331 6.11 -38.04 3.30
N ALA B 332 4.97 -37.46 3.62
CA ALA B 332 3.75 -38.27 3.64
C ALA B 332 3.52 -39.12 2.34
N TRP B 333 3.34 -38.46 1.20
CA TRP B 333 2.89 -39.22 0.01
C TRP B 333 3.91 -40.28 -0.48
N LYS B 334 5.17 -39.92 -0.41
CA LYS B 334 6.25 -40.84 -0.72
C LYS B 334 6.29 -42.00 0.30
N LEU B 335 6.19 -41.74 1.60
CA LEU B 335 6.08 -42.85 2.54
C LEU B 335 4.85 -43.75 2.30
N ALA B 336 3.72 -43.15 1.92
CA ALA B 336 2.45 -43.90 1.72
C ALA B 336 2.66 -44.78 0.54
N ALA B 337 3.09 -44.18 -0.56
CA ALA B 337 3.32 -44.99 -1.77
C ALA B 337 4.24 -46.20 -1.49
N VAL B 338 5.34 -45.98 -0.78
CA VAL B 338 6.26 -47.10 -0.45
C VAL B 338 5.63 -48.09 0.53
N LEU B 339 4.78 -47.60 1.42
CA LEU B 339 4.24 -48.51 2.42
C LEU B 339 3.16 -49.39 1.86
N GLN B 340 2.48 -48.93 0.83
CA GLN B 340 1.42 -49.72 0.25
C GLN B 340 1.95 -50.52 -0.92
N GLY B 341 3.25 -50.49 -1.17
CA GLY B 341 3.75 -51.28 -2.29
C GLY B 341 3.63 -50.58 -3.64
N GLN B 342 3.34 -49.28 -3.64
CA GLN B 342 3.14 -48.53 -4.89
C GLN B 342 4.46 -48.06 -5.46
N ALA B 343 5.47 -48.01 -4.58
CA ALA B 343 6.79 -47.51 -4.92
C ALA B 343 7.87 -48.28 -4.17
N GLY B 344 9.05 -48.35 -4.76
CA GLY B 344 10.21 -48.98 -4.15
C GLY B 344 10.99 -47.98 -3.31
N ALA B 345 11.89 -48.47 -2.47
CA ALA B 345 12.57 -47.64 -1.49
C ALA B 345 13.32 -46.48 -2.13
N GLY B 346 13.65 -46.61 -3.39
CA GLY B 346 14.34 -45.53 -4.07
C GLY B 346 13.57 -44.21 -4.06
N LEU B 347 12.25 -44.26 -3.98
CA LEU B 347 11.45 -43.05 -4.00
C LEU B 347 11.78 -42.25 -2.77
N LEU B 348 11.91 -42.90 -1.63
CA LEU B 348 12.33 -42.19 -0.41
C LEU B 348 13.63 -41.33 -0.50
N ASP B 349 14.50 -41.57 -1.49
CA ASP B 349 15.70 -40.72 -1.60
C ASP B 349 15.32 -39.37 -2.20
N THR B 350 14.22 -39.31 -2.92
CA THR B 350 13.82 -38.05 -3.51
C THR B 350 13.39 -37.04 -2.44
N TYR B 351 13.04 -37.55 -1.26
CA TYR B 351 12.68 -36.64 -0.18
C TYR B 351 13.85 -35.66 0.06
N GLU B 352 15.02 -36.24 0.33
CA GLU B 352 16.20 -35.41 0.57
C GLU B 352 16.49 -34.52 -0.62
N ASP B 353 16.82 -35.13 -1.77
CA ASP B 353 17.15 -34.40 -2.99
C ASP B 353 16.24 -33.23 -3.25
N GLU B 354 14.94 -33.41 -3.06
CA GLU B 354 13.94 -32.35 -3.31
C GLU B 354 13.77 -31.33 -2.20
N ARG B 355 13.50 -31.82 -1.01
CA ARG B 355 13.21 -30.92 0.11
C ARG B 355 14.45 -30.21 0.63
N LYS B 356 15.61 -30.84 0.46
CA LYS B 356 16.86 -30.20 0.87
C LYS B 356 17.14 -28.98 0.04
N VAL B 357 16.92 -29.06 -1.27
CA VAL B 357 17.02 -27.91 -2.14
C VAL B 357 16.00 -26.84 -1.70
N ALA B 358 14.73 -27.22 -1.51
CA ALA B 358 13.71 -26.21 -1.06
C ALA B 358 14.13 -25.50 0.24
N ALA B 359 14.81 -26.24 1.12
CA ALA B 359 15.25 -25.65 2.37
C ALA B 359 16.26 -24.54 2.09
N GLU B 360 17.07 -24.73 1.05
CA GLU B 360 18.07 -23.73 0.64
C GLU B 360 17.36 -22.53 0.00
N LEU B 361 16.41 -22.79 -0.88
CA LEU B 361 15.65 -21.74 -1.48
C LEU B 361 14.98 -20.87 -0.42
N VAL B 362 14.41 -21.51 0.60
CA VAL B 362 13.68 -20.82 1.65
C VAL B 362 14.60 -20.00 2.53
N VAL B 363 15.67 -20.63 2.98
CA VAL B 363 16.71 -19.95 3.73
C VAL B 363 17.35 -18.74 3.01
N ALA B 364 17.65 -18.91 1.73
CA ALA B 364 18.18 -17.80 0.91
C ALA B 364 17.17 -16.65 0.81
N GLU B 365 15.92 -16.97 0.53
CA GLU B 365 14.91 -15.92 0.49
C GLU B 365 14.80 -15.14 1.84
N ALA B 366 14.92 -15.86 2.95
CA ALA B 366 14.65 -15.24 4.23
C ALA B 366 15.84 -14.33 4.57
N LEU B 367 17.04 -14.78 4.26
CA LEU B 367 18.20 -13.94 4.49
C LEU B 367 18.03 -12.67 3.68
N ALA B 368 17.70 -12.85 2.42
CA ALA B 368 17.52 -11.72 1.51
C ALA B 368 16.42 -10.75 1.94
N ILE B 369 15.42 -11.26 2.67
CA ILE B 369 14.40 -10.39 3.23
C ILE B 369 14.93 -9.68 4.49
N TYR B 370 15.74 -10.40 5.26
CA TYR B 370 16.27 -9.87 6.51
C TYR B 370 17.09 -8.67 6.17
N ALA B 371 17.87 -8.79 5.09
CA ALA B 371 18.64 -7.64 4.57
C ALA B 371 17.77 -6.48 4.06
N GLN B 372 16.79 -6.77 3.22
CA GLN B 372 15.99 -5.71 2.60
C GLN B 372 15.10 -4.98 3.57
N ARG B 373 14.74 -5.65 4.67
CA ARG B 373 13.69 -5.14 5.59
C ARG B 373 14.16 -4.83 7.01
N MET B 374 15.30 -5.39 7.40
CA MET B 374 15.85 -5.26 8.76
C MET B 374 17.33 -4.86 8.83
N ALA B 375 18.10 -5.23 7.81
CA ALA B 375 19.55 -4.93 7.80
C ALA B 375 20.06 -4.59 6.41
N PRO B 376 19.63 -3.44 5.85
CA PRO B 376 20.01 -3.08 4.46
C PRO B 376 21.51 -3.16 4.24
N HIS B 377 22.25 -2.91 5.29
CA HIS B 377 23.69 -2.93 5.20
C HIS B 377 24.27 -4.33 4.98
N MET B 378 23.45 -5.36 5.00
CA MET B 378 23.97 -6.72 4.93
C MET B 378 23.72 -7.35 3.58
N ALA B 379 22.99 -6.67 2.71
CA ALA B 379 22.57 -7.23 1.45
C ALA B 379 23.63 -8.04 0.67
N GLU B 380 24.89 -7.67 0.74
CA GLU B 380 25.94 -8.40 0.00
C GLU B 380 26.68 -9.47 0.74
N VAL B 381 26.31 -9.69 1.97
CA VAL B 381 26.81 -10.85 2.65
C VAL B 381 26.13 -12.03 1.94
N TRP B 382 24.92 -11.81 1.41
CA TRP B 382 24.18 -12.93 0.85
C TRP B 382 23.71 -12.60 -0.51
N ASP B 383 23.53 -13.62 -1.34
CA ASP B 383 22.95 -13.43 -2.68
C ASP B 383 21.65 -12.65 -2.58
N LYS B 384 21.32 -11.94 -3.64
CA LYS B 384 20.16 -11.12 -3.67
C LYS B 384 18.94 -12.02 -3.77
N SER B 385 17.75 -11.52 -3.43
CA SER B 385 16.52 -12.29 -3.62
C SER B 385 16.27 -12.72 -5.07
N VAL B 386 15.82 -13.97 -5.19
CA VAL B 386 15.51 -14.58 -6.47
C VAL B 386 14.03 -14.28 -6.77
N GLY B 387 13.31 -13.85 -5.73
CA GLY B 387 11.91 -13.42 -5.84
C GLY B 387 11.06 -14.27 -4.92
N TYR B 388 10.28 -13.63 -4.09
CA TYR B 388 9.33 -14.35 -3.21
C TYR B 388 8.42 -15.37 -3.95
N PRO B 389 7.68 -14.96 -5.00
CA PRO B 389 6.83 -15.99 -5.65
C PRO B 389 7.61 -17.07 -6.43
N GLU B 390 8.75 -16.76 -7.03
CA GLU B 390 9.55 -17.81 -7.65
C GLU B 390 10.07 -18.84 -6.60
N THR B 391 10.37 -18.38 -5.41
CA THR B 391 10.79 -19.26 -4.32
C THR B 391 9.64 -20.10 -3.72
N LEU B 392 8.43 -19.54 -3.62
CA LEU B 392 7.31 -20.31 -3.07
C LEU B 392 6.49 -21.07 -4.11
N LEU B 393 6.37 -20.54 -5.33
CA LEU B 393 5.52 -21.13 -6.36
C LEU B 393 6.22 -21.44 -7.69
N GLY B 394 7.41 -20.87 -7.91
CA GLY B 394 8.20 -21.10 -9.13
C GLY B 394 9.38 -22.07 -8.95
N PHE B 395 9.50 -22.65 -7.75
CA PHE B 395 10.56 -23.59 -7.46
C PHE B 395 10.63 -24.86 -8.30
N ARG B 396 11.84 -25.35 -8.49
CA ARG B 396 11.95 -26.56 -9.24
C ARG B 396 12.69 -27.65 -8.46
N TYR B 397 12.10 -28.84 -8.41
CA TYR B 397 12.73 -30.10 -7.94
C TYR B 397 13.61 -30.79 -9.00
N ARG B 398 14.67 -31.44 -8.58
CA ARG B 398 15.33 -32.48 -9.41
C ARG B 398 15.54 -33.70 -8.52
N SER B 399 15.28 -34.88 -9.08
CA SER B 399 15.52 -36.15 -8.43
C SER B 399 15.11 -37.29 -9.36
N SER B 400 15.22 -38.51 -8.86
CA SER B 400 14.81 -39.66 -9.63
C SER B 400 13.30 -39.62 -9.96
N ALA B 401 12.59 -38.73 -9.30
CA ALA B 401 11.13 -38.65 -9.50
C ALA B 401 10.77 -37.48 -10.39
N VAL B 402 11.77 -36.95 -11.09
CA VAL B 402 11.54 -35.90 -12.09
C VAL B 402 12.36 -36.29 -13.31
N LEU B 403 11.68 -36.47 -14.43
CA LEU B 403 12.26 -36.85 -15.68
C LEU B 403 12.40 -35.60 -16.52
N ALA B 404 13.50 -34.91 -16.30
CA ALA B 404 13.77 -33.66 -17.02
C ALA B 404 14.71 -33.96 -18.20
N THR B 405 14.44 -33.35 -19.35
CA THR B 405 15.28 -33.50 -20.54
C THR B 405 16.44 -32.48 -20.54
N ASP B 406 16.11 -31.21 -20.27
CA ASP B 406 17.11 -30.13 -20.24
C ASP B 406 18.02 -30.28 -19.05
N ASP B 407 19.07 -29.47 -19.00
CA ASP B 407 19.78 -29.28 -17.73
C ASP B 407 20.10 -27.79 -17.60
N ASP B 408 19.06 -27.02 -17.29
CA ASP B 408 19.16 -25.63 -16.91
C ASP B 408 19.39 -25.64 -15.38
N PRO B 409 20.43 -24.93 -14.91
CA PRO B 409 20.82 -25.07 -13.49
C PRO B 409 19.90 -24.27 -12.57
N ALA B 410 19.00 -23.48 -13.18
CA ALA B 410 18.09 -22.58 -12.45
C ALA B 410 17.24 -23.41 -11.50
N ARG B 411 16.95 -22.83 -10.34
CA ARG B 411 16.23 -23.54 -9.29
C ARG B 411 14.82 -23.01 -9.15
N VAL B 412 14.51 -21.94 -9.90
CA VAL B 412 13.20 -21.32 -9.93
C VAL B 412 12.88 -20.81 -11.33
N GLU B 413 11.64 -20.47 -11.58
CA GLU B 413 11.27 -19.75 -12.81
C GLU B 413 10.16 -18.79 -12.41
N ASN B 414 9.97 -17.72 -13.16
CA ASN B 414 8.85 -16.85 -12.87
C ASN B 414 7.57 -17.70 -12.91
N PRO B 415 6.94 -17.90 -11.76
CA PRO B 415 5.77 -18.74 -11.72
C PRO B 415 4.65 -18.14 -12.54
N LEU B 416 4.76 -16.85 -12.84
CA LEU B 416 3.76 -16.16 -13.64
C LEU B 416 3.82 -16.44 -15.13
N THR B 417 4.98 -16.80 -15.62
CA THR B 417 5.15 -17.23 -17.01
C THR B 417 5.81 -18.59 -16.91
N PRO B 418 5.03 -19.64 -16.62
CA PRO B 418 5.62 -20.95 -16.30
C PRO B 418 6.08 -21.65 -17.57
N SER B 419 6.88 -22.69 -17.42
CA SER B 419 7.38 -23.45 -18.58
C SER B 419 6.64 -24.78 -18.85
N GLY B 420 5.85 -25.24 -17.89
CA GLY B 420 5.50 -26.66 -17.86
C GLY B 420 6.67 -27.70 -17.69
N ARG B 421 7.93 -27.28 -17.58
CA ARG B 421 8.97 -28.32 -17.55
C ARG B 421 8.78 -29.24 -16.31
N PRO B 422 9.03 -30.55 -16.43
CA PRO B 422 9.20 -31.41 -15.27
C PRO B 422 10.00 -30.74 -14.20
N GLY B 423 9.56 -30.91 -12.97
CA GLY B 423 10.20 -30.30 -11.83
C GLY B 423 9.39 -29.16 -11.24
N PHE B 424 8.65 -28.46 -12.06
CA PHE B 424 7.87 -27.32 -11.54
C PHE B 424 6.42 -27.70 -11.20
N ARG B 425 5.72 -26.84 -10.47
CA ARG B 425 4.26 -27.07 -10.33
C ARG B 425 3.64 -27.06 -11.71
N GLY B 426 2.71 -27.98 -11.94
CA GLY B 426 1.80 -27.85 -13.10
C GLY B 426 1.28 -26.41 -13.10
N PRO B 427 1.27 -25.75 -14.25
CA PRO B 427 0.66 -24.43 -14.28
C PRO B 427 -0.81 -24.38 -13.88
N HIS B 428 -1.17 -23.28 -13.26
CA HIS B 428 -2.55 -22.85 -13.09
C HIS B 428 -3.13 -22.41 -14.42
N VAL B 429 -4.18 -23.09 -14.85
CA VAL B 429 -4.96 -22.69 -16.01
C VAL B 429 -6.44 -22.94 -15.74
N LEU B 430 -7.29 -21.96 -16.10
CA LEU B 430 -8.73 -22.05 -15.86
C LEU B 430 -9.32 -22.94 -16.92
N VAL B 431 -10.20 -23.84 -16.53
CA VAL B 431 -10.75 -24.86 -17.44
C VAL B 431 -12.05 -25.25 -16.74
N SER B 432 -12.77 -26.23 -17.28
CA SER B 432 -14.05 -26.62 -16.71
C SER B 432 -14.38 -28.03 -17.05
N ARG B 433 -14.97 -28.73 -16.10
CA ARG B 433 -15.45 -30.08 -16.35
C ARG B 433 -16.92 -30.05 -16.63
N HIS B 434 -17.27 -29.98 -17.91
CA HIS B 434 -18.65 -30.14 -18.30
C HIS B 434 -19.49 -29.00 -17.70
N GLY B 435 -18.85 -28.01 -17.09
CA GLY B 435 -19.58 -26.86 -16.59
C GLY B 435 -18.92 -26.32 -15.37
N GLU B 436 -18.27 -27.21 -14.63
CA GLU B 436 -17.68 -26.82 -13.39
C GLU B 436 -16.35 -26.17 -13.73
N ARG B 437 -16.22 -24.91 -13.34
CA ARG B 437 -15.04 -24.11 -13.66
C ARG B 437 -14.04 -24.25 -12.51
N LEU B 438 -12.79 -24.60 -12.85
CA LEU B 438 -11.78 -24.97 -11.86
C LEU B 438 -10.37 -24.62 -12.37
N SER B 439 -9.39 -24.53 -11.48
CA SER B 439 -7.97 -24.53 -11.89
C SER B 439 -7.44 -25.92 -12.17
N THR B 440 -6.69 -26.07 -13.26
CA THR B 440 -5.85 -27.27 -13.48
C THR B 440 -5.14 -27.75 -12.18
N VAL B 441 -4.88 -26.81 -11.28
CA VAL B 441 -4.23 -27.10 -10.03
C VAL B 441 -5.19 -27.82 -9.09
N ASP B 442 -6.49 -27.51 -9.18
CA ASP B 442 -7.48 -28.22 -8.34
C ASP B 442 -7.73 -29.64 -8.81
N LEU B 443 -7.21 -29.99 -10.01
CA LEU B 443 -7.22 -31.39 -10.48
C LEU B 443 -6.25 -32.34 -9.72
N PHE B 444 -5.20 -31.79 -9.15
CA PHE B 444 -4.12 -32.58 -8.56
C PHE B 444 -4.32 -33.10 -7.09
N GLY B 445 -3.60 -34.14 -6.73
CA GLY B 445 -3.52 -34.58 -5.34
C GLY B 445 -4.22 -35.88 -4.94
N ASP B 446 -5.11 -36.40 -5.77
CA ASP B 446 -5.70 -37.69 -5.48
C ASP B 446 -4.58 -38.71 -5.47
N GLY B 447 -4.13 -39.05 -6.67
CA GLY B 447 -2.96 -39.82 -6.91
C GLY B 447 -2.29 -39.01 -7.99
N TRP B 448 -2.04 -39.64 -9.12
CA TRP B 448 -1.35 -38.98 -10.21
C TRP B 448 -2.39 -38.51 -11.22
N THR B 449 -2.13 -37.39 -11.85
CA THR B 449 -3.01 -36.88 -12.82
C THR B 449 -2.20 -36.77 -14.09
N LEU B 450 -2.89 -36.96 -15.23
CA LEU B 450 -2.23 -36.91 -16.56
C LEU B 450 -3.09 -36.12 -17.51
N LEU B 451 -2.58 -34.98 -17.96
CA LEU B 451 -3.30 -34.16 -18.95
C LEU B 451 -2.80 -34.46 -20.33
N ALA B 452 -3.73 -34.74 -21.25
CA ALA B 452 -3.37 -35.12 -22.58
C ALA B 452 -3.88 -34.07 -23.51
N GLY B 453 -3.18 -33.91 -24.62
CA GLY B 453 -3.57 -32.98 -25.64
C GLY B 453 -4.78 -33.47 -26.39
N GLU B 454 -5.36 -32.57 -27.17
CA GLU B 454 -6.60 -32.77 -27.94
C GLU B 454 -6.72 -34.12 -28.60
N LEU B 455 -5.64 -34.54 -29.26
CA LEU B 455 -5.55 -35.76 -30.03
C LEU B 455 -5.10 -36.94 -29.19
N GLY B 456 -4.87 -36.70 -27.90
CA GLY B 456 -4.17 -37.68 -27.11
C GLY B 456 -5.07 -38.65 -26.41
N ALA B 457 -6.09 -39.18 -27.10
CA ALA B 457 -6.99 -40.20 -26.55
C ALA B 457 -6.24 -41.49 -26.20
N ASP B 458 -5.17 -41.78 -26.94
CA ASP B 458 -4.39 -42.95 -26.59
C ASP B 458 -3.86 -42.81 -25.14
N TRP B 459 -3.36 -41.62 -24.80
CA TRP B 459 -2.80 -41.34 -23.46
C TRP B 459 -3.84 -41.60 -22.36
N VAL B 460 -5.09 -41.18 -22.63
CA VAL B 460 -6.20 -41.43 -21.70
C VAL B 460 -6.46 -42.92 -21.50
N ALA B 461 -6.45 -43.69 -22.56
CA ALA B 461 -6.59 -45.14 -22.45
C ALA B 461 -5.40 -45.76 -21.68
N ALA B 462 -4.25 -45.11 -21.75
CA ALA B 462 -3.03 -45.59 -21.13
C ALA B 462 -3.09 -45.42 -19.62
N ALA B 463 -3.76 -44.35 -19.21
CA ALA B 463 -3.81 -43.93 -17.83
C ALA B 463 -4.49 -45.01 -17.05
N GLU B 464 -5.50 -45.62 -17.68
CA GLU B 464 -6.25 -46.67 -17.02
C GLU B 464 -5.48 -47.97 -17.07
N ALA B 465 -4.90 -48.26 -18.22
CA ALA B 465 -4.09 -49.50 -18.37
C ALA B 465 -2.99 -49.52 -17.37
N VAL B 466 -2.36 -48.36 -17.15
CA VAL B 466 -1.19 -48.28 -16.26
C VAL B 466 -1.57 -48.25 -14.76
N SER B 467 -2.67 -47.56 -14.40
CA SER B 467 -3.24 -47.60 -13.02
C SER B 467 -3.47 -49.01 -12.58
N ALA B 468 -4.27 -49.74 -13.34
CA ALA B 468 -4.50 -51.16 -13.12
C ALA B 468 -3.17 -51.94 -13.08
N GLU B 469 -2.28 -51.72 -14.02
CA GLU B 469 -1.03 -52.44 -14.01
C GLU B 469 -0.23 -52.28 -12.69
N LEU B 470 0.00 -51.03 -12.28
CA LEU B 470 0.87 -50.71 -11.14
C LEU B 470 0.12 -50.55 -9.83
N GLY B 471 -1.22 -50.64 -9.87
CA GLY B 471 -2.03 -50.26 -8.72
C GLY B 471 -1.83 -48.83 -8.16
N VAL B 472 -1.60 -47.87 -9.05
CA VAL B 472 -1.56 -46.46 -8.68
C VAL B 472 -2.74 -45.68 -9.31
N PRO B 473 -3.39 -44.77 -8.58
CA PRO B 473 -4.43 -43.99 -9.34
C PRO B 473 -3.92 -42.95 -10.37
N VAL B 474 -4.32 -43.11 -11.61
CA VAL B 474 -4.04 -42.14 -12.64
C VAL B 474 -5.36 -41.61 -13.26
N ARG B 475 -5.73 -40.41 -12.85
CA ARG B 475 -6.83 -39.78 -13.49
C ARG B 475 -6.29 -39.11 -14.75
N ALA B 476 -6.95 -39.37 -15.87
CA ALA B 476 -6.57 -38.71 -17.09
C ALA B 476 -7.62 -37.73 -17.53
N TYR B 477 -7.16 -36.64 -18.09
CA TYR B 477 -8.05 -35.60 -18.62
C TYR B 477 -7.55 -35.22 -19.98
N ARG B 478 -8.50 -35.01 -20.89
CA ARG B 478 -8.15 -34.69 -22.24
C ARG B 478 -8.82 -33.40 -22.66
N VAL B 479 -8.00 -32.50 -23.17
CA VAL B 479 -8.44 -31.22 -23.68
C VAL B 479 -9.49 -31.40 -24.75
N GLY B 480 -10.47 -30.48 -24.75
CA GLY B 480 -11.43 -30.40 -25.84
C GLY B 480 -12.33 -31.60 -25.77
N ALA B 481 -12.11 -32.43 -24.73
CA ALA B 481 -12.88 -33.64 -24.54
C ALA B 481 -13.60 -33.51 -23.19
N GLY B 482 -13.13 -34.23 -22.17
CA GLY B 482 -13.73 -34.16 -20.84
C GLY B 482 -13.24 -32.95 -20.02
N LEU B 483 -12.36 -32.18 -20.63
CA LEU B 483 -11.87 -30.95 -20.04
C LEU B 483 -11.95 -29.82 -21.07
N THR B 484 -12.77 -28.80 -20.79
CA THR B 484 -13.00 -27.71 -21.73
C THR B 484 -11.93 -26.62 -21.59
N ASP B 485 -11.28 -26.28 -22.70
CA ASP B 485 -10.34 -25.19 -22.74
C ASP B 485 -10.92 -24.10 -23.67
N PRO B 486 -11.49 -23.04 -23.06
CA PRO B 486 -12.10 -21.94 -23.81
C PRO B 486 -11.00 -21.18 -24.54
N GLU B 487 -9.95 -20.81 -23.81
CA GLU B 487 -8.84 -20.02 -24.37
C GLU B 487 -7.81 -20.87 -25.15
N SER B 488 -7.95 -22.20 -25.09
CA SER B 488 -6.98 -23.11 -25.70
C SER B 488 -5.54 -22.96 -25.14
N ALA B 489 -5.41 -23.01 -23.82
CA ALA B 489 -4.12 -22.66 -23.16
C ALA B 489 -3.46 -23.74 -22.32
N VAL B 490 -4.06 -24.93 -22.22
CA VAL B 490 -3.46 -26.02 -21.44
C VAL B 490 -2.26 -26.62 -22.20
N SER B 491 -2.44 -26.90 -23.48
CA SER B 491 -1.42 -27.43 -24.37
C SER B 491 -0.18 -26.60 -24.28
N GLU B 492 -0.42 -25.31 -24.49
CA GLU B 492 0.64 -24.33 -24.55
C GLU B 492 1.33 -24.14 -23.22
N ARG B 493 0.61 -24.00 -22.13
CA ARG B 493 1.26 -23.77 -20.84
C ARG B 493 2.07 -24.99 -20.26
N TYR B 494 1.56 -26.20 -20.49
CA TYR B 494 2.15 -27.48 -20.10
C TYR B 494 3.14 -27.97 -21.16
N GLY B 495 3.07 -27.35 -22.33
CA GLY B 495 3.95 -27.71 -23.44
C GLY B 495 3.70 -29.08 -24.04
N ILE B 496 2.44 -29.45 -24.17
CA ILE B 496 2.05 -30.82 -24.61
C ILE B 496 1.52 -30.88 -26.05
N GLY B 497 1.39 -29.73 -26.70
CA GLY B 497 0.87 -29.61 -28.06
C GLY B 497 -0.49 -30.27 -28.19
N LYS B 498 -0.80 -30.74 -29.41
CA LYS B 498 -2.02 -31.45 -29.69
C LYS B 498 -1.94 -32.92 -29.31
N ALA B 499 -0.76 -33.52 -29.41
CA ALA B 499 -0.69 -34.98 -29.29
C ALA B 499 -0.01 -35.47 -28.03
N GLY B 500 0.73 -34.60 -27.37
CA GLY B 500 1.39 -34.91 -26.10
C GLY B 500 0.57 -35.12 -24.83
N ALA B 501 1.29 -35.11 -23.71
CA ALA B 501 0.78 -35.43 -22.39
C ALA B 501 1.73 -34.87 -21.33
N SER B 502 1.18 -34.63 -20.16
CA SER B 502 1.95 -34.19 -18.99
C SER B 502 1.50 -35.01 -17.76
N LEU B 503 2.45 -35.64 -17.06
CA LEU B 503 2.15 -36.42 -15.87
C LEU B 503 2.50 -35.59 -14.63
N VAL B 504 1.52 -35.45 -13.78
CA VAL B 504 1.65 -34.65 -12.59
C VAL B 504 1.52 -35.53 -11.35
N ARG B 505 2.53 -35.45 -10.48
CA ARG B 505 2.59 -36.22 -9.25
C ARG B 505 1.51 -35.83 -8.24
N PRO B 506 1.53 -36.45 -7.05
CA PRO B 506 0.56 -36.20 -5.99
C PRO B 506 0.71 -34.84 -5.33
N ASP B 507 1.83 -34.17 -5.51
CA ASP B 507 2.06 -32.87 -4.87
C ASP B 507 1.90 -31.73 -5.87
N GLY B 508 1.60 -32.10 -7.11
CA GLY B 508 1.16 -31.12 -8.10
C GLY B 508 2.28 -30.67 -9.01
N ILE B 509 3.38 -31.42 -8.98
CA ILE B 509 4.65 -31.12 -9.60
C ILE B 509 4.70 -31.98 -10.82
N VAL B 510 5.32 -31.50 -11.88
CA VAL B 510 5.25 -32.22 -13.16
C VAL B 510 6.43 -33.18 -13.12
N ALA B 511 6.16 -34.47 -13.30
CA ALA B 511 7.21 -35.50 -13.27
C ALA B 511 7.78 -35.73 -14.66
N TRP B 512 7.01 -35.45 -15.71
CA TRP B 512 7.32 -35.90 -17.05
C TRP B 512 6.34 -35.28 -18.02
N ARG B 513 6.76 -35.08 -19.28
CA ARG B 513 5.88 -34.65 -20.35
C ARG B 513 6.41 -34.92 -21.76
N THR B 514 5.53 -34.83 -22.76
CA THR B 514 5.96 -34.87 -24.19
C THR B 514 5.07 -33.95 -25.00
N ASP B 515 5.62 -33.40 -26.09
CA ASP B 515 4.81 -32.56 -26.97
C ASP B 515 4.41 -33.25 -28.29
N GLU B 516 4.53 -34.57 -28.33
CA GLU B 516 4.15 -35.33 -29.54
C GLU B 516 3.57 -36.63 -29.07
N ALA B 517 3.20 -37.50 -30.00
CA ALA B 517 2.68 -38.80 -29.64
C ALA B 517 3.79 -39.90 -29.52
N ALA B 518 3.56 -40.88 -28.64
CA ALA B 518 4.48 -41.99 -28.51
C ALA B 518 4.12 -43.07 -29.50
N ALA B 519 5.08 -43.98 -29.73
CA ALA B 519 4.81 -45.19 -30.50
C ALA B 519 3.71 -46.01 -29.84
N ASP B 520 3.85 -46.22 -28.54
CA ASP B 520 2.91 -47.03 -27.81
C ASP B 520 2.74 -46.26 -26.49
N ALA B 521 1.55 -45.65 -26.31
CA ALA B 521 1.37 -44.71 -25.21
C ALA B 521 1.45 -45.42 -23.88
N ALA B 522 1.00 -46.67 -23.88
CA ALA B 522 0.89 -47.45 -22.65
C ALA B 522 2.27 -48.00 -22.18
N GLN B 523 3.10 -48.47 -23.11
CA GLN B 523 4.47 -48.95 -22.83
C GLN B 523 5.35 -47.76 -22.33
N THR B 524 5.31 -46.64 -23.03
CA THR B 524 5.98 -45.38 -22.61
C THR B 524 5.56 -44.88 -21.22
N LEU B 525 4.24 -44.84 -20.99
CA LEU B 525 3.70 -44.39 -19.71
C LEU B 525 3.99 -45.32 -18.55
N GLU B 526 4.05 -46.61 -18.82
CA GLU B 526 4.36 -47.56 -17.81
C GLU B 526 5.86 -47.48 -17.51
N GLY B 527 6.69 -47.12 -18.48
CA GLY B 527 8.13 -47.01 -18.25
C GLY B 527 8.44 -45.76 -17.44
N VAL B 528 7.73 -44.69 -17.76
CA VAL B 528 7.81 -43.40 -17.07
C VAL B 528 7.40 -43.51 -15.62
N LEU B 529 6.28 -44.20 -15.35
CA LEU B 529 5.84 -44.50 -13.98
C LEU B 529 6.69 -45.52 -13.19
N ARG B 530 7.13 -46.58 -13.85
CA ARG B 530 8.05 -47.54 -13.22
C ARG B 530 9.27 -46.84 -12.69
N ARG B 531 9.73 -45.84 -13.44
CA ARG B 531 10.95 -45.21 -13.15
C ARG B 531 10.86 -44.30 -11.90
N VAL B 532 9.93 -43.33 -11.93
CA VAL B 532 9.79 -42.39 -10.85
C VAL B 532 9.30 -43.07 -9.58
N LEU B 533 8.61 -44.20 -9.68
CA LEU B 533 8.15 -44.88 -8.46
C LEU B 533 9.17 -45.91 -7.99
N ASP B 534 10.30 -45.96 -8.69
CA ASP B 534 11.30 -46.97 -8.42
C ASP B 534 10.83 -48.44 -8.48
N ARG B 535 10.04 -48.80 -9.50
CA ARG B 535 9.67 -50.21 -9.71
C ARG B 535 10.37 -50.68 -10.98
N MET C 1 -21.00 -23.43 0.83
CA MET C 1 -21.73 -22.51 1.76
C MET C 1 -23.22 -22.23 1.52
N ASN C 2 -23.96 -22.13 2.62
CA ASN C 2 -25.41 -21.83 2.58
C ASN C 2 -25.77 -20.35 2.27
N ASP C 3 -26.71 -20.17 1.34
CA ASP C 3 -27.32 -18.85 1.09
C ASP C 3 -27.88 -18.42 2.42
N HIS C 4 -27.71 -17.14 2.76
CA HIS C 4 -28.52 -16.64 3.91
C HIS C 4 -29.94 -16.97 3.61
N GLU C 5 -30.71 -17.17 4.67
CA GLU C 5 -32.13 -17.46 4.55
C GLU C 5 -32.92 -16.19 4.33
N VAL C 6 -32.38 -15.10 4.86
CA VAL C 6 -32.98 -13.77 4.71
C VAL C 6 -31.83 -12.78 4.64
N ASP C 7 -32.02 -11.65 3.97
CA ASP C 7 -30.92 -10.71 3.77
C ASP C 7 -30.85 -9.87 5.05
N VAL C 8 -32.01 -9.41 5.54
CA VAL C 8 -32.08 -8.60 6.75
C VAL C 8 -33.12 -9.22 7.66
N LEU C 9 -32.71 -9.43 8.93
CA LEU C 9 -33.62 -9.71 10.03
C LEU C 9 -33.84 -8.48 10.93
N VAL C 10 -35.05 -7.94 10.91
CA VAL C 10 -35.42 -6.76 11.70
C VAL C 10 -36.12 -7.26 12.96
N VAL C 11 -35.72 -6.73 14.11
CA VAL C 11 -36.21 -7.25 15.41
C VAL C 11 -37.04 -6.24 16.14
N GLY C 12 -38.36 -6.49 16.24
CA GLY C 12 -39.33 -5.49 16.75
C GLY C 12 -40.24 -4.90 15.69
N ALA C 13 -41.50 -4.64 16.08
CA ALA C 13 -42.53 -4.29 15.08
C ALA C 13 -43.15 -2.96 15.40
N GLY C 14 -42.41 -2.14 16.13
CA GLY C 14 -42.75 -0.74 16.24
C GLY C 14 -42.44 0.06 14.99
N LEU C 15 -42.26 1.36 15.14
CA LEU C 15 -42.25 2.18 13.97
C LEU C 15 -40.89 2.11 13.37
N GLY C 16 -39.87 1.95 14.17
CA GLY C 16 -38.53 1.87 13.60
C GLY C 16 -38.38 0.62 12.77
N GLY C 17 -38.78 -0.54 13.31
CA GLY C 17 -38.71 -1.82 12.63
C GLY C 17 -39.56 -1.95 11.39
N LEU C 18 -40.78 -1.42 11.44
CA LEU C 18 -41.69 -1.54 10.28
C LEU C 18 -41.26 -0.64 9.12
N SER C 19 -40.79 0.57 9.45
CA SER C 19 -40.15 1.47 8.49
C SER C 19 -38.96 0.80 7.77
N THR C 20 -37.94 0.35 8.53
CA THR C 20 -36.80 -0.42 7.97
C THR C 20 -37.31 -1.54 7.06
N ALA C 21 -38.24 -2.37 7.51
CA ALA C 21 -38.73 -3.41 6.60
C ALA C 21 -39.46 -2.85 5.35
N MET C 22 -40.42 -1.94 5.55
CA MET C 22 -41.17 -1.37 4.45
C MET C 22 -40.18 -0.87 3.42
N PHE C 23 -39.24 -0.03 3.83
CA PHE C 23 -38.31 0.51 2.84
C PHE C 23 -37.30 -0.50 2.27
N LEU C 24 -36.96 -1.55 3.02
CA LEU C 24 -36.05 -2.55 2.51
C LEU C 24 -36.77 -3.37 1.46
N ALA C 25 -38.03 -3.68 1.74
CA ALA C 25 -38.79 -4.56 0.90
C ALA C 25 -39.05 -3.90 -0.44
N ARG C 26 -39.34 -2.60 -0.42
CA ARG C 26 -39.56 -1.84 -1.64
C ARG C 26 -38.35 -1.88 -2.56
N GLN C 27 -37.20 -2.26 -2.02
CA GLN C 27 -35.96 -2.28 -2.76
C GLN C 27 -35.57 -3.73 -3.23
N GLY C 28 -36.44 -4.70 -2.94
CA GLY C 28 -36.28 -6.07 -3.45
C GLY C 28 -35.45 -6.92 -2.46
N VAL C 29 -35.31 -6.38 -1.23
CA VAL C 29 -34.52 -6.98 -0.18
C VAL C 29 -35.40 -8.00 0.59
N ARG C 30 -34.94 -9.26 0.73
CA ARG C 30 -35.61 -10.26 1.53
C ARG C 30 -35.46 -9.91 3.03
N VAL C 31 -36.56 -9.48 3.64
CA VAL C 31 -36.52 -8.98 4.99
C VAL C 31 -37.59 -9.71 5.83
N LEU C 32 -37.27 -9.99 7.10
CA LEU C 32 -38.16 -10.69 8.01
C LEU C 32 -38.19 -9.92 9.30
N VAL C 33 -39.41 -9.62 9.78
CA VAL C 33 -39.55 -8.82 10.94
C VAL C 33 -40.08 -9.70 12.06
N VAL C 34 -39.48 -9.61 13.25
CA VAL C 34 -39.92 -10.54 14.25
C VAL C 34 -40.41 -9.82 15.42
N GLU C 35 -41.49 -10.31 16.01
CA GLU C 35 -42.10 -9.50 17.00
C GLU C 35 -42.56 -10.44 18.05
N ARG C 36 -42.09 -10.20 19.27
CA ARG C 36 -42.41 -11.09 20.39
C ARG C 36 -43.87 -11.12 20.71
N ARG C 37 -44.54 -9.99 20.59
CA ARG C 37 -45.98 -9.87 20.76
C ARG C 37 -46.78 -10.63 19.70
N PRO C 38 -47.98 -11.13 20.08
CA PRO C 38 -48.90 -11.86 19.24
C PRO C 38 -49.56 -11.00 18.15
N GLY C 39 -49.42 -9.68 18.24
CA GLY C 39 -50.08 -8.78 17.27
C GLY C 39 -49.65 -7.36 17.45
N LEU C 40 -49.78 -6.52 16.42
CA LEU C 40 -49.46 -5.08 16.57
C LEU C 40 -50.35 -4.50 17.64
N SER C 41 -49.81 -3.56 18.42
CA SER C 41 -50.50 -2.90 19.51
C SER C 41 -51.56 -1.96 18.94
N PRO C 42 -52.78 -1.97 19.54
CA PRO C 42 -53.87 -1.01 19.19
C PRO C 42 -53.70 0.35 19.89
N TYR C 43 -52.76 0.44 20.84
CA TYR C 43 -52.55 1.71 21.58
C TYR C 43 -51.92 2.76 20.71
N PRO C 44 -52.36 4.02 20.86
CA PRO C 44 -51.97 5.19 20.04
C PRO C 44 -50.48 5.58 20.10
N ARG C 45 -49.88 5.46 21.28
CA ARG C 45 -48.48 5.75 21.40
C ARG C 45 -48.11 7.06 20.63
N ALA C 46 -47.10 7.04 19.75
CA ALA C 46 -46.63 8.26 19.08
C ALA C 46 -47.53 8.70 17.91
N ALA C 47 -47.95 9.96 17.91
CA ALA C 47 -48.94 10.39 16.94
C ALA C 47 -48.41 11.51 16.09
N GLY C 48 -48.99 11.69 14.91
CA GLY C 48 -48.61 12.83 14.08
C GLY C 48 -47.40 12.44 13.29
N GLN C 49 -47.46 12.76 12.00
CA GLN C 49 -46.37 12.61 11.05
C GLN C 49 -45.95 13.99 10.54
N ASN C 50 -44.70 14.36 10.77
CA ASN C 50 -44.24 15.66 10.42
C ASN C 50 -43.82 15.75 8.94
N PRO C 51 -43.50 16.96 8.46
CA PRO C 51 -43.17 17.07 7.05
C PRO C 51 -42.02 16.29 6.53
N ARG C 52 -41.04 16.01 7.37
CA ARG C 52 -39.90 15.19 6.90
C ARG C 52 -40.34 13.74 6.78
N THR C 53 -41.10 13.26 7.75
CA THR C 53 -41.71 11.91 7.68
C THR C 53 -42.67 11.76 6.49
N MET C 54 -43.49 12.76 6.24
CA MET C 54 -44.32 12.78 5.02
C MET C 54 -43.56 12.79 3.72
N GLU C 55 -42.36 13.37 3.71
CA GLU C 55 -41.47 13.27 2.50
C GLU C 55 -40.99 11.83 2.20
N LEU C 56 -40.71 11.10 3.29
CA LEU C 56 -40.22 9.72 3.20
C LEU C 56 -41.40 8.74 2.95
N LEU C 57 -42.54 8.99 3.60
CA LEU C 57 -43.73 8.18 3.32
C LEU C 57 -44.18 8.37 1.88
N ARG C 58 -43.96 9.56 1.34
CA ARG C 58 -44.23 9.83 -0.05
C ARG C 58 -43.30 9.01 -0.95
N ILE C 59 -42.00 9.00 -0.62
CA ILE C 59 -41.02 8.17 -1.35
C ILE C 59 -41.46 6.73 -1.27
N GLY C 60 -41.95 6.35 -0.10
CA GLY C 60 -42.38 4.99 0.18
C GLY C 60 -43.67 4.53 -0.46
N GLY C 61 -44.36 5.44 -1.15
CA GLY C 61 -45.63 5.09 -1.82
C GLY C 61 -46.79 4.82 -0.86
N VAL C 62 -46.72 5.33 0.35
CA VAL C 62 -47.82 5.17 1.28
C VAL C 62 -48.54 6.47 1.66
N ALA C 63 -48.07 7.59 1.11
CA ALA C 63 -48.54 8.92 1.45
C ALA C 63 -50.04 9.10 1.22
N ASP C 64 -50.54 8.64 0.08
CA ASP C 64 -52.00 8.70 -0.16
C ASP C 64 -52.86 7.85 0.79
N GLU C 65 -52.42 6.64 1.17
CA GLU C 65 -53.14 5.91 2.27
C GLU C 65 -53.03 6.60 3.60
N VAL C 66 -51.90 7.21 3.87
CA VAL C 66 -51.76 7.92 5.15
C VAL C 66 -52.77 9.09 5.24
N VAL C 67 -52.92 9.79 4.13
CA VAL C 67 -53.80 10.94 4.07
C VAL C 67 -55.28 10.56 4.14
N ARG C 68 -55.64 9.37 3.62
CA ARG C 68 -57.05 8.90 3.69
C ARG C 68 -57.43 8.38 5.08
N ALA C 69 -56.45 7.87 5.84
CA ALA C 69 -56.78 7.18 7.10
C ALA C 69 -57.28 8.12 8.17
N ASP C 70 -57.93 7.55 9.17
CA ASP C 70 -58.39 8.29 10.34
C ASP C 70 -57.24 8.84 11.19
N ASP C 71 -57.23 10.16 11.32
CA ASP C 71 -56.22 10.86 12.08
C ASP C 71 -56.76 11.16 13.45
N ILE C 72 -56.04 11.98 14.22
CA ILE C 72 -56.52 12.38 15.53
C ILE C 72 -57.18 13.76 15.59
N ARG C 73 -57.25 14.50 14.48
CA ARG C 73 -57.91 15.82 14.48
C ARG C 73 -59.38 15.65 14.84
N GLY C 74 -60.02 16.76 15.23
CA GLY C 74 -61.46 16.76 15.51
C GLY C 74 -62.33 16.74 14.26
N THR C 75 -63.65 16.69 14.45
CA THR C 75 -64.59 16.62 13.30
C THR C 75 -64.53 17.88 12.43
N GLN C 76 -64.08 19.00 12.96
CA GLN C 76 -63.88 20.17 12.11
C GLN C 76 -62.51 20.17 11.45
N GLY C 77 -61.83 19.02 11.52
CA GLY C 77 -60.50 18.82 10.92
C GLY C 77 -59.42 19.76 11.42
N ASP C 78 -59.48 20.10 12.72
CA ASP C 78 -58.56 21.08 13.28
C ASP C 78 -57.97 20.59 14.60
N PHE C 79 -56.88 21.23 15.03
CA PHE C 79 -56.07 20.72 16.12
C PHE C 79 -55.32 21.86 16.69
N VAL C 80 -55.43 22.01 17.99
CA VAL C 80 -54.84 23.15 18.70
C VAL C 80 -53.84 22.68 19.75
N ILE C 81 -52.74 23.41 19.91
CA ILE C 81 -51.75 23.11 20.95
C ILE C 81 -51.57 24.26 21.93
N ARG C 82 -51.72 23.99 23.22
CA ARG C 82 -51.82 25.06 24.21
C ARG C 82 -51.26 24.72 25.56
N LEU C 83 -50.75 25.74 26.24
CA LEU C 83 -50.54 25.66 27.67
C LEU C 83 -51.75 26.24 28.41
N ALA C 84 -52.28 25.47 29.38
CA ALA C 84 -53.48 25.83 30.13
C ALA C 84 -53.40 25.25 31.52
N GLU C 85 -54.25 25.78 32.41
CA GLU C 85 -54.38 25.29 33.77
C GLU C 85 -55.26 24.05 33.85
N SER C 86 -56.26 24.06 32.99
CA SER C 86 -57.16 22.92 32.82
C SER C 86 -57.57 22.96 31.36
N VAL C 87 -58.04 21.81 30.87
CA VAL C 87 -58.34 21.68 29.47
C VAL C 87 -59.41 22.71 29.09
N ARG C 88 -60.62 22.55 29.65
CA ARG C 88 -61.72 23.45 29.34
C ARG C 88 -61.58 24.64 30.26
N GLY C 89 -60.72 25.58 29.88
CA GLY C 89 -60.41 26.69 30.74
C GLY C 89 -59.62 27.75 30.02
N GLU C 90 -58.84 28.50 30.81
CA GLU C 90 -58.16 29.68 30.29
C GLU C 90 -56.67 29.40 29.96
N ILE C 91 -56.32 29.87 28.76
CA ILE C 91 -55.12 29.51 28.03
C ILE C 91 -53.93 30.32 28.49
N LEU C 92 -52.92 29.65 29.04
CA LEU C 92 -51.67 30.34 29.44
C LEU C 92 -50.85 30.85 28.24
N ARG C 93 -50.67 30.01 27.24
CA ARG C 93 -49.93 30.35 26.01
C ARG C 93 -50.42 29.37 24.95
N THR C 94 -50.64 29.88 23.74
CA THR C 94 -51.03 29.07 22.59
C THR C 94 -49.80 28.77 21.76
N VAL C 95 -49.39 27.49 21.72
CA VAL C 95 -48.28 27.05 20.84
C VAL C 95 -48.72 27.09 19.39
N SER C 96 -49.68 26.24 19.00
CA SER C 96 -50.35 26.33 17.69
C SER C 96 -51.81 26.72 17.81
N GLU C 97 -52.18 27.77 17.08
CA GLU C 97 -53.57 28.26 17.01
C GLU C 97 -54.49 27.30 16.26
N SER C 98 -53.99 26.69 15.17
CA SER C 98 -54.80 25.78 14.34
C SER C 98 -53.92 24.79 13.55
N PHE C 99 -54.56 23.79 12.94
CA PHE C 99 -53.85 22.81 12.11
C PHE C 99 -53.30 23.44 10.83
N ASP C 100 -54.13 24.28 10.18
CA ASP C 100 -53.84 24.88 8.88
C ASP C 100 -52.62 25.76 9.03
N ASP C 101 -52.41 26.22 10.27
CA ASP C 101 -51.32 27.14 10.65
C ASP C 101 -50.09 26.37 11.02
N MET C 102 -50.30 25.12 11.44
CA MET C 102 -49.19 24.26 11.82
C MET C 102 -48.45 23.84 10.56
N VAL C 103 -49.24 23.45 9.56
CA VAL C 103 -48.72 23.15 8.25
C VAL C 103 -48.06 24.41 7.72
N ALA C 104 -48.75 25.56 7.81
CA ALA C 104 -48.34 26.84 7.16
C ALA C 104 -46.93 27.26 7.60
N ALA C 105 -46.61 26.88 8.82
CA ALA C 105 -45.34 27.22 9.39
C ALA C 105 -44.14 26.74 8.56
N THR C 106 -44.23 25.56 7.93
CA THR C 106 -43.10 24.98 7.13
C THR C 106 -43.35 24.78 5.61
N GLU C 107 -44.57 25.13 5.18
CA GLU C 107 -44.98 25.00 3.80
C GLU C 107 -44.08 25.65 2.76
N PRO C 108 -43.37 26.74 3.10
CA PRO C 108 -42.41 27.21 2.11
C PRO C 108 -41.12 26.41 2.01
N CYS C 109 -40.89 25.45 2.91
CA CYS C 109 -39.66 24.58 2.75
C CYS C 109 -39.96 23.14 2.42
N THR C 110 -41.24 22.84 2.28
CA THR C 110 -41.61 21.49 1.89
C THR C 110 -43.04 21.42 1.33
N PRO C 111 -43.25 20.53 0.34
CA PRO C 111 -44.56 20.25 -0.25
C PRO C 111 -45.32 19.27 0.65
N ALA C 112 -44.60 18.46 1.42
CA ALA C 112 -45.25 17.56 2.37
C ALA C 112 -45.93 18.39 3.45
N GLY C 113 -46.87 17.83 4.18
CA GLY C 113 -47.38 18.62 5.27
C GLY C 113 -47.29 17.76 6.52
N TRP C 114 -48.36 17.78 7.28
CA TRP C 114 -48.48 16.95 8.42
C TRP C 114 -49.55 15.92 8.11
N ALA C 115 -49.38 14.75 8.72
CA ALA C 115 -50.47 13.80 8.90
C ALA C 115 -50.59 13.58 10.41
N MET C 116 -51.72 13.01 10.83
CA MET C 116 -52.01 12.96 12.28
C MET C 116 -52.55 11.62 12.75
N LEU C 117 -52.13 10.53 12.11
CA LEU C 117 -52.55 9.22 12.62
C LEU C 117 -51.81 8.89 13.92
N SER C 118 -52.46 8.16 14.79
CA SER C 118 -51.77 7.53 15.88
C SER C 118 -50.92 6.33 15.34
N GLN C 119 -49.98 5.87 16.16
CA GLN C 119 -49.12 4.73 15.83
C GLN C 119 -49.86 3.47 15.37
N ASP C 120 -51.00 3.16 16.01
CA ASP C 120 -51.79 2.01 15.68
C ASP C 120 -52.50 2.10 14.32
N LYS C 121 -52.57 3.31 13.74
CA LYS C 121 -53.07 3.40 12.37
C LYS C 121 -51.91 3.42 11.34
N LEU C 122 -50.77 3.98 11.75
CA LEU C 122 -49.64 4.07 10.86
C LEU C 122 -48.93 2.72 10.68
N GLU C 123 -48.79 1.95 11.76
CA GLU C 123 -48.03 0.67 11.64
C GLU C 123 -48.73 -0.35 10.69
N PRO C 124 -50.08 -0.45 10.72
CA PRO C 124 -50.72 -1.33 9.71
C PRO C 124 -50.40 -0.91 8.27
N ILE C 125 -50.33 0.39 8.01
CA ILE C 125 -49.98 0.83 6.66
C ILE C 125 -48.55 0.43 6.20
N LEU C 126 -47.55 0.67 7.06
CA LEU C 126 -46.20 0.22 6.80
C LEU C 126 -46.24 -1.27 6.67
N LEU C 127 -46.78 -1.97 7.65
CA LEU C 127 -46.69 -3.44 7.52
C LEU C 127 -47.28 -3.94 6.22
N ALA C 128 -48.42 -3.37 5.82
CA ALA C 128 -49.10 -3.77 4.56
C ALA C 128 -48.28 -3.50 3.29
N GLN C 129 -47.45 -2.47 3.31
CA GLN C 129 -46.77 -2.05 2.14
C GLN C 129 -45.49 -2.86 2.00
N ALA C 130 -44.90 -3.17 3.17
CA ALA C 130 -43.82 -4.12 3.31
C ALA C 130 -44.22 -5.45 2.74
N ARG C 131 -45.45 -5.87 2.98
CA ARG C 131 -45.78 -7.24 2.59
C ARG C 131 -46.04 -7.30 1.11
N LYS C 132 -46.60 -6.22 0.59
CA LYS C 132 -46.92 -6.12 -0.82
C LYS C 132 -45.61 -6.16 -1.60
N HIS C 133 -44.54 -5.63 -1.01
CA HIS C 133 -43.24 -5.69 -1.69
C HIS C 133 -42.35 -6.88 -1.38
N GLY C 134 -42.96 -7.85 -0.70
CA GLY C 134 -42.40 -9.17 -0.49
C GLY C 134 -41.74 -9.39 0.87
N GLY C 135 -41.96 -8.48 1.81
CA GLY C 135 -41.48 -8.64 3.19
C GLY C 135 -42.42 -9.51 4.01
N ALA C 136 -41.92 -9.96 5.15
CA ALA C 136 -42.63 -10.96 5.89
C ALA C 136 -42.53 -10.65 7.35
N ILE C 137 -43.51 -11.10 8.12
CA ILE C 137 -43.51 -10.85 9.53
C ILE C 137 -43.78 -12.12 10.33
N ARG C 138 -43.18 -12.24 11.50
CA ARG C 138 -43.56 -13.38 12.35
C ARG C 138 -43.83 -12.96 13.77
N PHE C 139 -45.10 -12.99 14.14
CA PHE C 139 -45.50 -12.55 15.47
C PHE C 139 -45.25 -13.65 16.48
N GLY C 140 -45.22 -13.33 17.76
CA GLY C 140 -45.11 -14.36 18.83
C GLY C 140 -43.71 -14.95 18.81
N THR C 141 -42.78 -14.19 18.27
CA THR C 141 -41.45 -14.68 18.00
C THR C 141 -40.40 -13.82 18.68
N ARG C 142 -39.60 -14.47 19.50
CA ARG C 142 -38.69 -13.69 20.31
C ARG C 142 -37.23 -14.04 20.05
N LEU C 143 -36.39 -13.01 19.91
CA LEU C 143 -34.96 -13.18 19.72
C LEU C 143 -34.28 -13.59 21.04
N LEU C 144 -33.61 -14.73 21.05
CA LEU C 144 -32.91 -15.15 22.25
C LEU C 144 -31.48 -14.67 22.30
N SER C 145 -30.73 -14.93 21.23
CA SER C 145 -29.36 -14.46 21.08
C SER C 145 -28.91 -14.56 19.62
N PHE C 146 -27.68 -14.11 19.35
CA PHE C 146 -27.13 -14.12 17.99
C PHE C 146 -25.62 -14.19 18.01
N ARG C 147 -25.06 -14.83 16.99
CA ARG C 147 -23.61 -14.93 16.78
CA ARG C 147 -23.61 -14.91 16.77
C ARG C 147 -23.27 -14.21 15.48
N GLN C 148 -22.07 -13.69 15.37
CA GLN C 148 -21.70 -13.03 14.12
C GLN C 148 -20.63 -13.82 13.44
N HIS C 149 -20.54 -13.66 12.11
CA HIS C 149 -19.62 -14.42 11.26
C HIS C 149 -18.84 -13.48 10.31
N ASP C 150 -17.50 -13.48 10.44
CA ASP C 150 -16.61 -12.60 9.64
C ASP C 150 -16.76 -13.02 8.21
N ASP C 151 -16.35 -12.17 7.28
CA ASP C 151 -16.52 -12.46 5.84
C ASP C 151 -16.00 -13.80 5.33
N ASP C 152 -14.77 -14.16 5.68
CA ASP C 152 -14.23 -15.45 5.27
C ASP C 152 -15.19 -16.62 5.53
N ALA C 153 -15.84 -16.60 6.70
CA ALA C 153 -16.75 -17.65 7.15
C ALA C 153 -18.26 -17.36 6.84
N GLY C 154 -18.55 -16.19 6.25
CA GLY C 154 -19.93 -15.77 5.88
C GLY C 154 -19.92 -14.82 4.68
N ALA C 155 -20.18 -13.54 4.92
CA ALA C 155 -20.42 -12.97 6.25
C ALA C 155 -21.88 -13.11 6.60
N GLY C 156 -22.23 -12.90 7.88
CA GLY C 156 -23.59 -13.07 8.32
C GLY C 156 -23.81 -12.91 9.80
N VAL C 157 -25.05 -13.17 10.21
CA VAL C 157 -25.43 -13.17 11.61
C VAL C 157 -26.29 -14.40 11.74
N THR C 158 -26.10 -15.21 12.77
CA THR C 158 -27.03 -16.28 13.00
C THR C 158 -27.75 -15.85 14.25
N ALA C 159 -29.07 -15.98 14.24
CA ALA C 159 -29.88 -15.54 15.33
C ALA C 159 -30.69 -16.71 15.84
N ARG C 160 -30.95 -16.67 17.13
CA ARG C 160 -31.75 -17.69 17.73
C ARG C 160 -33.08 -17.11 18.15
N LEU C 161 -34.16 -17.77 17.75
CA LEU C 161 -35.49 -17.25 18.02
C LEU C 161 -36.33 -18.18 18.83
N ALA C 162 -37.28 -17.61 19.54
CA ALA C 162 -38.26 -18.38 20.30
C ALA C 162 -39.60 -18.10 19.69
N GLY C 163 -40.05 -19.01 18.82
CA GLY C 163 -41.41 -18.97 18.29
C GLY C 163 -42.30 -19.93 19.06
N PRO C 164 -43.53 -20.13 18.56
CA PRO C 164 -44.56 -20.94 19.19
C PRO C 164 -44.21 -22.43 19.17
N ASP C 165 -43.48 -22.87 18.16
CA ASP C 165 -43.15 -24.27 18.10
C ASP C 165 -41.82 -24.46 18.85
N GLY C 166 -41.41 -23.44 19.61
CA GLY C 166 -40.11 -23.43 20.29
C GLY C 166 -38.95 -22.81 19.53
N GLU C 167 -37.72 -23.31 19.75
CA GLU C 167 -36.51 -22.61 19.33
C GLU C 167 -35.96 -23.00 17.95
N TYR C 168 -35.38 -22.03 17.26
CA TYR C 168 -34.70 -22.28 15.99
C TYR C 168 -33.73 -21.15 15.62
N ASP C 169 -32.84 -21.49 14.70
CA ASP C 169 -31.79 -20.60 14.21
C ASP C 169 -32.13 -20.10 12.83
N LEU C 170 -31.79 -18.83 12.60
CA LEU C 170 -32.00 -18.13 11.33
C LEU C 170 -30.71 -17.38 10.98
N ARG C 171 -30.29 -17.52 9.71
CA ARG C 171 -29.10 -16.83 9.18
C ARG C 171 -29.51 -15.62 8.36
N ALA C 172 -29.11 -14.45 8.81
CA ALA C 172 -29.36 -13.24 8.06
C ALA C 172 -28.02 -12.67 7.64
N GLY C 173 -28.02 -11.89 6.56
CA GLY C 173 -26.88 -11.06 6.18
C GLY C 173 -26.70 -9.89 7.14
N TYR C 174 -27.80 -9.39 7.74
CA TYR C 174 -27.75 -8.28 8.69
C TYR C 174 -28.81 -8.45 9.75
N LEU C 175 -28.60 -7.84 10.91
CA LEU C 175 -29.59 -7.86 11.99
C LEU C 175 -29.80 -6.44 12.42
N VAL C 176 -31.05 -6.02 12.45
CA VAL C 176 -31.39 -4.69 12.89
C VAL C 176 -32.12 -4.81 14.21
N GLY C 177 -31.67 -4.04 15.18
CA GLY C 177 -32.24 -4.13 16.50
C GLY C 177 -33.20 -2.96 16.59
N ALA C 178 -34.47 -3.23 16.27
CA ALA C 178 -35.52 -2.23 16.39
C ALA C 178 -36.39 -2.63 17.59
N ASP C 179 -35.72 -3.17 18.59
CA ASP C 179 -36.35 -3.84 19.72
C ASP C 179 -36.54 -2.91 20.94
N GLY C 180 -36.56 -1.61 20.72
CA GLY C 180 -37.02 -0.67 21.77
C GLY C 180 -35.95 -0.21 22.76
N ASN C 181 -36.41 0.59 23.72
CA ASN C 181 -35.58 1.22 24.74
CA ASN C 181 -35.56 1.22 24.75
C ASN C 181 -34.72 0.24 25.54
N ARG C 182 -35.37 -0.85 26.02
CA ARG C 182 -34.66 -1.88 26.77
C ARG C 182 -34.19 -2.90 25.77
N SER C 183 -33.38 -2.46 24.82
CA SER C 183 -33.03 -3.28 23.67
C SER C 183 -32.16 -4.51 23.99
N LEU C 184 -32.73 -5.71 23.87
CA LEU C 184 -31.96 -6.94 23.99
C LEU C 184 -30.73 -6.79 23.10
N VAL C 185 -30.93 -6.29 21.86
CA VAL C 185 -29.79 -6.19 20.96
C VAL C 185 -28.65 -5.32 21.50
N ARG C 186 -28.91 -4.02 21.73
CA ARG C 186 -27.90 -3.09 22.22
C ARG C 186 -27.22 -3.59 23.49
N GLU C 187 -28.04 -4.11 24.41
CA GLU C 187 -27.57 -4.54 25.70
C GLU C 187 -26.74 -5.82 25.58
N SER C 188 -27.07 -6.66 24.61
CA SER C 188 -26.25 -7.86 24.35
C SER C 188 -24.85 -7.59 23.82
N LEU C 189 -24.68 -6.45 23.13
CA LEU C 189 -23.42 -6.12 22.47
C LEU C 189 -22.55 -5.34 23.45
N GLY C 190 -23.09 -5.08 24.64
CA GLY C 190 -22.50 -4.21 25.67
C GLY C 190 -22.35 -2.71 25.37
N ILE C 191 -23.19 -2.17 24.50
CA ILE C 191 -23.05 -0.76 24.12
C ILE C 191 -23.68 0.16 25.16
N GLY C 192 -22.93 1.16 25.60
CA GLY C 192 -23.44 2.13 26.57
C GLY C 192 -24.23 3.26 25.90
N ARG C 193 -25.07 3.92 26.69
CA ARG C 193 -25.73 5.12 26.19
C ARG C 193 -25.12 6.31 26.88
N TYR C 194 -25.33 7.49 26.30
CA TYR C 194 -24.96 8.73 26.94
C TYR C 194 -26.13 9.76 26.91
N GLY C 195 -25.98 10.85 27.67
CA GLY C 195 -26.91 12.01 27.60
C GLY C 195 -27.49 12.35 28.95
N HIS C 196 -28.50 13.20 28.98
CA HIS C 196 -29.05 13.70 30.27
C HIS C 196 -29.55 12.58 31.18
N GLY C 197 -29.95 11.44 30.59
CA GLY C 197 -30.55 10.31 31.38
C GLY C 197 -31.98 10.58 31.81
N THR C 198 -32.41 9.98 32.93
CA THR C 198 -33.78 10.20 33.44
C THR C 198 -34.18 11.68 33.42
N LEU C 199 -35.37 11.96 32.89
CA LEU C 199 -35.92 13.31 32.87
C LEU C 199 -37.03 13.49 33.89
N THR C 200 -38.07 12.68 33.83
CA THR C 200 -39.22 12.87 34.69
C THR C 200 -39.99 11.60 34.55
N HIS C 201 -40.93 11.38 35.46
CA HIS C 201 -41.76 10.20 35.39
C HIS C 201 -43.18 10.69 35.30
N MET C 202 -44.05 9.87 34.72
CA MET C 202 -45.39 10.28 34.37
C MET C 202 -46.24 9.04 34.25
N VAL C 203 -47.56 9.20 34.41
CA VAL C 203 -48.46 8.07 34.32
C VAL C 203 -49.47 8.39 33.22
N GLY C 204 -49.49 7.54 32.19
CA GLY C 204 -50.42 7.68 31.10
C GLY C 204 -51.71 6.93 31.40
N VAL C 205 -52.82 7.58 31.07
CA VAL C 205 -54.13 6.98 31.22
C VAL C 205 -54.85 7.23 29.91
N ILE C 206 -55.24 6.13 29.25
CA ILE C 206 -56.09 6.17 28.10
C ILE C 206 -57.44 5.92 28.73
N PHE C 207 -58.42 6.79 28.46
CA PHE C 207 -59.73 6.63 29.00
C PHE C 207 -60.83 6.95 27.97
N ASP C 208 -62.05 6.45 28.17
CA ASP C 208 -63.23 6.82 27.36
C ASP C 208 -64.18 7.71 28.16
N ALA C 209 -64.78 8.65 27.43
CA ALA C 209 -65.73 9.57 28.01
C ALA C 209 -66.21 10.45 26.91
N ASP C 210 -67.52 10.68 26.90
CA ASP C 210 -68.12 11.65 25.99
C ASP C 210 -67.97 13.07 26.53
N LEU C 211 -67.06 13.82 25.95
CA LEU C 211 -66.79 15.17 26.39
C LEU C 211 -67.62 16.17 25.59
N SER C 212 -68.52 15.66 24.74
CA SER C 212 -69.37 16.49 23.88
C SER C 212 -69.99 17.61 24.70
N GLY C 213 -70.20 17.33 26.00
CA GLY C 213 -70.88 18.26 26.91
C GLY C 213 -69.96 19.35 27.39
N ILE C 214 -68.72 19.00 27.74
CA ILE C 214 -67.84 19.96 28.44
C ILE C 214 -66.65 20.56 27.69
N MET C 215 -66.61 20.38 26.37
CA MET C 215 -65.53 20.91 25.58
C MET C 215 -66.20 21.59 24.42
N GLU C 216 -65.83 22.85 24.20
CA GLU C 216 -66.44 23.69 23.14
C GLU C 216 -66.15 23.10 21.76
N PRO C 217 -67.04 23.32 20.78
CA PRO C 217 -66.72 22.83 19.44
C PRO C 217 -65.33 23.30 18.96
N GLY C 218 -64.77 22.55 17.99
CA GLY C 218 -63.41 22.74 17.48
C GLY C 218 -62.32 23.00 18.51
N THR C 219 -62.33 22.28 19.63
CA THR C 219 -61.33 22.56 20.66
C THR C 219 -60.30 21.38 20.88
N THR C 220 -60.26 20.47 19.91
CA THR C 220 -59.44 19.28 19.95
C THR C 220 -57.98 19.67 19.77
N GLY C 221 -57.09 18.98 20.47
CA GLY C 221 -55.70 19.32 20.41
C GLY C 221 -55.00 18.88 21.66
N TRP C 222 -53.72 19.20 21.72
CA TRP C 222 -52.80 18.72 22.73
C TRP C 222 -52.57 19.84 23.75
N TYR C 223 -52.74 19.47 25.01
CA TYR C 223 -52.75 20.41 26.14
C TYR C 223 -51.64 20.10 27.11
N TYR C 224 -50.82 21.11 27.42
CA TYR C 224 -49.87 21.03 28.52
C TYR C 224 -50.50 21.67 29.75
N LEU C 225 -50.74 20.82 30.76
CA LEU C 225 -51.52 21.18 31.93
C LEU C 225 -50.68 21.65 33.08
N HIS C 226 -50.80 22.94 33.40
CA HIS C 226 -50.20 23.50 34.61
C HIS C 226 -51.29 23.85 35.63
N HIS C 227 -51.55 22.84 36.43
CA HIS C 227 -52.67 22.82 37.33
C HIS C 227 -52.18 23.05 38.75
N PRO C 228 -52.99 23.75 39.56
CA PRO C 228 -52.55 23.85 40.97
C PRO C 228 -52.14 22.49 41.53
N GLU C 229 -52.89 21.44 41.22
CA GLU C 229 -52.65 20.16 41.83
C GLU C 229 -51.57 19.28 41.19
N PHE C 230 -51.40 19.36 39.87
CA PHE C 230 -50.55 18.38 39.15
C PHE C 230 -50.00 18.96 37.87
N LYS C 231 -48.92 18.34 37.39
CA LYS C 231 -48.37 18.66 36.08
C LYS C 231 -48.66 17.53 35.09
N GLY C 232 -49.06 17.90 33.87
CA GLY C 232 -49.46 16.91 32.87
C GLY C 232 -49.75 17.35 31.46
N THR C 233 -50.31 16.45 30.68
CA THR C 233 -50.64 16.72 29.27
C THR C 233 -51.93 15.97 28.94
N PHE C 234 -52.61 16.38 27.87
CA PHE C 234 -53.88 15.80 27.57
C PHE C 234 -54.06 15.80 26.07
N GLY C 235 -54.51 14.68 25.51
CA GLY C 235 -54.66 14.57 24.08
C GLY C 235 -55.85 13.79 23.56
N PRO C 236 -56.10 13.95 22.27
CA PRO C 236 -57.14 13.25 21.55
C PRO C 236 -56.63 11.92 21.03
N THR C 237 -57.53 11.10 20.51
CA THR C 237 -57.20 9.96 19.67
C THR C 237 -58.14 10.04 18.47
N ASP C 238 -58.08 9.05 17.58
CA ASP C 238 -58.92 9.03 16.36
C ASP C 238 -60.40 8.65 16.60
N ARG C 239 -60.75 8.24 17.82
CA ARG C 239 -62.16 8.03 18.22
C ARG C 239 -62.61 9.24 19.00
N PRO C 240 -63.73 9.86 18.59
CA PRO C 240 -64.12 11.08 19.33
C PRO C 240 -64.42 10.86 20.82
N ASP C 241 -64.45 9.61 21.28
CA ASP C 241 -64.85 9.30 22.68
C ASP C 241 -63.63 8.82 23.50
N ARG C 242 -62.46 8.84 22.87
CA ARG C 242 -61.24 8.27 23.52
C ARG C 242 -60.14 9.29 23.64
N HIS C 243 -59.56 9.41 24.84
CA HIS C 243 -58.59 10.47 25.17
C HIS C 243 -57.40 9.96 26.01
N THR C 244 -56.31 10.73 26.02
CA THR C 244 -55.18 10.34 26.85
C THR C 244 -54.87 11.40 27.89
N LEU C 245 -54.33 10.98 29.01
CA LEU C 245 -53.92 11.95 30.02
C LEU C 245 -52.65 11.49 30.69
N PHE C 246 -51.69 12.39 30.82
CA PHE C 246 -50.43 12.06 31.50
C PHE C 246 -50.24 13.00 32.67
N VAL C 247 -49.78 12.47 33.80
CA VAL C 247 -49.68 13.25 35.03
C VAL C 247 -48.33 12.94 35.60
N GLU C 248 -47.57 14.00 35.86
CA GLU C 248 -46.19 13.93 36.33
C GLU C 248 -46.19 13.53 37.76
N TYR C 249 -45.17 12.81 38.18
CA TYR C 249 -45.06 12.45 39.60
C TYR C 249 -43.63 12.29 40.02
N ASP C 250 -43.35 12.52 41.30
CA ASP C 250 -41.98 12.51 41.82
C ASP C 250 -41.74 11.22 42.61
N PRO C 251 -40.80 10.38 42.14
CA PRO C 251 -40.46 9.23 42.97
C PRO C 251 -39.62 9.63 44.18
N ASP C 252 -38.84 10.70 44.06
CA ASP C 252 -37.96 11.12 45.17
C ASP C 252 -38.75 11.68 46.33
N GLU C 253 -39.97 12.11 46.02
CA GLU C 253 -40.93 12.58 47.04
C GLU C 253 -41.81 11.41 47.55
N GLY C 254 -41.59 10.20 47.07
CA GLY C 254 -42.26 9.01 47.63
C GLY C 254 -43.42 8.49 46.81
N GLU C 255 -43.71 9.16 45.69
CA GLU C 255 -44.85 8.82 44.82
C GLU C 255 -44.52 7.70 43.86
N ARG C 256 -45.49 6.80 43.65
CA ARG C 256 -45.28 5.61 42.79
C ARG C 256 -46.43 5.35 41.78
N PRO C 257 -46.15 4.57 40.71
CA PRO C 257 -47.28 4.30 39.79
C PRO C 257 -48.45 3.59 40.49
N GLU C 258 -48.13 2.72 41.46
CA GLU C 258 -49.13 1.99 42.26
C GLU C 258 -50.21 2.90 42.90
N ASP C 259 -49.86 4.16 43.24
CA ASP C 259 -50.87 5.01 43.88
C ASP C 259 -51.81 5.78 42.92
N PHE C 260 -51.61 5.53 41.62
CA PHE C 260 -52.56 5.93 40.57
C PHE C 260 -53.58 4.82 40.35
N THR C 261 -54.44 4.70 41.36
CA THR C 261 -55.57 3.80 41.37
C THR C 261 -56.61 4.32 40.37
N PRO C 262 -57.54 3.46 39.96
CA PRO C 262 -58.64 3.90 39.10
C PRO C 262 -59.24 5.18 39.65
N GLN C 263 -59.23 5.25 40.97
CA GLN C 263 -59.79 6.32 41.74
C GLN C 263 -59.13 7.65 41.49
N ARG C 264 -57.86 7.70 41.89
CA ARG C 264 -57.02 8.85 41.68
C ARG C 264 -57.14 9.27 40.21
N CYS C 265 -57.10 8.28 39.32
CA CYS C 265 -57.17 8.54 37.88
C CYS C 265 -58.44 9.29 37.49
N VAL C 266 -59.61 8.75 37.84
CA VAL C 266 -60.85 9.40 37.51
C VAL C 266 -60.87 10.80 38.16
N GLU C 267 -60.28 10.88 39.35
CA GLU C 267 -60.22 12.16 40.06
C GLU C 267 -59.35 13.21 39.31
N LEU C 268 -58.10 12.81 38.96
CA LEU C 268 -57.24 13.67 38.10
C LEU C 268 -57.89 14.07 36.76
N ILE C 269 -58.57 13.12 36.11
CA ILE C 269 -59.32 13.39 34.89
C ILE C 269 -60.42 14.45 35.12
N GLY C 270 -61.07 14.40 36.31
CA GLY C 270 -62.08 15.41 36.71
C GLY C 270 -61.42 16.77 36.88
N LEU C 271 -60.23 16.78 37.47
CA LEU C 271 -59.46 18.01 37.67
C LEU C 271 -58.90 18.55 36.37
N ALA C 272 -58.39 17.67 35.49
CA ALA C 272 -57.84 18.12 34.19
C ALA C 272 -58.92 18.76 33.35
N LEU C 273 -60.14 18.24 33.46
CA LEU C 273 -61.21 18.70 32.63
C LEU C 273 -62.05 19.76 33.32
N ASP C 274 -61.91 19.94 34.63
CA ASP C 274 -62.77 20.88 35.38
C ASP C 274 -64.25 20.63 35.09
N ALA C 275 -64.61 19.35 35.07
CA ALA C 275 -65.97 18.89 34.95
C ALA C 275 -66.06 17.61 35.79
N PRO C 276 -66.89 17.64 36.86
CA PRO C 276 -67.21 16.40 37.60
C PRO C 276 -68.49 15.68 37.16
N GLU C 277 -69.11 16.10 36.04
CA GLU C 277 -70.14 15.22 35.41
C GLU C 277 -69.51 14.00 34.73
N VAL C 278 -68.18 13.88 34.80
CA VAL C 278 -67.45 12.82 34.10
C VAL C 278 -67.42 11.49 34.82
N LYS C 279 -67.88 10.47 34.13
CA LYS C 279 -67.59 9.12 34.54
C LYS C 279 -66.77 8.50 33.39
N PRO C 280 -65.44 8.45 33.56
CA PRO C 280 -64.60 7.82 32.53
C PRO C 280 -64.58 6.31 32.65
N GLU C 281 -64.20 5.66 31.57
CA GLU C 281 -63.90 4.25 31.65
C GLU C 281 -62.44 4.22 31.30
N LEU C 282 -61.67 3.68 32.24
CA LEU C 282 -60.24 3.65 32.11
C LEU C 282 -59.80 2.43 31.33
N VAL C 283 -59.05 2.68 30.26
CA VAL C 283 -58.56 1.63 29.38
C VAL C 283 -57.24 1.09 29.94
N ASP C 284 -56.32 2.00 30.23
CA ASP C 284 -54.96 1.63 30.61
C ASP C 284 -54.32 2.67 31.52
N ILE C 285 -53.61 2.20 32.55
CA ILE C 285 -52.89 3.08 33.47
C ILE C 285 -51.44 2.62 33.52
N GLN C 286 -50.56 3.30 32.82
CA GLN C 286 -49.19 2.84 32.72
C GLN C 286 -48.23 3.94 33.16
N GLY C 287 -47.20 3.51 33.90
CA GLY C 287 -46.15 4.39 34.36
C GLY C 287 -45.07 4.38 33.32
N TRP C 288 -44.45 5.54 33.12
CA TRP C 288 -43.45 5.77 32.09
C TRP C 288 -42.38 6.64 32.70
N GLU C 289 -41.13 6.25 32.48
CA GLU C 289 -40.01 7.08 32.88
C GLU C 289 -39.50 7.69 31.60
N MET C 290 -39.61 9.01 31.48
CA MET C 290 -39.05 9.68 30.34
C MET C 290 -37.57 9.98 30.53
N ALA C 291 -36.85 9.99 29.42
CA ALA C 291 -35.38 10.06 29.48
C ALA C 291 -34.83 10.52 28.18
N ALA C 292 -33.54 10.82 28.21
CA ALA C 292 -32.78 11.05 27.03
C ALA C 292 -31.56 10.13 27.08
N ARG C 293 -31.51 9.19 26.14
CA ARG C 293 -30.37 8.26 26.05
C ARG C 293 -29.97 7.94 24.60
N ILE C 294 -28.68 8.02 24.29
CA ILE C 294 -28.21 7.72 22.92
C ILE C 294 -27.14 6.61 22.91
N ALA C 295 -27.36 5.59 22.10
CA ALA C 295 -26.37 4.52 22.01
C ALA C 295 -25.10 5.18 21.51
N GLU C 296 -23.98 4.71 22.09
CA GLU C 296 -22.64 5.19 21.76
C GLU C 296 -22.27 4.74 20.39
N ARG C 297 -22.95 3.70 19.89
CA ARG C 297 -22.64 3.03 18.62
C ARG C 297 -23.93 2.54 18.08
N TRP C 298 -24.09 2.64 16.79
CA TRP C 298 -25.32 2.29 16.12
C TRP C 298 -25.12 1.07 15.26
N ARG C 299 -23.98 0.42 15.45
CA ARG C 299 -23.52 -0.64 14.62
C ARG C 299 -22.29 -1.38 15.21
N GLU C 300 -22.33 -2.71 15.14
CA GLU C 300 -21.21 -3.58 15.39
C GLU C 300 -21.24 -4.66 14.31
N GLY C 301 -20.26 -4.63 13.41
CA GLY C 301 -20.22 -5.57 12.28
C GLY C 301 -21.47 -5.42 11.42
N ARG C 302 -22.40 -6.36 11.56
CA ARG C 302 -23.61 -6.47 10.74
C ARG C 302 -24.88 -6.41 11.57
N VAL C 303 -24.68 -6.02 12.83
CA VAL C 303 -25.78 -5.69 13.72
C VAL C 303 -25.95 -4.15 13.80
N PHE C 304 -27.20 -3.71 13.87
CA PHE C 304 -27.52 -2.26 13.90
C PHE C 304 -28.57 -1.96 14.98
N LEU C 305 -28.48 -0.76 15.53
CA LEU C 305 -29.56 -0.25 16.35
C LEU C 305 -30.25 0.76 15.50
N ALA C 306 -31.56 0.83 15.71
CA ALA C 306 -32.44 1.74 15.01
C ALA C 306 -33.51 2.06 16.01
N GLY C 307 -33.96 3.34 16.04
CA GLY C 307 -35.21 3.72 16.72
C GLY C 307 -34.93 3.95 18.19
N ASP C 308 -35.84 3.55 19.06
CA ASP C 308 -35.63 3.71 20.51
C ASP C 308 -34.38 2.98 21.03
N ALA C 309 -34.06 1.84 20.42
CA ALA C 309 -32.94 1.05 20.83
C ALA C 309 -31.67 1.89 20.74
N ALA C 310 -31.58 2.74 19.71
CA ALA C 310 -30.43 3.62 19.45
C ALA C 310 -30.49 4.93 20.22
N LYS C 311 -31.73 5.37 20.50
CA LYS C 311 -31.94 6.67 21.15
C LYS C 311 -33.38 6.85 21.66
N VAL C 312 -33.46 7.15 22.96
CA VAL C 312 -34.69 7.49 23.60
C VAL C 312 -34.64 8.97 23.81
N THR C 313 -35.71 9.64 23.38
CA THR C 313 -35.89 11.07 23.56
C THR C 313 -37.07 11.27 24.50
N PRO C 314 -37.20 12.48 25.09
CA PRO C 314 -38.48 12.77 25.72
C PRO C 314 -39.56 12.91 24.64
N PRO C 315 -40.79 12.57 24.99
CA PRO C 315 -41.83 12.57 23.99
C PRO C 315 -42.15 14.01 23.60
N THR C 316 -41.69 14.98 24.38
CA THR C 316 -42.05 16.38 24.09
C THR C 316 -41.73 16.84 22.68
N GLY C 317 -42.76 17.17 21.91
CA GLY C 317 -42.61 17.80 20.60
C GLY C 317 -42.85 16.79 19.54
N GLY C 318 -43.40 15.65 19.95
CA GLY C 318 -43.82 14.56 19.05
C GLY C 318 -42.80 14.15 18.04
N MET C 319 -41.66 13.71 18.53
CA MET C 319 -40.61 13.28 17.62
C MET C 319 -40.18 11.84 17.76
N SER C 320 -40.66 11.16 18.79
CA SER C 320 -40.34 9.76 19.04
C SER C 320 -40.52 8.90 17.82
N GLY C 321 -41.74 8.86 17.31
CA GLY C 321 -42.09 8.01 16.16
C GLY C 321 -41.41 8.48 14.90
N ASN C 322 -41.58 9.78 14.63
CA ASN C 322 -40.97 10.40 13.44
C ASN C 322 -39.41 10.08 13.34
N ALA C 323 -38.73 9.89 14.47
CA ALA C 323 -37.24 9.65 14.42
C ALA C 323 -36.90 8.23 14.01
N ALA C 324 -37.66 7.27 14.53
CA ALA C 324 -37.59 5.88 14.17
C ALA C 324 -37.87 5.63 12.66
N VAL C 325 -38.96 6.21 12.17
CA VAL C 325 -39.34 6.07 10.77
C VAL C 325 -38.14 6.47 9.93
N ALA C 326 -37.51 7.58 10.31
CA ALA C 326 -36.39 8.11 9.58
C ALA C 326 -35.09 7.24 9.71
N ASP C 327 -34.79 6.76 10.93
CA ASP C 327 -33.66 5.81 11.09
C ASP C 327 -33.90 4.66 10.13
N GLY C 328 -35.15 4.20 10.08
CA GLY C 328 -35.49 3.12 9.16
C GLY C 328 -35.19 3.47 7.71
N PHE C 329 -35.69 4.60 7.27
CA PHE C 329 -35.44 5.06 5.93
C PHE C 329 -33.92 5.11 5.59
N ASP C 330 -33.13 5.61 6.51
CA ASP C 330 -31.72 5.80 6.24
C ASP C 330 -31.05 4.46 6.14
N LEU C 331 -31.29 3.59 7.12
CA LEU C 331 -30.80 2.23 7.11
C LEU C 331 -31.21 1.47 5.83
N ALA C 332 -32.49 1.50 5.52
CA ALA C 332 -32.99 0.80 4.33
C ALA C 332 -32.26 1.11 3.01
N TRP C 333 -32.12 2.39 2.67
CA TRP C 333 -31.56 2.69 1.34
C TRP C 333 -30.03 2.40 1.22
N LYS C 334 -29.32 2.71 2.31
CA LYS C 334 -27.92 2.29 2.44
C LYS C 334 -27.77 0.75 2.48
N LEU C 335 -28.53 0.03 3.28
CA LEU C 335 -28.45 -1.43 3.18
C LEU C 335 -28.72 -1.95 1.76
N ALA C 336 -29.73 -1.37 1.09
CA ALA C 336 -30.16 -1.87 -0.24
C ALA C 336 -29.01 -1.71 -1.23
N ALA C 337 -28.42 -0.54 -1.25
CA ALA C 337 -27.31 -0.27 -2.17
C ALA C 337 -26.11 -1.24 -1.97
N VAL C 338 -25.73 -1.47 -0.71
CA VAL C 338 -24.66 -2.40 -0.43
C VAL C 338 -25.07 -3.86 -0.79
N LEU C 339 -26.33 -4.22 -0.54
CA LEU C 339 -26.75 -5.59 -0.79
C LEU C 339 -26.87 -5.89 -2.28
N GLN C 340 -27.15 -4.88 -3.07
CA GLN C 340 -27.23 -5.07 -4.52
C GLN C 340 -25.93 -4.87 -5.18
N GLY C 341 -24.90 -4.45 -4.45
CA GLY C 341 -23.59 -4.30 -5.11
C GLY C 341 -23.38 -2.86 -5.64
N GLN C 342 -24.24 -1.93 -5.19
CA GLN C 342 -24.22 -0.56 -5.68
C GLN C 342 -23.25 0.26 -4.85
N ALA C 343 -23.04 -0.20 -3.63
CA ALA C 343 -22.13 0.45 -2.69
C ALA C 343 -21.25 -0.54 -1.93
N GLY C 344 -20.03 -0.08 -1.59
CA GLY C 344 -19.18 -0.82 -0.68
C GLY C 344 -19.63 -0.61 0.74
N ALA C 345 -19.08 -1.44 1.64
CA ALA C 345 -19.49 -1.50 3.02
C ALA C 345 -19.20 -0.24 3.76
N GLY C 346 -18.30 0.55 3.22
CA GLY C 346 -18.01 1.89 3.77
C GLY C 346 -19.27 2.75 3.93
N LEU C 347 -20.27 2.58 3.05
CA LEU C 347 -21.46 3.38 3.09
C LEU C 347 -22.23 3.10 4.39
N LEU C 348 -22.20 1.87 4.85
CA LEU C 348 -22.85 1.54 6.11
C LEU C 348 -22.33 2.30 7.36
N ASP C 349 -21.13 2.87 7.29
CA ASP C 349 -20.66 3.66 8.43
C ASP C 349 -21.38 5.00 8.49
N THR C 350 -21.83 5.52 7.34
CA THR C 350 -22.56 6.78 7.34
C THR C 350 -23.87 6.65 8.13
N TYR C 351 -24.43 5.46 8.24
CA TYR C 351 -25.63 5.35 9.03
C TYR C 351 -25.43 5.97 10.45
N GLU C 352 -24.33 5.58 11.11
CA GLU C 352 -24.04 6.08 12.42
C GLU C 352 -23.77 7.57 12.36
N ASP C 353 -22.77 7.95 11.56
CA ASP C 353 -22.30 9.33 11.56
C ASP C 353 -23.44 10.32 11.37
N GLU C 354 -24.38 9.96 10.49
CA GLU C 354 -25.54 10.81 10.21
C GLU C 354 -26.68 10.68 11.22
N ARG C 355 -27.12 9.46 11.49
CA ARG C 355 -28.29 9.28 12.35
C ARG C 355 -28.02 9.48 13.83
N LYS C 356 -26.77 9.26 14.22
CA LYS C 356 -26.36 9.58 15.57
C LYS C 356 -26.43 11.09 15.87
N VAL C 357 -26.02 11.92 14.92
CA VAL C 357 -26.15 13.35 15.09
C VAL C 357 -27.68 13.69 15.14
N ALA C 358 -28.42 13.25 14.14
CA ALA C 358 -29.89 13.50 14.16
C ALA C 358 -30.52 13.15 15.50
N ALA C 359 -30.08 12.05 16.10
CA ALA C 359 -30.65 11.65 17.38
C ALA C 359 -30.40 12.74 18.39
N GLU C 360 -29.15 13.26 18.40
CA GLU C 360 -28.73 14.40 19.26
C GLU C 360 -29.57 15.65 18.99
N LEU C 361 -29.77 15.97 17.73
CA LEU C 361 -30.62 17.12 17.39
C LEU C 361 -32.04 16.98 17.94
N VAL C 362 -32.60 15.79 17.77
CA VAL C 362 -33.97 15.48 18.24
C VAL C 362 -34.07 15.54 19.76
N VAL C 363 -33.14 14.87 20.43
CA VAL C 363 -33.14 14.89 21.89
C VAL C 363 -33.02 16.32 22.44
N ALA C 364 -32.15 17.14 21.87
CA ALA C 364 -31.95 18.50 22.39
C ALA C 364 -33.22 19.35 22.19
N GLU C 365 -33.91 19.12 21.08
CA GLU C 365 -35.12 19.86 20.80
C GLU C 365 -36.21 19.52 21.85
N ALA C 366 -36.37 18.22 22.10
CA ALA C 366 -37.35 17.72 23.05
C ALA C 366 -37.08 18.23 24.48
N LEU C 367 -35.81 18.19 24.89
CA LEU C 367 -35.48 18.80 26.18
C LEU C 367 -35.86 20.28 26.15
N ALA C 368 -35.41 21.00 25.15
CA ALA C 368 -35.77 22.43 25.06
C ALA C 368 -37.29 22.70 25.05
N ILE C 369 -38.06 21.74 24.53
CA ILE C 369 -39.53 21.86 24.53
C ILE C 369 -40.09 21.53 25.94
N TYR C 370 -39.45 20.55 26.59
CA TYR C 370 -39.91 20.13 27.90
C TYR C 370 -39.82 21.33 28.83
N ALA C 371 -38.75 22.09 28.66
CA ALA C 371 -38.50 23.28 29.48
C ALA C 371 -39.50 24.36 29.16
N GLN C 372 -39.66 24.67 27.88
CA GLN C 372 -40.53 25.79 27.49
C GLN C 372 -42.01 25.56 27.70
N ARG C 373 -42.40 24.29 27.81
CA ARG C 373 -43.84 23.88 27.90
C ARG C 373 -44.27 23.13 29.17
N MET C 374 -43.33 22.60 29.91
CA MET C 374 -43.63 21.74 31.07
C MET C 374 -42.80 22.08 32.30
N ALA C 375 -41.57 22.58 32.09
CA ALA C 375 -40.66 22.99 33.18
C ALA C 375 -39.85 24.26 32.79
N PRO C 376 -40.51 25.46 32.78
CA PRO C 376 -39.81 26.73 32.47
C PRO C 376 -38.63 26.99 33.35
N HIS C 377 -38.61 26.34 34.49
CA HIS C 377 -37.54 26.52 35.43
C HIS C 377 -36.28 25.76 35.08
N MET C 378 -36.33 24.95 34.03
CA MET C 378 -35.19 24.08 33.75
C MET C 378 -34.43 24.63 32.55
N ALA C 379 -34.99 25.67 31.91
CA ALA C 379 -34.44 26.12 30.64
C ALA C 379 -32.93 26.20 30.51
N GLU C 380 -32.20 26.40 31.61
CA GLU C 380 -30.71 26.45 31.54
C GLU C 380 -29.98 25.24 31.99
N VAL C 381 -30.69 24.21 32.38
CA VAL C 381 -30.03 22.94 32.52
C VAL C 381 -29.59 22.54 31.10
N TRP C 382 -30.37 22.91 30.08
CA TRP C 382 -30.01 22.49 28.71
C TRP C 382 -29.89 23.66 27.78
N ASP C 383 -29.12 23.52 26.72
CA ASP C 383 -29.12 24.52 25.65
C ASP C 383 -30.53 24.88 25.20
N LYS C 384 -30.66 26.12 24.80
CA LYS C 384 -31.88 26.64 24.26
C LYS C 384 -32.20 26.00 22.89
N SER C 385 -33.48 25.96 22.54
CA SER C 385 -33.96 25.41 21.26
C SER C 385 -33.25 26.04 20.08
N VAL C 386 -32.98 25.23 19.07
CA VAL C 386 -32.28 25.67 17.89
C VAL C 386 -33.33 26.05 16.82
N GLY C 387 -34.58 25.67 17.09
CA GLY C 387 -35.75 25.92 16.21
C GLY C 387 -36.30 24.58 15.72
N TYR C 388 -37.57 24.35 15.98
CA TYR C 388 -38.24 23.10 15.57
C TYR C 388 -38.05 22.82 14.06
N PRO C 389 -38.30 23.81 13.19
CA PRO C 389 -38.15 23.42 11.79
C PRO C 389 -36.68 23.26 11.36
N GLU C 390 -35.75 24.00 11.97
CA GLU C 390 -34.33 23.78 11.64
C GLU C 390 -33.90 22.40 12.15
N THR C 391 -34.56 21.90 13.19
CA THR C 391 -34.30 20.56 13.67
C THR C 391 -34.91 19.44 12.81
N LEU C 392 -36.10 19.66 12.27
CA LEU C 392 -36.70 18.58 11.49
C LEU C 392 -36.43 18.70 10.00
N LEU C 393 -36.28 19.93 9.52
CA LEU C 393 -36.19 20.17 8.09
C LEU C 393 -34.90 20.89 7.69
N GLY C 394 -34.28 21.67 8.59
CA GLY C 394 -32.99 22.32 8.32
C GLY C 394 -31.72 21.62 8.85
N PHE C 395 -31.85 20.37 9.32
CA PHE C 395 -30.70 19.54 9.75
C PHE C 395 -29.65 19.19 8.68
N ARG C 396 -28.41 19.15 9.11
CA ARG C 396 -27.37 18.82 8.19
C ARG C 396 -26.65 17.55 8.66
N TYR C 397 -26.38 16.66 7.70
CA TYR C 397 -25.52 15.48 7.83
C TYR C 397 -24.07 15.78 7.47
N ARG C 398 -23.13 15.14 8.15
CA ARG C 398 -21.75 14.99 7.63
C ARG C 398 -21.34 13.53 7.71
N SER C 399 -20.71 13.07 6.64
CA SER C 399 -20.14 11.75 6.58
C SER C 399 -19.39 11.58 5.27
N SER C 400 -18.92 10.38 5.04
CA SER C 400 -18.25 10.08 3.78
C SER C 400 -19.21 10.14 2.58
N ALA C 401 -20.50 10.37 2.84
CA ALA C 401 -21.51 10.37 1.78
C ALA C 401 -22.01 11.78 1.62
N VAL C 402 -21.29 12.71 2.22
CA VAL C 402 -21.53 14.15 2.00
C VAL C 402 -20.16 14.79 1.74
N LEU C 403 -20.03 15.34 0.51
CA LEU C 403 -18.85 16.01 0.01
C LEU C 403 -19.00 17.53 0.23
N ALA C 404 -18.72 17.97 1.45
CA ALA C 404 -18.85 19.36 1.81
C ALA C 404 -17.50 20.05 1.62
N THR C 405 -17.54 21.28 1.10
CA THR C 405 -16.33 22.09 0.93
C THR C 405 -15.98 22.91 2.16
N ASP C 406 -16.98 23.58 2.73
CA ASP C 406 -16.79 24.42 3.91
C ASP C 406 -16.64 23.53 5.10
N ASP C 407 -16.35 24.12 6.26
CA ASP C 407 -16.51 23.41 7.51
C ASP C 407 -17.03 24.43 8.50
N ASP C 408 -18.33 24.68 8.37
CA ASP C 408 -19.11 25.43 9.31
C ASP C 408 -19.59 24.35 10.32
N PRO C 409 -19.45 24.59 11.62
CA PRO C 409 -19.78 23.56 12.62
C PRO C 409 -21.30 23.47 12.92
N ALA C 410 -22.05 24.42 12.37
CA ALA C 410 -23.53 24.42 12.47
C ALA C 410 -24.13 23.06 12.04
N ARG C 411 -25.18 22.67 12.76
CA ARG C 411 -25.75 21.37 12.54
C ARG C 411 -27.13 21.47 11.94
N VAL C 412 -27.61 22.72 11.86
CA VAL C 412 -28.86 23.11 11.22
C VAL C 412 -28.71 24.45 10.46
N GLU C 413 -29.60 24.76 9.54
CA GLU C 413 -29.74 26.11 9.00
C GLU C 413 -31.24 26.44 8.99
N ASN C 414 -31.61 27.71 8.85
CA ASN C 414 -33.03 28.05 8.70
C ASN C 414 -33.46 27.36 7.43
N PRO C 415 -34.34 26.35 7.56
CA PRO C 415 -34.73 25.62 6.39
C PRO C 415 -35.47 26.53 5.44
N LEU C 416 -35.95 27.68 5.92
CA LEU C 416 -36.73 28.63 5.10
C LEU C 416 -35.85 29.43 4.16
N THR C 417 -34.60 29.65 4.56
CA THR C 417 -33.63 30.33 3.71
C THR C 417 -32.49 29.32 3.54
N PRO C 418 -32.69 28.30 2.69
CA PRO C 418 -31.70 27.21 2.60
C PRO C 418 -30.43 27.64 1.90
N SER C 419 -29.33 26.92 2.11
CA SER C 419 -28.08 27.21 1.38
C SER C 419 -27.82 26.36 0.12
N GLY C 420 -28.53 25.25 -0.03
CA GLY C 420 -28.11 24.19 -0.95
C GLY C 420 -26.78 23.49 -0.63
N ARG C 421 -26.13 23.77 0.51
CA ARG C 421 -24.83 23.12 0.78
C ARG C 421 -25.05 21.60 0.86
N PRO C 422 -24.07 20.80 0.42
CA PRO C 422 -24.04 19.37 0.77
C PRO C 422 -24.34 19.11 2.23
N GLY C 423 -25.12 18.06 2.47
CA GLY C 423 -25.57 17.75 3.83
C GLY C 423 -27.00 18.13 4.19
N PHE C 424 -27.57 19.11 3.47
CA PHE C 424 -28.94 19.57 3.79
C PHE C 424 -29.95 19.10 2.76
N ARG C 425 -31.22 19.06 3.11
CA ARG C 425 -32.20 18.69 2.10
C ARG C 425 -32.05 19.59 0.89
N GLY C 426 -32.09 18.99 -0.29
CA GLY C 426 -32.27 19.80 -1.50
C GLY C 426 -33.47 20.73 -1.20
N PRO C 427 -33.33 22.02 -1.47
CA PRO C 427 -34.44 22.93 -1.27
C PRO C 427 -35.73 22.61 -2.01
N HIS C 428 -36.83 22.99 -1.37
CA HIS C 428 -38.13 23.01 -1.99
C HIS C 428 -38.21 24.21 -2.90
N VAL C 429 -38.38 23.95 -4.20
CA VAL C 429 -38.64 24.97 -5.15
C VAL C 429 -39.69 24.46 -6.13
N LEU C 430 -40.67 25.30 -6.46
CA LEU C 430 -41.79 24.94 -7.38
C LEU C 430 -41.33 25.03 -8.82
N VAL C 431 -41.60 24.01 -9.61
CA VAL C 431 -41.07 23.91 -10.96
C VAL C 431 -42.13 23.07 -11.61
N SER C 432 -41.96 22.75 -12.91
CA SER C 432 -42.94 21.90 -13.60
C SER C 432 -42.28 21.10 -14.68
N ARG C 433 -42.80 19.89 -14.89
CA ARG C 433 -42.36 19.08 -15.99
C ARG C 433 -43.33 19.18 -17.12
N HIS C 434 -43.00 20.06 -18.06
CA HIS C 434 -43.75 20.09 -19.31
C HIS C 434 -45.21 20.39 -19.00
N GLY C 435 -45.51 20.84 -17.79
CA GLY C 435 -46.87 21.20 -17.45
C GLY C 435 -47.24 20.76 -16.05
N GLU C 436 -46.60 19.70 -15.58
CA GLU C 436 -46.97 19.14 -14.31
C GLU C 436 -46.20 19.90 -13.28
N ARG C 437 -46.93 20.59 -12.42
CA ARG C 437 -46.32 21.45 -11.38
C ARG C 437 -45.98 20.64 -10.11
N LEU C 438 -44.73 20.72 -9.66
CA LEU C 438 -44.21 19.88 -8.58
C LEU C 438 -43.19 20.64 -7.73
N SER C 439 -42.87 20.12 -6.56
CA SER C 439 -41.69 20.53 -5.83
C SER C 439 -40.46 19.76 -6.28
N THR C 440 -39.33 20.48 -6.37
CA THR C 440 -38.00 19.85 -6.56
C THR C 440 -37.86 18.67 -5.58
N VAL C 441 -38.61 18.69 -4.49
CA VAL C 441 -38.55 17.68 -3.43
C VAL C 441 -39.28 16.44 -3.83
N ASP C 442 -40.35 16.58 -4.62
CA ASP C 442 -41.03 15.41 -5.21
C ASP C 442 -40.26 14.74 -6.35
N LEU C 443 -39.11 15.31 -6.73
CA LEU C 443 -38.25 14.67 -7.73
C LEU C 443 -37.34 13.60 -7.10
N PHE C 444 -37.24 13.60 -5.78
CA PHE C 444 -36.25 12.77 -5.09
C PHE C 444 -36.75 11.40 -4.61
N GLY C 445 -35.87 10.41 -4.55
CA GLY C 445 -36.22 9.15 -3.88
C GLY C 445 -36.24 7.87 -4.71
N ASP C 446 -36.27 7.99 -6.04
CA ASP C 446 -36.15 6.76 -6.81
C ASP C 446 -34.77 6.12 -6.64
N GLY C 447 -33.76 6.74 -7.21
CA GLY C 447 -32.39 6.50 -6.82
C GLY C 447 -31.85 7.87 -6.57
N TRP C 448 -30.85 8.25 -7.37
CA TRP C 448 -30.22 9.54 -7.22
C TRP C 448 -30.78 10.52 -8.25
N THR C 449 -30.88 11.77 -7.84
CA THR C 449 -31.33 12.80 -8.75
C THR C 449 -30.19 13.78 -8.92
N LEU C 450 -30.09 14.35 -10.12
CA LEU C 450 -29.09 15.39 -10.41
C LEU C 450 -29.68 16.58 -11.12
N LEU C 451 -29.62 17.74 -10.49
CA LEU C 451 -30.14 18.97 -11.12
C LEU C 451 -29.03 19.75 -11.76
N ALA C 452 -29.18 20.07 -13.03
CA ALA C 452 -28.14 20.78 -13.73
C ALA C 452 -28.57 22.16 -14.00
N GLY C 453 -27.62 23.08 -14.08
CA GLY C 453 -27.90 24.45 -14.50
C GLY C 453 -28.30 24.53 -15.97
N GLU C 454 -28.89 25.65 -16.34
CA GLU C 454 -29.28 25.93 -17.72
C GLU C 454 -28.36 25.38 -18.82
N LEU C 455 -27.06 25.67 -18.68
CA LEU C 455 -26.03 25.37 -19.66
C LEU C 455 -25.44 23.96 -19.45
N GLY C 456 -25.85 23.33 -18.37
CA GLY C 456 -25.30 22.06 -17.95
C GLY C 456 -25.89 20.87 -18.64
N ALA C 457 -25.96 20.87 -19.97
CA ALA C 457 -26.35 19.69 -20.73
C ALA C 457 -25.28 18.57 -20.62
N ASP C 458 -24.01 18.96 -20.48
CA ASP C 458 -22.97 17.94 -20.30
C ASP C 458 -23.27 17.09 -19.09
N TRP C 459 -23.78 17.73 -18.03
CA TRP C 459 -24.10 17.04 -16.77
C TRP C 459 -25.24 16.06 -16.98
N VAL C 460 -26.15 16.42 -17.89
CA VAL C 460 -27.28 15.54 -18.18
C VAL C 460 -26.78 14.30 -18.87
N ALA C 461 -25.98 14.48 -19.92
CA ALA C 461 -25.30 13.35 -20.58
C ALA C 461 -24.47 12.47 -19.60
N ALA C 462 -23.94 13.05 -18.55
CA ALA C 462 -23.07 12.33 -17.60
C ALA C 462 -23.88 11.42 -16.70
N ALA C 463 -25.10 11.86 -16.41
CA ALA C 463 -25.98 11.20 -15.46
C ALA C 463 -26.30 9.84 -16.02
N GLU C 464 -26.43 9.76 -17.34
CA GLU C 464 -26.67 8.47 -17.99
C GLU C 464 -25.42 7.61 -18.15
N ALA C 465 -24.32 8.25 -18.48
CA ALA C 465 -23.05 7.55 -18.60
C ALA C 465 -22.69 6.93 -17.28
N VAL C 466 -22.98 7.63 -16.18
CA VAL C 466 -22.52 7.17 -14.86
C VAL C 466 -23.48 6.14 -14.28
N SER C 467 -24.78 6.26 -14.59
CA SER C 467 -25.74 5.23 -14.13
C SER C 467 -25.33 3.93 -14.74
N ALA C 468 -25.16 3.95 -16.07
CA ALA C 468 -24.76 2.76 -16.81
C ALA C 468 -23.43 2.22 -16.28
N GLU C 469 -22.51 3.11 -15.95
CA GLU C 469 -21.22 2.67 -15.41
C GLU C 469 -21.33 1.92 -14.06
N LEU C 470 -22.01 2.55 -13.10
CA LEU C 470 -22.02 2.04 -11.74
C LEU C 470 -23.21 1.19 -11.40
N GLY C 471 -24.20 1.13 -12.29
CA GLY C 471 -25.45 0.40 -12.03
C GLY C 471 -26.33 1.07 -10.98
N VAL C 472 -26.34 2.40 -10.95
CA VAL C 472 -27.15 3.19 -10.01
C VAL C 472 -28.07 4.15 -10.77
N PRO C 473 -29.36 4.20 -10.42
CA PRO C 473 -30.19 5.17 -11.19
C PRO C 473 -29.87 6.66 -10.91
N VAL C 474 -29.61 7.40 -11.97
CA VAL C 474 -29.38 8.82 -11.86
C VAL C 474 -30.30 9.51 -12.87
N ARG C 475 -31.39 10.04 -12.32
CA ARG C 475 -32.25 10.84 -13.12
C ARG C 475 -31.72 12.29 -13.16
N ALA C 476 -31.61 12.83 -14.35
CA ALA C 476 -31.07 14.14 -14.48
C ALA C 476 -32.13 15.09 -14.97
N TYR C 477 -32.09 16.30 -14.42
CA TYR C 477 -33.04 17.32 -14.80
C TYR C 477 -32.29 18.61 -15.08
N ARG C 478 -32.62 19.25 -16.21
CA ARG C 478 -31.94 20.45 -16.55
C ARG C 478 -32.94 21.61 -16.62
N VAL C 479 -32.64 22.63 -15.81
CA VAL C 479 -33.37 23.91 -15.83
C VAL C 479 -33.56 24.47 -17.25
N GLY C 480 -34.74 25.03 -17.52
CA GLY C 480 -34.96 25.78 -18.75
C GLY C 480 -35.04 24.82 -19.90
N ALA C 481 -34.80 23.54 -19.61
CA ALA C 481 -34.89 22.47 -20.60
C ALA C 481 -36.11 21.63 -20.27
N GLY C 482 -35.89 20.45 -19.67
CA GLY C 482 -37.02 19.55 -19.36
C GLY C 482 -37.65 19.90 -18.02
N LEU C 483 -37.05 20.85 -17.33
CA LEU C 483 -37.60 21.37 -16.10
C LEU C 483 -37.81 22.87 -16.25
N THR C 484 -39.06 23.33 -16.15
CA THR C 484 -39.38 24.73 -16.28
C THR C 484 -39.24 25.48 -14.96
N ASP C 485 -38.47 26.56 -15.00
CA ASP C 485 -38.30 27.39 -13.83
C ASP C 485 -38.85 28.77 -14.22
N PRO C 486 -40.08 29.07 -13.76
CA PRO C 486 -40.78 30.32 -14.10
C PRO C 486 -40.12 31.49 -13.41
N GLU C 487 -39.82 31.33 -12.11
CA GLU C 487 -39.16 32.35 -11.29
C GLU C 487 -37.61 32.39 -11.46
N SER C 488 -37.07 31.36 -12.11
CA SER C 488 -35.61 31.21 -12.26
C SER C 488 -34.89 31.08 -10.91
N ALA C 489 -35.31 30.12 -10.08
CA ALA C 489 -34.86 30.04 -8.68
C ALA C 489 -34.26 28.71 -8.23
N VAL C 490 -34.07 27.76 -9.16
CA VAL C 490 -33.41 26.50 -8.85
C VAL C 490 -31.89 26.69 -8.72
N SER C 491 -31.28 27.31 -9.72
CA SER C 491 -29.84 27.60 -9.71
C SER C 491 -29.46 28.24 -8.39
N GLU C 492 -30.24 29.24 -8.00
CA GLU C 492 -29.87 30.14 -6.94
C GLU C 492 -30.06 29.44 -5.59
N ARG C 493 -31.15 28.69 -5.42
CA ARG C 493 -31.40 28.04 -4.16
C ARG C 493 -30.40 26.85 -3.90
N TYR C 494 -30.08 26.13 -4.98
CA TYR C 494 -29.21 24.96 -4.92
C TYR C 494 -27.78 25.37 -5.01
N GLY C 495 -27.54 26.61 -5.48
CA GLY C 495 -26.20 27.16 -5.64
C GLY C 495 -25.40 26.67 -6.83
N ILE C 496 -26.09 26.25 -7.88
CA ILE C 496 -25.51 25.67 -9.10
C ILE C 496 -25.21 26.64 -10.29
N GLY C 497 -25.55 27.94 -10.16
CA GLY C 497 -25.44 28.94 -11.23
C GLY C 497 -26.10 28.51 -12.56
N LYS C 498 -25.46 28.83 -13.69
CA LYS C 498 -25.88 28.42 -15.01
C LYS C 498 -25.23 27.13 -15.48
N ALA C 499 -24.04 26.82 -14.97
CA ALA C 499 -23.23 25.72 -15.55
C ALA C 499 -22.95 24.58 -14.54
N GLY C 500 -23.30 24.80 -13.27
CA GLY C 500 -23.16 23.79 -12.25
C GLY C 500 -24.19 22.66 -12.23
N ALA C 501 -24.10 21.84 -11.16
CA ALA C 501 -24.98 20.73 -10.89
C ALA C 501 -25.09 20.43 -9.37
N SER C 502 -26.18 19.79 -8.98
CA SER C 502 -26.37 19.38 -7.61
C SER C 502 -26.78 17.89 -7.60
N LEU C 503 -26.13 17.05 -6.80
CA LEU C 503 -26.48 15.64 -6.74
C LEU C 503 -27.15 15.35 -5.42
N VAL C 504 -28.34 14.78 -5.54
CA VAL C 504 -29.22 14.57 -4.42
C VAL C 504 -29.43 13.07 -4.23
N ARG C 505 -29.09 12.66 -3.03
CA ARG C 505 -29.19 11.26 -2.59
C ARG C 505 -30.61 10.70 -2.67
N PRO C 506 -30.78 9.40 -2.39
CA PRO C 506 -32.11 8.73 -2.32
C PRO C 506 -33.00 9.20 -1.18
N ASP C 507 -32.49 9.99 -0.25
CA ASP C 507 -33.24 10.43 0.97
C ASP C 507 -33.48 11.94 0.88
N GLY C 508 -33.07 12.52 -0.23
CA GLY C 508 -33.37 13.89 -0.57
C GLY C 508 -32.34 14.89 -0.06
N ILE C 509 -31.20 14.37 0.37
CA ILE C 509 -30.11 15.17 0.91
C ILE C 509 -29.09 15.43 -0.20
N VAL C 510 -28.49 16.59 -0.18
CA VAL C 510 -27.58 16.98 -1.25
C VAL C 510 -26.25 16.39 -0.87
N ALA C 511 -25.71 15.52 -1.72
CA ALA C 511 -24.40 14.85 -1.50
C ALA C 511 -23.21 15.71 -1.96
N TRP C 512 -23.45 16.59 -2.94
CA TRP C 512 -22.37 17.25 -3.69
C TRP C 512 -22.95 18.32 -4.63
N ARG C 513 -22.22 19.42 -4.80
CA ARG C 513 -22.57 20.39 -5.85
C ARG C 513 -21.37 21.16 -6.46
N THR C 514 -21.62 21.85 -7.59
CA THR C 514 -20.68 22.84 -8.12
C THR C 514 -21.49 23.97 -8.75
N ASP C 515 -20.85 25.15 -8.87
CA ASP C 515 -21.50 26.31 -9.44
C ASP C 515 -20.87 26.73 -10.73
N GLU C 516 -19.95 25.92 -11.23
CA GLU C 516 -19.35 26.14 -12.55
C GLU C 516 -19.27 24.79 -13.26
N ALA C 517 -18.62 24.77 -14.43
CA ALA C 517 -18.56 23.60 -15.28
C ALA C 517 -17.28 22.83 -15.01
N ALA C 518 -17.33 21.49 -15.19
CA ALA C 518 -16.14 20.68 -15.00
C ALA C 518 -15.39 20.60 -16.32
N ALA C 519 -14.10 20.23 -16.28
CA ALA C 519 -13.37 19.91 -17.52
C ALA C 519 -14.00 18.68 -18.21
N ASP C 520 -14.44 17.70 -17.44
CA ASP C 520 -15.02 16.48 -18.00
C ASP C 520 -16.11 16.19 -16.99
N ALA C 521 -17.37 16.31 -17.41
CA ALA C 521 -18.46 16.21 -16.43
C ALA C 521 -18.63 14.76 -15.98
N ALA C 522 -18.39 13.82 -16.89
CA ALA C 522 -18.62 12.38 -16.61
C ALA C 522 -17.58 11.76 -15.67
N GLN C 523 -16.32 12.16 -15.85
CA GLN C 523 -15.24 11.65 -15.03
CA GLN C 523 -15.24 11.66 -15.03
C GLN C 523 -15.35 12.23 -13.61
N THR C 524 -15.75 13.50 -13.49
CA THR C 524 -15.96 14.17 -12.18
C THR C 524 -17.12 13.54 -11.44
N LEU C 525 -18.19 13.30 -12.21
CA LEU C 525 -19.42 12.75 -11.65
C LEU C 525 -19.29 11.31 -11.24
N GLU C 526 -18.44 10.59 -11.96
CA GLU C 526 -18.13 9.21 -11.60
C GLU C 526 -17.23 9.22 -10.35
N GLY C 527 -16.34 10.20 -10.24
CA GLY C 527 -15.46 10.27 -9.06
C GLY C 527 -16.30 10.57 -7.82
N VAL C 528 -17.25 11.48 -7.97
CA VAL C 528 -18.12 11.93 -6.88
C VAL C 528 -18.99 10.80 -6.39
N LEU C 529 -19.61 10.09 -7.36
CA LEU C 529 -20.41 8.91 -7.09
C LEU C 529 -19.64 7.74 -6.52
N ARG C 530 -18.44 7.47 -7.07
CA ARG C 530 -17.55 6.37 -6.56
C ARG C 530 -17.27 6.56 -5.10
N ARG C 531 -16.99 7.80 -4.74
CA ARG C 531 -16.62 8.19 -3.41
C ARG C 531 -17.74 8.01 -2.35
N VAL C 532 -18.92 8.63 -2.57
CA VAL C 532 -19.99 8.55 -1.58
C VAL C 532 -20.55 7.15 -1.48
N LEU C 533 -20.42 6.37 -2.54
CA LEU C 533 -20.95 5.01 -2.55
C LEU C 533 -19.89 3.99 -2.12
N ASP C 534 -18.68 4.50 -1.78
CA ASP C 534 -17.53 3.70 -1.38
C ASP C 534 -17.13 2.65 -2.41
N ARG C 535 -17.13 3.03 -3.70
CA ARG C 535 -16.53 2.22 -4.77
C ARG C 535 -15.30 2.96 -5.27
#